data_9LHE
#
_entry.id   9LHE
#
_cell.length_a   1.00
_cell.length_b   1.00
_cell.length_c   1.00
_cell.angle_alpha   90.00
_cell.angle_beta   90.00
_cell.angle_gamma   90.00
#
_symmetry.space_group_name_H-M   'P 1'
#
loop_
_entity.id
_entity.type
_entity.pdbx_description
1 polymer 'Neuronal acetylcholine receptor subunit alpha-7'
2 branched 2-acetamido-2-deoxy-beta-D-glucopyranose-(1-4)-2-acetamido-2-deoxy-beta-D-glucopyranose
3 non-polymer 2-acetamido-2-deoxy-beta-D-glucopyranose
#
_entity_poly.entity_id   1
_entity_poly.type   'polypeptide(L)'
_entity_poly.pdbx_seq_one_letter_code
;MRCSPGGVWLALAASLLHVSLQGEFQRKLYKELVKNYNPLERPVANDSQPLTVYFSLSLLQIMDVDEKNQVLTTNIWLQM
SWTDHYLQWNVSEYPGVKTVRFPDGQIWKPDILLYNSADERFDATFHTNVLVNSSGHCQYLPPGIFKSSCYIDVRWFPFD
VQHCKLKFGSWSYGGWSLDLQMQEADISGYIPNGEWDLVGIPGKRSERFYECCKEPYPDVTFTVTMRRRTLYYGLNLLIP
CVLISALALLVFLLPADSGEKISLGITVLLSLTVFMLLVAEIMPATSDSVPLIAQYFASTMIIVGLSVVVTVIVLQYHHH
DPDGGKMPKWTRVILLNWCAWFLRMKRPGEDKVRPACQHKQRRCSLASVEMSAVAPPPASNGNLLYIGFRGLDGVHCVPT
PDSGVVCGRMACSPTHDEHLLHGGQPPEGDPDLAKILEEVRYIANRFRCQDESEAVCSEWKFAACVVDRLCLMAFSVFTI
ICTIGILMSAPNFVEAVSKDFAGGDYKDDDDK
;
_entity_poly.pdbx_strand_id   A,B,C,D,E
#
loop_
_chem_comp.id
_chem_comp.type
_chem_comp.name
_chem_comp.formula
NAG D-saccharide, beta linking 2-acetamido-2-deoxy-beta-D-glucopyranose 'C8 H15 N O6'
#
# COMPACT_ATOMS: atom_id res chain seq x y z
N GLY A 23 23.93 30.04 44.15
CA GLY A 23 24.86 30.92 44.83
C GLY A 23 24.42 32.36 44.80
N GLU A 24 24.72 33.09 45.88
CA GLU A 24 24.31 34.49 45.96
C GLU A 24 25.00 35.33 44.89
N PHE A 25 26.22 34.97 44.50
CA PHE A 25 26.92 35.73 43.47
C PHE A 25 26.21 35.63 42.13
N GLN A 26 25.88 34.41 41.69
CA GLN A 26 25.19 34.27 40.42
C GLN A 26 23.77 34.77 40.49
N ARG A 27 23.12 34.67 41.65
CA ARG A 27 21.79 35.27 41.80
C ARG A 27 21.85 36.78 41.61
N LYS A 28 22.83 37.42 42.24
CA LYS A 28 23.00 38.87 42.08
C LYS A 28 23.32 39.22 40.64
N LEU A 29 24.18 38.43 39.99
CA LEU A 29 24.51 38.70 38.59
C LEU A 29 23.29 38.59 37.69
N TYR A 30 22.47 37.56 37.91
CA TYR A 30 21.25 37.41 37.12
C TYR A 30 20.29 38.56 37.36
N LYS A 31 20.17 38.99 38.62
CA LYS A 31 19.31 40.13 38.92
C LYS A 31 19.80 41.40 38.23
N GLU A 32 21.12 41.60 38.20
CA GLU A 32 21.66 42.82 37.62
C GLU A 32 21.61 42.82 36.10
N LEU A 33 21.75 41.64 35.47
CA LEU A 33 21.88 41.59 34.02
C LEU A 33 20.58 41.96 33.32
N VAL A 34 19.44 41.51 33.85
CA VAL A 34 18.17 41.63 33.12
C VAL A 34 17.47 42.93 33.45
N LYS A 35 18.15 43.84 34.16
CA LYS A 35 17.57 45.13 34.49
C LYS A 35 17.59 46.04 33.28
N ASN A 36 16.43 46.62 32.95
CA ASN A 36 16.29 47.54 31.82
C ASN A 36 16.76 46.91 30.52
N TYR A 37 16.46 45.62 30.34
CA TYR A 37 16.85 44.89 29.14
C TYR A 37 15.62 44.67 28.27
N ASN A 38 15.72 45.05 27.00
CA ASN A 38 14.65 44.88 26.03
C ASN A 38 15.04 43.79 25.04
N PRO A 39 14.33 42.67 24.97
CA PRO A 39 14.67 41.63 23.99
C PRO A 39 14.38 42.00 22.54
N LEU A 40 13.81 43.18 22.30
CA LEU A 40 13.49 43.63 20.95
C LEU A 40 14.52 44.60 20.40
N GLU A 41 15.66 44.76 21.07
CA GLU A 41 16.68 45.73 20.70
C GLU A 41 17.93 45.01 20.24
N ARG A 42 18.49 45.47 19.13
CA ARG A 42 19.74 44.90 18.64
C ARG A 42 20.89 45.34 19.52
N PRO A 43 21.61 44.42 20.16
CA PRO A 43 22.67 44.81 21.13
C PRO A 43 23.97 45.26 20.48
N VAL A 44 24.00 46.53 20.08
CA VAL A 44 25.17 47.13 19.46
C VAL A 44 25.49 48.43 20.19
N ALA A 45 26.78 48.78 20.20
CA ALA A 45 27.20 50.01 20.84
C ALA A 45 26.82 51.23 20.00
N ASN A 46 26.98 51.14 18.68
CA ASN A 46 26.63 52.21 17.76
C ASN A 46 25.48 51.75 16.88
N ASP A 47 24.40 52.52 16.86
CA ASP A 47 23.20 52.12 16.15
C ASP A 47 23.37 52.11 14.64
N SER A 48 24.31 52.88 14.11
CA SER A 48 24.50 52.98 12.67
C SER A 48 25.44 51.90 12.13
N GLN A 49 26.01 51.06 12.99
CA GLN A 49 26.90 50.01 12.53
C GLN A 49 26.20 48.65 12.58
N PRO A 50 26.56 47.74 11.68
CA PRO A 50 25.95 46.40 11.68
C PRO A 50 26.52 45.54 12.81
N LEU A 51 25.85 44.41 13.02
CA LEU A 51 26.28 43.42 14.00
C LEU A 51 26.73 42.17 13.26
N THR A 52 27.95 41.71 13.57
CA THR A 52 28.51 40.54 12.89
C THR A 52 27.99 39.27 13.54
N VAL A 53 27.43 38.38 12.71
CA VAL A 53 26.91 37.10 13.16
C VAL A 53 27.56 36.01 12.31
N TYR A 54 28.17 35.02 12.95
CA TYR A 54 28.81 33.92 12.28
C TYR A 54 27.85 32.74 12.20
N PHE A 55 27.72 32.17 11.00
CA PHE A 55 26.82 31.05 10.76
C PHE A 55 27.61 29.85 10.28
N SER A 56 27.18 28.67 10.70
CA SER A 56 27.87 27.43 10.34
C SER A 56 26.87 26.29 10.45
N LEU A 57 27.32 25.08 10.09
CA LEU A 57 26.47 23.91 10.09
C LEU A 57 27.24 22.72 10.66
N SER A 58 26.49 21.73 11.12
CA SER A 58 27.06 20.46 11.60
C SER A 58 26.14 19.34 11.11
N LEU A 59 26.44 18.81 9.93
CA LEU A 59 25.63 17.74 9.37
C LEU A 59 25.80 16.47 10.19
N LEU A 60 24.68 15.83 10.51
CA LEU A 60 24.69 14.64 11.35
C LEU A 60 24.17 13.40 10.65
N GLN A 61 23.06 13.50 9.92
CA GLN A 61 22.47 12.31 9.31
C GLN A 61 21.57 12.73 8.16
N ILE A 62 21.68 12.00 7.05
CA ILE A 62 20.75 12.14 5.93
C ILE A 62 19.70 11.07 6.11
N MET A 63 18.51 11.48 6.56
CA MET A 63 17.48 10.49 6.93
C MET A 63 16.77 9.94 5.70
N ASP A 64 16.12 10.81 4.92
CA ASP A 64 15.31 10.37 3.80
C ASP A 64 15.52 11.30 2.62
N VAL A 65 15.67 10.73 1.44
CA VAL A 65 15.72 11.48 0.19
C VAL A 65 14.47 11.10 -0.59
N ASP A 66 13.44 11.92 -0.50
CA ASP A 66 12.15 11.61 -1.11
C ASP A 66 12.20 11.98 -2.58
N GLU A 67 12.21 10.97 -3.45
CA GLU A 67 12.29 11.22 -4.88
C GLU A 67 10.96 11.73 -5.43
N LYS A 68 9.84 11.16 -4.97
CA LYS A 68 8.54 11.48 -5.56
C LYS A 68 8.13 12.91 -5.26
N ASN A 69 8.20 13.31 -3.99
CA ASN A 69 7.76 14.64 -3.58
C ASN A 69 8.89 15.64 -3.46
N GLN A 70 10.12 15.25 -3.78
CA GLN A 70 11.26 16.16 -3.85
C GLN A 70 11.49 16.88 -2.52
N VAL A 71 11.73 16.08 -1.48
CA VAL A 71 12.00 16.58 -0.14
C VAL A 71 13.18 15.82 0.44
N LEU A 72 14.17 16.56 0.93
CA LEU A 72 15.35 15.99 1.57
C LEU A 72 15.27 16.27 3.07
N THR A 73 15.33 15.20 3.86
CA THR A 73 15.23 15.30 5.31
C THR A 73 16.60 15.01 5.93
N THR A 74 17.10 15.95 6.73
CA THR A 74 18.42 15.85 7.32
C THR A 74 18.35 16.14 8.81
N ASN A 75 19.42 15.77 9.51
CA ASN A 75 19.60 16.10 10.92
C ASN A 75 20.74 17.11 11.01
N ILE A 76 20.43 18.31 11.52
CA ILE A 76 21.33 19.45 11.45
C ILE A 76 21.45 20.10 12.83
N TRP A 77 22.66 20.55 13.17
CA TRP A 77 22.90 21.38 14.34
C TRP A 77 23.37 22.75 13.85
N LEU A 78 22.48 23.74 13.92
CA LEU A 78 22.86 25.09 13.54
C LEU A 78 23.88 25.65 14.51
N GLN A 79 24.74 26.55 14.01
CA GLN A 79 25.75 27.19 14.81
C GLN A 79 25.72 28.68 14.56
N MET A 80 25.44 29.46 15.59
CA MET A 80 25.45 30.92 15.51
C MET A 80 26.29 31.48 16.64
N SER A 81 26.91 32.62 16.38
CA SER A 81 27.75 33.28 17.37
C SER A 81 27.80 34.77 17.05
N TRP A 82 27.69 35.59 18.10
CA TRP A 82 27.75 37.03 17.94
C TRP A 82 28.16 37.65 19.27
N THR A 83 28.58 38.90 19.22
CA THR A 83 29.06 39.63 20.39
C THR A 83 27.97 40.57 20.89
N ASP A 84 27.65 40.47 22.17
CA ASP A 84 26.65 41.33 22.80
C ASP A 84 27.35 42.44 23.59
N HIS A 85 26.66 43.58 23.69
CA HIS A 85 27.24 44.76 24.33
C HIS A 85 26.76 44.97 25.75
N TYR A 86 25.52 44.58 26.07
CA TYR A 86 24.97 44.81 27.40
C TYR A 86 25.25 43.68 28.37
N LEU A 87 25.56 42.48 27.88
CA LEU A 87 25.73 41.30 28.74
C LEU A 87 27.21 41.08 29.03
N GLN A 88 27.77 41.99 29.81
CA GLN A 88 29.17 41.90 30.22
C GLN A 88 29.28 42.20 31.71
N TRP A 89 30.30 41.61 32.33
CA TRP A 89 30.52 41.82 33.76
C TRP A 89 31.98 41.49 34.08
N ASN A 90 32.39 41.88 35.29
CA ASN A 90 33.74 41.62 35.75
C ASN A 90 33.74 40.35 36.60
N VAL A 91 34.65 39.43 36.28
CA VAL A 91 34.70 38.16 36.99
C VAL A 91 35.09 38.36 38.45
N SER A 92 35.93 39.35 38.74
CA SER A 92 36.35 39.59 40.12
C SER A 92 35.16 39.96 41.00
N GLU A 93 34.24 40.76 40.47
CA GLU A 93 33.06 41.15 41.24
C GLU A 93 32.15 39.96 41.53
N TYR A 94 32.16 38.95 40.66
CA TYR A 94 31.32 37.76 40.82
C TYR A 94 32.21 36.53 40.70
N PRO A 95 32.97 36.21 41.74
CA PRO A 95 33.87 35.06 41.67
C PRO A 95 33.10 33.75 41.51
N GLY A 96 33.69 32.82 40.76
CA GLY A 96 33.17 31.49 40.64
C GLY A 96 32.20 31.27 39.49
N VAL A 97 31.64 32.33 38.91
CA VAL A 97 30.70 32.23 37.81
C VAL A 97 31.36 32.79 36.56
N LYS A 98 31.38 32.00 35.50
CA LYS A 98 31.99 32.40 34.23
C LYS A 98 31.01 32.52 33.09
N THR A 99 29.96 31.69 33.07
CA THR A 99 28.98 31.70 32.00
C THR A 99 27.57 31.73 32.58
N VAL A 100 26.65 32.29 31.81
CA VAL A 100 25.24 32.32 32.17
C VAL A 100 24.43 31.83 30.98
N ARG A 101 23.24 31.32 31.28
CA ARG A 101 22.36 30.76 30.27
C ARG A 101 21.01 31.48 30.31
N PHE A 102 20.45 31.75 29.13
CA PHE A 102 19.17 32.42 29.02
C PHE A 102 18.23 31.60 28.14
N PRO A 103 16.96 31.51 28.51
CA PRO A 103 16.01 30.73 27.73
C PRO A 103 15.44 31.55 26.58
N ASP A 104 14.50 30.96 25.89
CA ASP A 104 13.86 31.64 24.77
C ASP A 104 13.00 32.81 25.27
N GLY A 105 13.05 33.91 24.51
CA GLY A 105 12.20 35.04 24.78
C GLY A 105 12.70 36.00 25.85
N GLN A 106 13.92 35.81 26.36
CA GLN A 106 14.47 36.73 27.35
C GLN A 106 15.66 37.54 26.85
N ILE A 107 16.29 37.13 25.75
CA ILE A 107 17.36 37.90 25.14
C ILE A 107 17.15 37.90 23.63
N TRP A 108 17.79 38.85 22.96
CA TRP A 108 17.68 38.97 21.52
C TRP A 108 18.53 37.92 20.83
N LYS A 109 17.95 37.23 19.85
CA LYS A 109 18.67 36.27 19.04
C LYS A 109 18.31 36.47 17.58
N PRO A 110 19.22 36.19 16.66
CA PRO A 110 18.93 36.40 15.24
C PRO A 110 17.82 35.49 14.73
N ASP A 111 17.04 36.02 13.79
CA ASP A 111 15.92 35.29 13.21
C ASP A 111 16.34 34.61 11.90
N ILE A 112 17.35 33.75 12.00
CA ILE A 112 17.85 33.03 10.84
C ILE A 112 16.89 31.89 10.51
N LEU A 113 16.41 31.87 9.28
CA LEU A 113 15.43 30.90 8.85
C LEU A 113 15.86 30.27 7.52
N LEU A 114 15.49 29.00 7.35
CA LEU A 114 15.73 28.30 6.09
C LEU A 114 14.71 28.79 5.07
N TYR A 115 15.19 29.44 4.01
CA TYR A 115 14.28 30.04 3.03
C TYR A 115 13.46 28.97 2.32
N ASN A 116 14.12 27.94 1.80
CA ASN A 116 13.47 26.92 0.98
C ASN A 116 13.08 25.70 1.84
N SER A 117 12.19 25.94 2.79
CA SER A 117 11.70 24.87 3.65
C SER A 117 10.44 24.26 3.07
N ALA A 118 10.17 23.01 3.47
CA ALA A 118 8.99 22.29 3.02
C ALA A 118 8.32 21.60 4.19
N ASP A 119 8.28 22.28 5.34
CA ASP A 119 7.67 21.76 6.55
C ASP A 119 6.48 22.64 6.93
N GLU A 120 5.47 22.01 7.54
CA GLU A 120 4.30 22.75 7.99
C GLU A 120 4.69 23.81 9.00
N ARG A 121 5.54 23.45 9.96
CA ARG A 121 6.14 24.42 10.87
C ARG A 121 7.42 24.93 10.22
N PHE A 122 7.38 26.18 9.76
CA PHE A 122 8.51 26.73 9.01
C PHE A 122 9.77 26.78 9.84
N ASP A 123 9.64 26.92 11.17
CA ASP A 123 10.77 26.94 12.08
C ASP A 123 10.86 25.57 12.75
N ALA A 124 11.68 24.69 12.17
CA ALA A 124 11.83 23.32 12.65
C ALA A 124 13.01 23.17 13.60
N THR A 125 13.38 24.24 14.30
CA THR A 125 14.49 24.22 15.24
C THR A 125 13.96 24.17 16.66
N PHE A 126 14.52 23.28 17.47
CA PHE A 126 14.16 23.17 18.88
C PHE A 126 14.93 24.23 19.65
N HIS A 127 14.24 25.28 20.08
CA HIS A 127 14.89 26.43 20.72
C HIS A 127 15.49 26.00 22.05
N THR A 128 16.81 26.02 22.13
CA THR A 128 17.53 25.69 23.35
C THR A 128 18.01 26.96 24.03
N ASN A 129 18.79 26.81 25.10
CA ASN A 129 19.33 27.95 25.81
C ASN A 129 20.41 28.65 24.99
N VAL A 130 20.85 29.79 25.48
CA VAL A 130 21.94 30.55 24.88
C VAL A 130 23.05 30.68 25.90
N LEU A 131 24.25 30.26 25.53
CA LEU A 131 25.40 30.31 26.41
C LEU A 131 26.14 31.62 26.19
N VAL A 132 26.51 32.28 27.28
CA VAL A 132 27.06 33.63 27.23
C VAL A 132 28.46 33.64 27.83
N ASN A 133 29.35 34.43 27.25
CA ASN A 133 30.70 34.63 27.75
C ASN A 133 30.64 35.43 29.05
N SER A 134 31.80 35.75 29.59
CA SER A 134 31.93 36.82 30.57
C SER A 134 32.17 38.17 29.91
N SER A 135 32.24 38.21 28.58
CA SER A 135 32.49 39.43 27.84
C SER A 135 31.49 39.68 26.73
N GLY A 136 30.36 38.98 26.72
CA GLY A 136 29.27 39.25 25.80
C GLY A 136 29.14 38.29 24.64
N HIS A 137 30.17 37.49 24.36
CA HIS A 137 30.09 36.54 23.26
C HIS A 137 29.02 35.49 23.55
N CYS A 138 28.22 35.20 22.53
CA CYS A 138 27.08 34.29 22.66
C CYS A 138 27.23 33.11 21.72
N GLN A 139 26.69 31.97 22.14
CA GLN A 139 26.64 30.77 21.31
C GLN A 139 25.23 30.20 21.37
N TYR A 140 24.80 29.62 20.24
CA TYR A 140 23.43 29.13 20.11
C TYR A 140 23.45 27.97 19.12
N LEU A 141 23.12 26.77 19.59
CA LEU A 141 23.16 25.55 18.78
C LEU A 141 21.82 24.85 18.87
N PRO A 142 20.82 25.31 18.11
CA PRO A 142 19.51 24.66 18.15
C PRO A 142 19.46 23.49 17.20
N PRO A 143 19.23 22.28 17.71
CA PRO A 143 19.09 21.12 16.84
C PRO A 143 17.70 21.05 16.22
N GLY A 144 17.59 20.25 15.18
CA GLY A 144 16.31 20.05 14.54
C GLY A 144 16.46 19.21 13.28
N ILE A 145 15.33 18.67 12.85
CA ILE A 145 15.25 17.88 11.63
C ILE A 145 14.61 18.75 10.55
N PHE A 146 15.35 19.01 9.48
CA PHE A 146 14.93 19.94 8.45
C PHE A 146 14.43 19.18 7.23
N LYS A 147 13.36 19.70 6.62
CA LYS A 147 12.75 19.12 5.43
C LYS A 147 12.76 20.19 4.35
N SER A 148 13.86 20.27 3.60
CA SER A 148 13.99 21.25 2.54
C SER A 148 13.32 20.73 1.27
N SER A 149 13.36 21.56 0.22
CA SER A 149 12.78 21.21 -1.07
C SER A 149 13.83 21.45 -2.15
N CYS A 150 14.35 20.37 -2.71
CA CYS A 150 15.35 20.44 -3.76
C CYS A 150 14.91 19.62 -4.96
N TYR A 151 15.10 20.17 -6.15
CA TYR A 151 14.75 19.46 -7.37
C TYR A 151 15.66 18.24 -7.53
N ILE A 152 15.06 17.10 -7.85
CA ILE A 152 15.76 15.82 -7.93
C ILE A 152 15.69 15.31 -9.36
N ASP A 153 16.85 15.00 -9.92
CA ASP A 153 16.95 14.51 -11.30
C ASP A 153 17.12 13.00 -11.28
N VAL A 154 16.34 12.31 -12.12
CA VAL A 154 16.40 10.86 -12.19
C VAL A 154 16.65 10.44 -13.63
N ARG A 155 17.32 11.29 -14.39
CA ARG A 155 17.64 10.95 -15.78
C ARG A 155 18.56 9.73 -15.85
N TRP A 156 19.54 9.66 -14.95
CA TRP A 156 20.47 8.54 -14.91
C TRP A 156 20.18 7.58 -13.77
N PHE A 157 18.94 7.56 -13.28
CA PHE A 157 18.58 6.67 -12.19
C PHE A 157 18.80 5.22 -12.60
N PRO A 158 19.41 4.38 -11.75
CA PRO A 158 19.90 4.65 -10.40
C PRO A 158 21.39 4.95 -10.33
N PHE A 159 21.92 5.79 -11.23
CA PHE A 159 23.31 6.21 -11.18
C PHE A 159 23.45 7.72 -10.95
N ASP A 160 22.42 8.34 -10.39
CA ASP A 160 22.34 9.79 -10.33
C ASP A 160 23.22 10.35 -9.21
N VAL A 161 23.60 11.61 -9.37
CA VAL A 161 24.28 12.40 -8.35
C VAL A 161 23.54 13.72 -8.24
N GLN A 162 23.01 14.02 -7.06
CA GLN A 162 22.15 15.17 -6.84
C GLN A 162 22.90 16.27 -6.10
N HIS A 163 22.41 17.50 -6.28
CA HIS A 163 22.95 18.68 -5.59
C HIS A 163 21.78 19.43 -4.96
N CYS A 164 21.43 19.04 -3.74
CA CYS A 164 20.38 19.73 -3.00
C CYS A 164 20.97 20.91 -2.23
N LYS A 165 20.19 21.97 -2.10
CA LYS A 165 20.65 23.23 -1.54
C LYS A 165 19.90 23.56 -0.25
N LEU A 166 20.59 24.23 0.65
CA LEU A 166 20.02 24.76 1.88
C LEU A 166 20.37 26.24 1.97
N LYS A 167 19.35 27.10 1.90
CA LYS A 167 19.55 28.54 1.90
C LYS A 167 19.17 29.11 3.26
N PHE A 168 20.09 29.85 3.88
CA PHE A 168 19.88 30.41 5.20
C PHE A 168 20.12 31.91 5.14
N GLY A 169 19.29 32.66 5.87
CA GLY A 169 19.45 34.10 5.93
C GLY A 169 18.45 34.71 6.90
N SER A 170 18.76 35.92 7.32
CA SER A 170 17.88 36.65 8.22
C SER A 170 16.58 37.01 7.50
N TRP A 171 15.47 36.88 8.22
CA TRP A 171 14.17 37.10 7.60
C TRP A 171 13.85 38.58 7.41
N SER A 172 14.31 39.44 8.32
CA SER A 172 13.96 40.86 8.26
C SER A 172 15.13 41.82 8.41
N TYR A 173 16.27 41.38 8.93
CA TYR A 173 17.39 42.29 9.17
C TYR A 173 18.20 42.50 7.90
N GLY A 174 18.80 43.68 7.78
CA GLY A 174 19.55 44.06 6.62
C GLY A 174 21.06 43.97 6.83
N GLY A 175 21.80 44.12 5.73
CA GLY A 175 23.24 44.05 5.78
C GLY A 175 23.88 45.16 6.59
N TRP A 176 23.30 46.37 6.53
CA TRP A 176 23.81 47.45 7.35
C TRP A 176 23.54 47.25 8.83
N SER A 177 22.73 46.26 9.19
CA SER A 177 22.43 45.96 10.58
C SER A 177 22.93 44.58 11.02
N LEU A 178 22.86 43.60 10.13
CA LEU A 178 23.25 42.22 10.46
C LEU A 178 23.89 41.60 9.22
N ASP A 179 25.21 41.46 9.25
CA ASP A 179 25.95 40.87 8.13
C ASP A 179 26.39 39.46 8.52
N LEU A 180 25.86 38.46 7.82
CA LEU A 180 26.22 37.08 8.09
C LEU A 180 27.63 36.78 7.61
N GLN A 181 28.29 35.87 8.32
CA GLN A 181 29.60 35.37 7.94
C GLN A 181 29.57 33.85 7.96
N MET A 182 30.22 33.23 6.98
CA MET A 182 30.17 31.79 6.78
C MET A 182 31.38 31.13 7.42
N GLN A 183 31.13 30.05 8.15
CA GLN A 183 32.18 29.18 8.65
C GLN A 183 32.02 27.81 7.99
N GLU A 184 33.16 27.14 7.78
CA GLU A 184 33.14 25.87 7.06
C GLU A 184 32.30 24.83 7.81
N ALA A 185 31.58 24.02 7.06
CA ALA A 185 30.68 23.04 7.64
C ALA A 185 31.46 21.96 8.38
N ASP A 186 30.80 21.34 9.35
CA ASP A 186 31.37 20.29 10.18
C ASP A 186 30.74 18.96 9.80
N ILE A 187 31.58 17.95 9.54
CA ILE A 187 31.11 16.62 9.17
C ILE A 187 31.78 15.58 10.05
N SER A 188 32.31 16.02 11.20
CA SER A 188 33.01 15.09 12.09
C SER A 188 32.06 14.05 12.65
N GLY A 189 30.85 14.45 13.03
CA GLY A 189 29.90 13.54 13.63
C GLY A 189 28.93 12.93 12.64
N TYR A 190 29.26 13.00 11.35
CA TYR A 190 28.38 12.47 10.33
C TYR A 190 28.25 10.95 10.46
N ILE A 191 27.03 10.46 10.36
CA ILE A 191 26.74 9.03 10.42
C ILE A 191 26.56 8.53 8.99
N PRO A 192 27.36 7.59 8.52
CA PRO A 192 27.22 7.10 7.15
C PRO A 192 25.85 6.48 6.91
N ASN A 193 25.31 6.71 5.71
CA ASN A 193 24.01 6.19 5.31
C ASN A 193 24.21 5.04 4.33
N GLY A 194 23.41 3.98 4.50
CA GLY A 194 23.56 2.80 3.67
C GLY A 194 23.03 2.93 2.27
N GLU A 195 22.32 4.03 1.96
CA GLU A 195 21.75 4.22 0.63
C GLU A 195 22.35 5.37 -0.14
N TRP A 196 22.95 6.36 0.54
CA TRP A 196 23.55 7.51 -0.12
C TRP A 196 24.98 7.70 0.38
N ASP A 197 25.88 7.99 -0.54
CA ASP A 197 27.28 8.24 -0.22
C ASP A 197 27.54 9.74 -0.32
N LEU A 198 27.88 10.35 0.82
CA LEU A 198 28.10 11.79 0.84
C LEU A 198 29.43 12.12 0.18
N VAL A 199 29.40 13.07 -0.76
CA VAL A 199 30.60 13.52 -1.43
C VAL A 199 31.22 14.71 -0.72
N GLY A 200 30.40 15.69 -0.37
CA GLY A 200 30.87 16.87 0.34
C GLY A 200 29.78 17.91 0.49
N ILE A 201 29.96 18.84 1.43
CA ILE A 201 28.95 19.87 1.66
C ILE A 201 29.65 21.23 1.65
N PRO A 202 29.91 21.80 0.48
CA PRO A 202 30.52 23.13 0.41
C PRO A 202 29.50 24.23 0.60
N GLY A 203 30.01 25.44 0.76
CA GLY A 203 29.15 26.61 0.90
C GLY A 203 29.96 27.88 0.74
N LYS A 204 29.26 28.96 0.41
CA LYS A 204 29.92 30.24 0.20
C LYS A 204 28.94 31.37 0.53
N ARG A 205 29.50 32.49 0.98
CA ARG A 205 28.72 33.67 1.28
C ARG A 205 28.42 34.45 0.00
N SER A 206 27.21 35.00 -0.08
CA SER A 206 26.78 35.75 -1.25
C SER A 206 26.10 37.03 -0.81
N GLU A 207 26.22 38.07 -1.63
CA GLU A 207 25.62 39.36 -1.38
C GLU A 207 24.63 39.69 -2.48
N ARG A 208 23.42 40.10 -2.10
CA ARG A 208 22.36 40.43 -3.04
C ARG A 208 21.93 41.88 -2.79
N PHE A 209 22.27 42.76 -3.72
CA PHE A 209 21.86 44.15 -3.63
C PHE A 209 20.42 44.32 -4.10
N TYR A 210 19.79 45.38 -3.64
CA TYR A 210 18.41 45.67 -3.98
C TYR A 210 18.36 46.77 -5.05
N GLU A 211 17.15 47.21 -5.39
CA GLU A 211 16.96 48.21 -6.44
C GLU A 211 17.07 49.64 -5.89
N CYS A 212 16.27 49.95 -4.87
CA CYS A 212 16.26 51.27 -4.25
C CYS A 212 17.58 51.65 -3.66
N CYS A 213 18.22 50.73 -2.93
CA CYS A 213 19.15 51.10 -1.88
C CYS A 213 20.41 50.26 -2.01
N LYS A 214 21.54 50.82 -1.58
CA LYS A 214 22.83 50.15 -1.74
C LYS A 214 23.09 49.15 -0.62
N GLU A 215 22.04 48.75 0.09
CA GLU A 215 22.19 47.81 1.20
C GLU A 215 22.46 46.41 0.68
N PRO A 216 23.60 45.80 1.01
CA PRO A 216 23.77 44.38 0.74
C PRO A 216 22.90 43.54 1.67
N TYR A 217 22.58 42.34 1.20
CA TYR A 217 21.78 41.40 1.98
C TYR A 217 22.50 40.05 1.99
N PRO A 218 23.43 39.85 2.91
CA PRO A 218 24.25 38.63 2.89
C PRO A 218 23.44 37.40 3.23
N ASP A 219 23.94 36.26 2.79
CA ASP A 219 23.36 34.96 3.10
C ASP A 219 24.44 33.89 2.99
N VAL A 220 24.15 32.72 3.56
CA VAL A 220 25.02 31.56 3.48
C VAL A 220 24.22 30.40 2.91
N THR A 221 24.68 29.85 1.80
CA THR A 221 24.00 28.74 1.13
C THR A 221 24.89 27.52 1.18
N PHE A 222 24.33 26.40 1.66
CA PHE A 222 25.05 25.14 1.75
C PHE A 222 24.42 24.16 0.77
N THR A 223 25.22 23.62 -0.13
CA THR A 223 24.77 22.65 -1.12
C THR A 223 25.35 21.28 -0.79
N VAL A 224 24.49 20.28 -0.78
CA VAL A 224 24.87 18.91 -0.42
C VAL A 224 25.03 18.10 -1.70
N THR A 225 26.19 17.46 -1.84
CA THR A 225 26.47 16.59 -2.98
C THR A 225 26.54 15.16 -2.48
N MET A 226 25.66 14.31 -2.99
CA MET A 226 25.58 12.92 -2.57
C MET A 226 25.43 12.02 -3.79
N ARG A 227 26.00 10.82 -3.69
CA ARG A 227 25.98 9.86 -4.78
C ARG A 227 25.22 8.61 -4.33
N ARG A 228 24.29 8.17 -5.17
CA ARG A 228 23.49 7.00 -4.83
C ARG A 228 24.33 5.72 -4.89
N ARG A 229 24.11 4.84 -3.93
CA ARG A 229 24.74 3.53 -3.93
C ARG A 229 23.86 2.56 -4.72
N THR A 230 24.46 1.86 -5.67
CA THR A 230 23.71 1.14 -6.70
C THR A 230 23.64 -0.36 -6.48
N LEU A 231 24.18 -0.88 -5.37
CA LEU A 231 24.24 -2.32 -5.17
C LEU A 231 22.83 -2.92 -5.10
N TYR A 232 21.94 -2.29 -4.33
CA TYR A 232 20.60 -2.86 -4.14
C TYR A 232 19.84 -2.96 -5.45
N TYR A 233 19.78 -1.86 -6.21
CA TYR A 233 19.08 -1.89 -7.48
C TYR A 233 19.76 -2.81 -8.48
N GLY A 234 21.09 -2.74 -8.56
CA GLY A 234 21.82 -3.61 -9.47
C GLY A 234 21.65 -5.09 -9.17
N LEU A 235 21.32 -5.43 -7.94
CA LEU A 235 21.09 -6.83 -7.58
C LEU A 235 19.64 -7.24 -7.71
N ASN A 236 18.69 -6.32 -7.51
CA ASN A 236 17.28 -6.72 -7.48
C ASN A 236 16.52 -6.40 -8.76
N LEU A 237 17.00 -5.50 -9.61
CA LEU A 237 16.28 -5.11 -10.81
C LEU A 237 17.01 -5.51 -12.09
N LEU A 238 18.27 -5.09 -12.25
CA LEU A 238 18.97 -5.33 -13.50
C LEU A 238 19.24 -6.82 -13.72
N ILE A 239 19.79 -7.49 -12.71
CA ILE A 239 20.12 -8.91 -12.86
C ILE A 239 18.88 -9.77 -13.10
N PRO A 240 17.83 -9.71 -12.28
CA PRO A 240 16.67 -10.56 -12.55
C PRO A 240 16.00 -10.27 -13.87
N CYS A 241 15.84 -8.99 -14.22
CA CYS A 241 15.17 -8.64 -15.47
C CYS A 241 15.95 -9.14 -16.68
N VAL A 242 17.28 -8.99 -16.66
CA VAL A 242 18.07 -9.49 -17.77
C VAL A 242 18.05 -11.01 -17.79
N LEU A 243 17.92 -11.65 -16.63
CA LEU A 243 17.80 -13.11 -16.63
C LEU A 243 16.51 -13.57 -17.28
N ILE A 244 15.38 -12.90 -16.98
CA ILE A 244 14.13 -13.26 -17.66
C ILE A 244 14.21 -12.95 -19.14
N SER A 245 14.86 -11.85 -19.51
CA SER A 245 15.02 -11.53 -20.93
C SER A 245 15.82 -12.60 -21.64
N ALA A 246 16.89 -13.10 -21.02
CA ALA A 246 17.67 -14.18 -21.60
C ALA A 246 16.85 -15.46 -21.69
N LEU A 247 16.07 -15.76 -20.66
CA LEU A 247 15.24 -16.96 -20.68
C LEU A 247 14.18 -16.90 -21.77
N ALA A 248 13.75 -15.69 -22.13
CA ALA A 248 12.77 -15.55 -23.20
C ALA A 248 13.30 -16.00 -24.55
N LEU A 249 14.62 -16.10 -24.71
CA LEU A 249 15.22 -16.51 -25.98
C LEU A 249 15.18 -18.02 -26.19
N LEU A 250 14.82 -18.80 -25.18
CA LEU A 250 14.82 -20.25 -25.30
C LEU A 250 13.74 -20.74 -26.26
N VAL A 251 12.77 -19.91 -26.60
CA VAL A 251 11.70 -20.34 -27.50
C VAL A 251 12.27 -20.75 -28.85
N PHE A 252 13.39 -20.17 -29.25
CA PHE A 252 14.00 -20.50 -30.53
C PHE A 252 14.77 -21.80 -30.51
N LEU A 253 15.07 -22.35 -29.34
CA LEU A 253 15.71 -23.64 -29.22
C LEU A 253 14.73 -24.77 -28.92
N LEU A 254 13.46 -24.45 -28.78
CA LEU A 254 12.41 -25.43 -28.49
C LEU A 254 11.87 -26.01 -29.79
N PRO A 255 11.84 -27.33 -29.94
CA PRO A 255 11.27 -27.91 -31.17
C PRO A 255 9.81 -27.55 -31.33
N ALA A 256 9.40 -27.31 -32.58
CA ALA A 256 8.03 -26.88 -32.85
C ALA A 256 7.02 -28.01 -32.67
N ASP A 257 7.47 -29.26 -32.64
CA ASP A 257 6.54 -30.37 -32.47
C ASP A 257 5.80 -30.29 -31.15
N SER A 258 6.52 -29.96 -30.08
CA SER A 258 5.87 -29.69 -28.80
C SER A 258 5.05 -28.42 -28.88
N GLY A 259 4.00 -28.36 -28.09
CA GLY A 259 3.06 -27.25 -28.17
C GLY A 259 3.21 -26.25 -27.04
N GLU A 260 4.45 -25.90 -26.69
CA GLU A 260 4.71 -25.01 -25.56
C GLU A 260 5.37 -23.70 -25.97
N LYS A 261 5.52 -23.43 -27.28
CA LYS A 261 6.24 -22.24 -27.71
C LYS A 261 5.49 -20.96 -27.33
N ILE A 262 4.24 -20.84 -27.77
CA ILE A 262 3.46 -19.64 -27.47
C ILE A 262 3.21 -19.52 -25.98
N SER A 263 2.94 -20.65 -25.31
CA SER A 263 2.72 -20.62 -23.87
C SER A 263 3.95 -20.08 -23.15
N LEU A 264 5.14 -20.56 -23.53
CA LEU A 264 6.37 -20.09 -22.90
C LEU A 264 6.57 -18.60 -23.15
N GLY A 265 6.42 -18.17 -24.40
CA GLY A 265 6.64 -16.77 -24.72
C GLY A 265 5.70 -15.85 -23.96
N ILE A 266 4.41 -16.20 -23.95
CA ILE A 266 3.42 -15.38 -23.26
C ILE A 266 3.62 -15.43 -21.75
N THR A 267 4.16 -16.53 -21.22
CA THR A 267 4.43 -16.58 -19.78
C THR A 267 5.60 -15.68 -19.41
N VAL A 268 6.65 -15.64 -20.24
CA VAL A 268 7.72 -14.67 -20.01
C VAL A 268 7.19 -13.26 -20.11
N LEU A 269 6.26 -13.01 -21.04
CA LEU A 269 5.63 -11.69 -21.12
C LEU A 269 4.87 -11.36 -19.85
N LEU A 270 4.14 -12.34 -19.30
CA LEU A 270 3.41 -12.13 -18.05
C LEU A 270 4.36 -11.83 -16.90
N SER A 271 5.47 -12.55 -16.82
CA SER A 271 6.46 -12.28 -15.79
C SER A 271 7.04 -10.87 -15.93
N LEU A 272 7.29 -10.46 -17.17
CA LEU A 272 7.79 -9.10 -17.40
C LEU A 272 6.77 -8.06 -16.96
N THR A 273 5.49 -8.31 -17.24
CA THR A 273 4.45 -7.38 -16.79
C THR A 273 4.38 -7.32 -15.27
N VAL A 274 4.52 -8.46 -14.61
CA VAL A 274 4.52 -8.47 -13.14
C VAL A 274 5.71 -7.68 -12.61
N PHE A 275 6.88 -7.83 -13.24
CA PHE A 275 8.06 -7.09 -12.79
C PHE A 275 7.88 -5.60 -13.04
N MET A 276 7.21 -5.23 -14.14
CA MET A 276 6.84 -3.83 -14.37
C MET A 276 5.95 -3.31 -13.25
N LEU A 277 4.96 -4.11 -12.83
CA LEU A 277 4.10 -3.71 -11.73
C LEU A 277 4.90 -3.51 -10.45
N LEU A 278 5.86 -4.40 -10.19
CA LEU A 278 6.71 -4.27 -9.01
C LEU A 278 7.53 -2.99 -9.07
N VAL A 279 8.09 -2.67 -10.25
CA VAL A 279 9.01 -1.55 -10.36
C VAL A 279 8.32 -0.20 -10.53
N ALA A 280 7.02 -0.18 -10.86
CA ALA A 280 6.37 1.08 -11.20
C ALA A 280 6.37 2.08 -10.05
N GLU A 281 6.45 1.60 -8.80
CA GLU A 281 6.24 2.49 -7.66
C GLU A 281 7.49 3.21 -7.20
N ILE A 282 8.65 2.95 -7.80
CA ILE A 282 9.90 3.51 -7.28
C ILE A 282 10.15 4.91 -7.82
N MET A 283 10.29 5.04 -9.13
CA MET A 283 10.62 6.33 -9.71
C MET A 283 9.43 7.29 -9.61
N PRO A 284 9.69 8.60 -9.60
CA PRO A 284 8.59 9.58 -9.49
C PRO A 284 7.80 9.69 -10.78
N ALA A 285 6.84 10.61 -10.81
CA ALA A 285 5.99 10.84 -11.98
C ALA A 285 6.45 12.02 -12.81
N THR A 286 7.75 12.24 -12.89
CA THR A 286 8.27 13.38 -13.64
C THR A 286 8.04 13.20 -15.13
N SER A 287 8.14 14.31 -15.87
CA SER A 287 7.96 14.28 -17.30
C SER A 287 9.00 15.14 -18.03
N ASP A 288 10.13 15.43 -17.40
CA ASP A 288 11.17 16.22 -18.02
C ASP A 288 12.17 15.39 -18.80
N SER A 289 12.36 14.12 -18.43
CA SER A 289 13.29 13.25 -19.12
C SER A 289 12.90 11.80 -18.87
N VAL A 290 13.16 10.96 -19.86
CA VAL A 290 12.86 9.53 -19.76
C VAL A 290 13.96 8.86 -18.93
N PRO A 291 13.62 8.21 -17.82
CA PRO A 291 14.64 7.54 -17.02
C PRO A 291 15.30 6.39 -17.76
N LEU A 292 16.56 6.14 -17.39
CA LEU A 292 17.32 5.06 -18.00
C LEU A 292 16.66 3.70 -17.75
N ILE A 293 16.10 3.51 -16.56
CA ILE A 293 15.41 2.26 -16.27
C ILE A 293 14.18 2.12 -17.16
N ALA A 294 13.50 3.23 -17.46
CA ALA A 294 12.36 3.18 -18.37
C ALA A 294 12.81 2.80 -19.78
N GLN A 295 13.91 3.39 -20.24
CA GLN A 295 14.43 3.04 -21.55
C GLN A 295 14.77 1.56 -21.64
N TYR A 296 15.47 1.05 -20.64
CA TYR A 296 15.90 -0.35 -20.66
C TYR A 296 14.70 -1.28 -20.60
N PHE A 297 13.70 -0.98 -19.77
CA PHE A 297 12.54 -1.84 -19.66
C PHE A 297 11.72 -1.82 -20.95
N ALA A 298 11.59 -0.65 -21.57
CA ALA A 298 10.90 -0.59 -22.86
C ALA A 298 11.61 -1.42 -23.91
N SER A 299 12.95 -1.34 -23.94
CA SER A 299 13.71 -2.16 -24.88
C SER A 299 13.45 -3.65 -24.64
N THR A 300 13.47 -4.06 -23.37
CA THR A 300 13.28 -5.48 -23.06
C THR A 300 11.89 -5.95 -23.47
N MET A 301 10.85 -5.16 -23.17
CA MET A 301 9.50 -5.60 -23.50
C MET A 301 9.28 -5.62 -25.01
N ILE A 302 9.87 -4.66 -25.74
CA ILE A 302 9.75 -4.67 -27.19
C ILE A 302 10.45 -5.90 -27.76
N ILE A 303 11.61 -6.25 -27.23
CA ILE A 303 12.31 -7.44 -27.70
C ILE A 303 11.46 -8.68 -27.47
N VAL A 304 10.85 -8.80 -26.29
CA VAL A 304 10.03 -9.97 -26.01
C VAL A 304 8.82 -10.05 -26.93
N GLY A 305 8.17 -8.90 -27.17
CA GLY A 305 7.04 -8.90 -28.10
C GLY A 305 7.44 -9.30 -29.50
N LEU A 306 8.56 -8.80 -29.99
CA LEU A 306 9.04 -9.20 -31.31
C LEU A 306 9.36 -10.69 -31.36
N SER A 307 9.92 -11.22 -30.27
CA SER A 307 10.18 -12.66 -30.21
C SER A 307 8.89 -13.46 -30.31
N VAL A 308 7.84 -13.00 -29.64
CA VAL A 308 6.55 -13.69 -29.73
C VAL A 308 6.02 -13.64 -31.15
N VAL A 309 6.15 -12.49 -31.81
CA VAL A 309 5.70 -12.38 -33.20
C VAL A 309 6.45 -13.35 -34.09
N VAL A 310 7.77 -13.43 -33.93
CA VAL A 310 8.58 -14.35 -34.72
C VAL A 310 8.17 -15.80 -34.45
N THR A 311 7.90 -16.12 -33.19
CA THR A 311 7.49 -17.48 -32.86
C THR A 311 6.17 -17.83 -33.54
N VAL A 312 5.24 -16.89 -33.58
CA VAL A 312 3.97 -17.13 -34.30
C VAL A 312 4.24 -17.37 -35.78
N ILE A 313 5.12 -16.56 -36.38
CA ILE A 313 5.44 -16.74 -37.80
C ILE A 313 6.03 -18.12 -38.04
N VAL A 314 6.96 -18.54 -37.18
CA VAL A 314 7.58 -19.86 -37.32
C VAL A 314 6.54 -20.96 -37.20
N LEU A 315 5.63 -20.82 -36.23
CA LEU A 315 4.59 -21.83 -36.04
C LEU A 315 3.69 -21.92 -37.28
N GLN A 316 3.31 -20.78 -37.85
CA GLN A 316 2.48 -20.82 -39.05
C GLN A 316 3.25 -21.37 -40.25
N TYR A 317 4.58 -21.27 -40.24
CA TYR A 317 5.37 -21.94 -41.27
C TYR A 317 5.41 -23.44 -41.06
N HIS A 318 5.46 -23.88 -39.80
CA HIS A 318 5.63 -25.31 -39.52
C HIS A 318 4.37 -26.10 -39.83
N HIS A 319 3.20 -25.56 -39.48
CA HIS A 319 1.93 -26.23 -39.70
C HIS A 319 1.30 -25.88 -41.04
N HIS A 320 2.11 -25.53 -42.03
CA HIS A 320 1.59 -25.19 -43.34
C HIS A 320 0.95 -26.40 -43.99
N ASP A 321 -0.18 -26.19 -44.64
CA ASP A 321 -0.92 -27.29 -45.25
C ASP A 321 -0.16 -27.83 -46.45
N PRO A 322 0.09 -29.14 -46.53
CA PRO A 322 0.82 -29.69 -47.68
C PRO A 322 0.10 -29.49 -49.01
N ASP A 323 -1.21 -29.31 -49.00
CA ASP A 323 -1.98 -29.14 -50.22
C ASP A 323 -2.14 -27.68 -50.62
N GLY A 324 -1.54 -26.75 -49.88
CA GLY A 324 -1.64 -25.35 -50.20
C GLY A 324 -0.65 -24.94 -51.27
N GLY A 325 -0.40 -23.64 -51.35
CA GLY A 325 0.54 -23.14 -52.34
C GLY A 325 1.95 -23.65 -52.07
N LYS A 326 2.65 -23.98 -53.15
CA LYS A 326 4.01 -24.47 -53.03
C LYS A 326 4.95 -23.34 -52.66
N MET A 327 6.16 -23.71 -52.24
CA MET A 327 7.16 -22.72 -51.89
C MET A 327 7.53 -21.87 -53.10
N PRO A 328 7.47 -20.54 -53.00
CA PRO A 328 7.97 -19.71 -54.10
C PRO A 328 9.46 -19.95 -54.31
N LYS A 329 9.87 -19.85 -55.57
CA LYS A 329 11.27 -20.13 -55.91
C LYS A 329 12.20 -19.16 -55.19
N TRP A 330 11.82 -17.88 -55.11
CA TRP A 330 12.65 -16.90 -54.43
C TRP A 330 12.85 -17.27 -52.97
N THR A 331 11.76 -17.57 -52.26
CA THR A 331 11.87 -17.94 -50.85
C THR A 331 12.67 -19.22 -50.68
N ARG A 332 12.46 -20.20 -51.54
CA ARG A 332 13.19 -21.46 -51.45
C ARG A 332 14.69 -21.22 -51.60
N VAL A 333 15.10 -20.51 -52.65
CA VAL A 333 16.53 -20.30 -52.87
C VAL A 333 17.12 -19.42 -51.79
N ILE A 334 16.35 -18.44 -51.28
CA ILE A 334 16.87 -17.57 -50.24
C ILE A 334 17.11 -18.34 -48.94
N LEU A 335 16.11 -19.13 -48.52
CA LEU A 335 16.25 -19.80 -47.23
C LEU A 335 17.03 -21.11 -47.36
N LEU A 336 16.44 -22.09 -48.05
CA LEU A 336 16.92 -23.47 -47.95
C LEU A 336 18.34 -23.65 -48.46
N ASN A 337 18.81 -22.76 -49.34
CA ASN A 337 20.17 -22.84 -49.84
C ASN A 337 21.10 -21.90 -49.09
N TRP A 338 20.80 -20.60 -49.09
CA TRP A 338 21.72 -19.62 -48.53
C TRP A 338 21.83 -19.75 -47.01
N CYS A 339 20.70 -19.84 -46.31
CA CYS A 339 20.76 -19.93 -44.86
C CYS A 339 21.42 -21.23 -44.42
N ALA A 340 21.13 -22.33 -45.11
CA ALA A 340 21.79 -23.60 -44.81
C ALA A 340 23.29 -23.50 -45.05
N TRP A 341 23.70 -22.77 -46.09
CA TRP A 341 25.12 -22.52 -46.32
C TRP A 341 25.71 -21.75 -45.14
N PHE A 342 25.00 -20.72 -44.67
CA PHE A 342 25.52 -19.88 -43.59
C PHE A 342 25.43 -20.59 -42.24
N LEU A 343 24.33 -21.30 -41.99
CA LEU A 343 24.11 -21.94 -40.69
C LEU A 343 24.72 -23.32 -40.58
N ARG A 344 25.23 -23.88 -41.69
CA ARG A 344 25.92 -25.17 -41.68
C ARG A 344 25.04 -26.28 -41.12
N MET A 345 23.82 -26.39 -41.64
CA MET A 345 22.91 -27.46 -41.29
C MET A 345 22.43 -28.15 -42.57
N LYS A 346 22.24 -29.46 -42.48
CA LYS A 346 21.92 -30.29 -43.63
C LYS A 346 20.46 -30.67 -43.63
N ARG A 347 19.79 -30.50 -44.76
CA ARG A 347 18.40 -30.92 -44.90
C ARG A 347 18.33 -32.43 -44.91
N PRO A 348 17.36 -33.00 -44.18
CA PRO A 348 17.15 -34.45 -44.19
C PRO A 348 16.85 -34.96 -45.60
N GLY A 349 17.72 -35.80 -46.17
CA GLY A 349 17.53 -36.28 -47.52
C GLY A 349 17.63 -35.18 -48.55
N ASP A 430 -9.06 -65.94 -63.57
CA ASP A 430 -8.21 -64.93 -64.21
C ASP A 430 -8.79 -63.51 -64.13
N PRO A 431 -10.09 -63.31 -64.42
CA PRO A 431 -10.66 -61.98 -64.21
C PRO A 431 -10.52 -61.50 -62.78
N ASP A 432 -10.69 -62.41 -61.82
CA ASP A 432 -10.49 -62.08 -60.41
C ASP A 432 -9.05 -61.65 -60.15
N LEU A 433 -8.09 -62.26 -60.87
CA LEU A 433 -6.70 -61.83 -60.76
C LEU A 433 -6.56 -60.37 -61.21
N ALA A 434 -7.23 -60.01 -62.31
CA ALA A 434 -7.21 -58.61 -62.75
C ALA A 434 -7.82 -57.70 -61.69
N LYS A 435 -8.92 -58.14 -61.08
CA LYS A 435 -9.58 -57.31 -60.07
C LYS A 435 -8.67 -57.05 -58.88
N ILE A 436 -8.03 -58.11 -58.36
CA ILE A 436 -7.14 -57.89 -57.22
C ILE A 436 -5.93 -57.07 -57.65
N LEU A 437 -5.50 -57.20 -58.90
CA LEU A 437 -4.41 -56.38 -59.39
C LEU A 437 -4.79 -54.91 -59.34
N GLU A 438 -5.99 -54.56 -59.80
CA GLU A 438 -6.42 -53.16 -59.71
C GLU A 438 -6.55 -52.70 -58.26
N GLU A 439 -7.04 -53.57 -57.38
CA GLU A 439 -7.18 -53.18 -55.97
C GLU A 439 -5.82 -52.85 -55.35
N VAL A 440 -4.84 -53.75 -55.54
CA VAL A 440 -3.53 -53.51 -54.97
C VAL A 440 -2.85 -52.31 -55.64
N ARG A 441 -3.10 -52.10 -56.93
CA ARG A 441 -2.57 -50.92 -57.60
C ARG A 441 -3.12 -49.65 -57.00
N TYR A 442 -4.42 -49.61 -56.73
CA TYR A 442 -5.01 -48.43 -56.10
C TYR A 442 -4.43 -48.19 -54.72
N ILE A 443 -4.26 -49.25 -53.93
CA ILE A 443 -3.69 -49.11 -52.59
C ILE A 443 -2.26 -48.56 -52.68
N ALA A 444 -1.45 -49.12 -53.60
CA ALA A 444 -0.07 -48.69 -53.72
C ALA A 444 0.00 -47.23 -54.17
N ASN A 445 -0.85 -46.83 -55.10
CA ASN A 445 -0.84 -45.43 -55.55
C ASN A 445 -1.26 -44.49 -54.43
N ARG A 446 -2.22 -44.89 -53.61
CA ARG A 446 -2.60 -44.11 -52.45
C ARG A 446 -1.40 -43.92 -51.52
N PHE A 447 -0.67 -45.01 -51.26
CA PHE A 447 0.50 -44.90 -50.38
C PHE A 447 1.57 -44.00 -50.98
N ARG A 448 1.77 -44.08 -52.30
CA ARG A 448 2.76 -43.23 -52.96
C ARG A 448 2.39 -41.76 -52.83
N CYS A 449 1.11 -41.43 -53.06
CA CYS A 449 0.68 -40.04 -52.92
C CYS A 449 0.85 -39.55 -51.48
N GLN A 450 0.54 -40.41 -50.51
CA GLN A 450 0.74 -40.03 -49.12
C GLN A 450 2.22 -39.75 -48.82
N ASP A 451 3.11 -40.58 -49.37
CA ASP A 451 4.54 -40.40 -49.14
C ASP A 451 5.04 -39.09 -49.74
N GLU A 452 4.62 -38.77 -50.96
CA GLU A 452 5.09 -37.52 -51.57
C GLU A 452 4.53 -36.31 -50.83
N SER A 453 3.28 -36.39 -50.37
CA SER A 453 2.73 -35.30 -49.57
C SER A 453 3.51 -35.14 -48.25
N GLU A 454 3.91 -36.25 -47.65
CA GLU A 454 4.70 -36.18 -46.42
C GLU A 454 6.04 -35.50 -46.68
N ALA A 455 6.68 -35.82 -47.80
CA ALA A 455 7.94 -35.15 -48.13
C ALA A 455 7.73 -33.65 -48.34
N VAL A 456 6.63 -33.28 -49.01
CA VAL A 456 6.32 -31.88 -49.22
C VAL A 456 6.17 -31.16 -47.89
N CYS A 457 5.49 -31.78 -46.93
CA CYS A 457 5.36 -31.17 -45.60
C CYS A 457 6.69 -31.10 -44.88
N SER A 458 7.54 -32.13 -45.05
CA SER A 458 8.83 -32.14 -44.38
C SER A 458 9.72 -30.99 -44.84
N GLU A 459 9.63 -30.63 -46.12
CA GLU A 459 10.44 -29.52 -46.60
C GLU A 459 10.05 -28.20 -45.92
N TRP A 460 8.75 -27.97 -45.72
CA TRP A 460 8.31 -26.78 -44.99
C TRP A 460 8.76 -26.84 -43.53
N LYS A 461 8.71 -28.02 -42.93
CA LYS A 461 9.19 -28.16 -41.56
C LYS A 461 10.66 -27.78 -41.46
N PHE A 462 11.46 -28.21 -42.43
CA PHE A 462 12.88 -27.82 -42.44
C PHE A 462 13.04 -26.32 -42.62
N ALA A 463 12.21 -25.71 -43.47
CA ALA A 463 12.29 -24.26 -43.66
C ALA A 463 12.03 -23.52 -42.35
N ALA A 464 11.01 -23.96 -41.60
CA ALA A 464 10.76 -23.35 -40.30
C ALA A 464 11.93 -23.56 -39.35
N CYS A 465 12.48 -24.79 -39.33
CA CYS A 465 13.59 -25.08 -38.43
C CYS A 465 14.83 -24.26 -38.77
N VAL A 466 14.97 -23.85 -40.04
CA VAL A 466 16.15 -23.07 -40.41
C VAL A 466 15.92 -21.57 -40.24
N VAL A 467 14.67 -21.10 -40.31
CA VAL A 467 14.45 -19.69 -39.98
C VAL A 467 14.55 -19.48 -38.47
N ASP A 468 14.28 -20.52 -37.69
CA ASP A 468 14.27 -20.39 -36.24
C ASP A 468 15.65 -19.98 -35.72
N ARG A 469 16.71 -20.65 -36.17
CA ARG A 469 18.05 -20.37 -35.66
C ARG A 469 18.54 -19.00 -36.11
N LEU A 470 18.20 -18.60 -37.33
CA LEU A 470 18.55 -17.26 -37.80
C LEU A 470 17.93 -16.19 -36.89
N CYS A 471 16.64 -16.35 -36.59
CA CYS A 471 16.01 -15.37 -35.70
C CYS A 471 16.58 -15.43 -34.30
N LEU A 472 16.98 -16.62 -33.84
CA LEU A 472 17.65 -16.73 -32.54
C LEU A 472 18.92 -15.90 -32.51
N MET A 473 19.77 -16.05 -33.53
CA MET A 473 21.02 -15.29 -33.57
C MET A 473 20.74 -13.79 -33.60
N ALA A 474 19.79 -13.37 -34.44
CA ALA A 474 19.49 -11.95 -34.56
C ALA A 474 19.02 -11.37 -33.23
N PHE A 475 18.09 -12.08 -32.56
CA PHE A 475 17.55 -11.56 -31.31
C PHE A 475 18.59 -11.57 -30.20
N SER A 476 19.46 -12.58 -30.17
CA SER A 476 20.52 -12.61 -29.16
C SER A 476 21.45 -11.42 -29.33
N VAL A 477 21.88 -11.15 -30.56
CA VAL A 477 22.74 -10.00 -30.79
C VAL A 477 22.04 -8.71 -30.40
N PHE A 478 20.77 -8.59 -30.79
CA PHE A 478 20.01 -7.38 -30.46
C PHE A 478 19.96 -7.15 -28.96
N THR A 479 19.60 -8.18 -28.19
CA THR A 479 19.41 -7.99 -26.76
C THR A 479 20.73 -7.69 -26.06
N ILE A 480 21.82 -8.39 -26.43
CA ILE A 480 23.08 -8.12 -25.75
C ILE A 480 23.56 -6.71 -26.07
N ILE A 481 23.45 -6.28 -27.34
CA ILE A 481 23.91 -4.95 -27.70
C ILE A 481 23.09 -3.89 -27.00
N CYS A 482 21.77 -4.06 -26.96
CA CYS A 482 20.92 -3.07 -26.32
C CYS A 482 21.21 -2.98 -24.82
N THR A 483 21.30 -4.12 -24.14
CA THR A 483 21.51 -4.11 -22.70
C THR A 483 22.91 -3.67 -22.32
N ILE A 484 23.86 -3.71 -23.25
CA ILE A 484 25.18 -3.14 -22.96
C ILE A 484 25.17 -1.64 -23.20
N GLY A 485 24.64 -1.20 -24.34
CA GLY A 485 24.68 0.21 -24.67
C GLY A 485 23.87 1.07 -23.73
N ILE A 486 22.66 0.61 -23.37
CA ILE A 486 21.80 1.42 -22.51
C ILE A 486 22.48 1.67 -21.17
N LEU A 487 23.06 0.63 -20.58
CA LEU A 487 23.72 0.77 -19.29
C LEU A 487 24.98 1.62 -19.41
N MET A 488 25.83 1.33 -20.40
CA MET A 488 27.09 2.05 -20.51
C MET A 488 26.91 3.50 -20.98
N SER A 489 25.71 3.87 -21.41
CA SER A 489 25.48 5.27 -21.81
C SER A 489 25.62 6.21 -20.63
N ALA A 490 25.15 5.80 -19.46
CA ALA A 490 25.10 6.70 -18.31
C ALA A 490 26.51 7.07 -17.86
N PRO A 491 26.74 8.33 -17.49
CA PRO A 491 28.06 8.72 -16.97
C PRO A 491 28.30 8.12 -15.59
N ASN A 492 29.57 8.14 -15.19
CA ASN A 492 30.06 7.64 -13.89
C ASN A 492 29.61 6.21 -13.61
N PHE A 493 29.20 5.47 -14.64
CA PHE A 493 28.84 4.07 -14.47
C PHE A 493 30.04 3.25 -14.02
N VAL A 494 31.20 3.49 -14.62
CA VAL A 494 32.41 2.75 -14.25
C VAL A 494 32.77 3.04 -12.80
N GLU A 495 32.69 4.30 -12.38
CA GLU A 495 32.98 4.63 -10.98
C GLU A 495 31.98 3.98 -10.04
N ALA A 496 30.70 3.98 -10.43
CA ALA A 496 29.69 3.37 -9.57
C ALA A 496 29.93 1.87 -9.39
N VAL A 497 30.24 1.17 -10.48
CA VAL A 497 30.50 -0.27 -10.35
C VAL A 497 31.86 -0.55 -9.74
N SER A 498 32.80 0.40 -9.76
CA SER A 498 34.06 0.20 -9.05
C SER A 498 33.89 0.41 -7.55
N LYS A 499 32.98 1.30 -7.15
CA LYS A 499 32.78 1.60 -5.73
C LYS A 499 31.82 0.63 -5.06
N ASP A 500 30.67 0.36 -5.67
CA ASP A 500 29.63 -0.44 -5.04
C ASP A 500 29.76 -1.94 -5.33
N PHE A 501 30.78 -2.36 -6.05
CA PHE A 501 30.99 -3.77 -6.34
C PHE A 501 32.41 -4.26 -6.04
N ALA A 502 33.33 -3.38 -5.66
CA ALA A 502 34.70 -3.78 -5.39
C ALA A 502 35.36 -2.83 -4.39
N GLY B 23 21.84 49.89 21.38
CA GLY B 23 22.09 51.32 21.48
C GLY B 23 21.06 52.05 22.31
N GLU B 24 21.52 53.07 23.03
CA GLU B 24 20.60 53.83 23.88
C GLU B 24 19.53 54.53 23.08
N PHE B 25 19.84 54.94 21.85
CA PHE B 25 18.84 55.62 21.03
C PHE B 25 17.69 54.69 20.67
N GLN B 26 18.01 53.48 20.18
CA GLN B 26 16.94 52.56 19.83
C GLN B 26 16.24 52.01 21.07
N ARG B 27 16.96 51.88 22.18
CA ARG B 27 16.29 51.49 23.42
C ARG B 27 15.26 52.53 23.85
N LYS B 28 15.64 53.81 23.78
CA LYS B 28 14.71 54.88 24.11
C LYS B 28 13.53 54.90 23.15
N LEU B 29 13.80 54.70 21.86
CA LEU B 29 12.72 54.69 20.88
C LEU B 29 11.74 53.54 21.15
N TYR B 30 12.26 52.35 21.46
CA TYR B 30 11.40 51.23 21.77
C TYR B 30 10.58 51.49 23.03
N LYS B 31 11.20 52.10 24.04
CA LYS B 31 10.47 52.44 25.26
C LYS B 31 9.36 53.44 24.98
N GLU B 32 9.62 54.43 24.12
CA GLU B 32 8.63 55.46 23.84
C GLU B 32 7.50 54.95 22.95
N LEU B 33 7.79 54.03 22.03
CA LEU B 33 6.80 53.64 21.04
C LEU B 33 5.65 52.85 21.67
N VAL B 34 5.95 51.96 22.62
CA VAL B 34 4.96 51.02 23.10
C VAL B 34 4.19 51.58 24.29
N LYS B 35 4.38 52.86 24.59
CA LYS B 35 3.67 53.49 25.69
C LYS B 35 2.23 53.79 25.29
N ASN B 36 1.28 53.35 26.11
CA ASN B 36 -0.14 53.56 25.88
C ASN B 36 -0.58 53.03 24.52
N TYR B 37 -0.02 51.88 24.13
CA TYR B 37 -0.35 51.24 22.86
C TYR B 37 -1.24 50.04 23.10
N ASN B 38 -2.37 50.00 22.41
CA ASN B 38 -3.31 48.89 22.51
C ASN B 38 -3.28 48.07 21.21
N PRO B 39 -2.88 46.80 21.25
CA PRO B 39 -2.85 45.99 20.03
C PRO B 39 -4.23 45.63 19.50
N LEU B 40 -5.30 46.02 20.18
CA LEU B 40 -6.65 45.72 19.76
C LEU B 40 -7.32 46.90 19.07
N GLU B 41 -6.58 47.94 18.75
CA GLU B 41 -7.12 49.16 18.19
C GLU B 41 -6.63 49.33 16.75
N ARG B 42 -7.55 49.67 15.86
CA ARG B 42 -7.18 49.93 14.47
C ARG B 42 -6.43 51.25 14.37
N PRO B 43 -5.18 51.26 13.90
CA PRO B 43 -4.38 52.49 13.90
C PRO B 43 -4.73 53.46 12.76
N VAL B 44 -5.78 54.24 12.99
CA VAL B 44 -6.23 55.24 12.02
C VAL B 44 -6.37 56.58 12.72
N ALA B 45 -6.17 57.65 11.95
CA ALA B 45 -6.31 58.99 12.52
C ALA B 45 -7.77 59.35 12.74
N ASN B 46 -8.64 58.99 11.79
CA ASN B 46 -10.07 59.23 11.90
C ASN B 46 -10.80 57.91 11.98
N ASP B 47 -11.63 57.75 13.02
CA ASP B 47 -12.27 56.47 13.29
C ASP B 47 -13.33 56.12 12.24
N SER B 48 -13.88 57.11 11.55
CA SER B 48 -14.94 56.87 10.58
C SER B 48 -14.40 56.54 9.19
N GLN B 49 -13.09 56.57 9.00
CA GLN B 49 -12.50 56.27 7.70
C GLN B 49 -11.87 54.88 7.70
N PRO B 50 -11.88 54.19 6.56
CA PRO B 50 -11.26 52.87 6.49
C PRO B 50 -9.74 52.98 6.44
N LEU B 51 -9.11 51.82 6.61
CA LEU B 51 -7.66 51.68 6.52
C LEU B 51 -7.31 50.87 5.29
N THR B 52 -6.43 51.41 4.45
CA THR B 52 -6.06 50.76 3.21
C THR B 52 -4.97 49.71 3.48
N VAL B 53 -5.23 48.48 3.04
CA VAL B 53 -4.28 47.39 3.18
C VAL B 53 -4.06 46.77 1.81
N TYR B 54 -2.79 46.67 1.40
CA TYR B 54 -2.43 46.10 0.11
C TYR B 54 -2.08 44.63 0.29
N PHE B 55 -2.65 43.78 -0.55
CA PHE B 55 -2.44 42.35 -0.49
C PHE B 55 -1.82 41.87 -1.80
N SER B 56 -0.93 40.88 -1.69
CA SER B 56 -0.24 40.34 -2.84
C SER B 56 0.22 38.92 -2.51
N LEU B 57 0.81 38.26 -3.49
CA LEU B 57 1.26 36.88 -3.35
C LEU B 57 2.64 36.73 -3.99
N SER B 58 3.34 35.68 -3.57
CA SER B 58 4.62 35.30 -4.16
C SER B 58 4.65 33.77 -4.23
N LEU B 59 4.20 33.23 -5.35
CA LEU B 59 4.17 31.79 -5.54
C LEU B 59 5.59 31.25 -5.63
N LEU B 60 5.87 30.18 -4.90
CA LEU B 60 7.21 29.61 -4.85
C LEU B 60 7.28 28.18 -5.37
N GLN B 61 6.34 27.32 -5.01
CA GLN B 61 6.41 25.93 -5.40
C GLN B 61 5.03 25.29 -5.32
N ILE B 62 4.68 24.52 -6.35
CA ILE B 62 3.49 23.68 -6.33
C ILE B 62 3.95 22.29 -5.88
N MET B 63 3.66 21.95 -4.62
CA MET B 63 4.20 20.72 -4.05
C MET B 63 3.41 19.50 -4.51
N ASP B 64 2.11 19.46 -4.20
CA ASP B 64 1.30 18.29 -4.47
C ASP B 64 -0.07 18.72 -4.98
N VAL B 65 -0.54 18.06 -6.02
CA VAL B 65 -1.90 18.24 -6.53
C VAL B 65 -2.64 16.93 -6.28
N ASP B 66 -3.37 16.87 -5.18
CA ASP B 66 -4.05 15.64 -4.77
C ASP B 66 -5.33 15.49 -5.55
N GLU B 67 -5.36 14.51 -6.47
CA GLU B 67 -6.54 14.31 -7.30
C GLU B 67 -7.67 13.65 -6.51
N LYS B 68 -7.34 12.67 -5.66
CA LYS B 68 -8.36 11.88 -5.00
C LYS B 68 -9.13 12.72 -3.98
N ASN B 69 -8.41 13.42 -3.11
CA ASN B 69 -9.05 14.19 -2.04
C ASN B 69 -9.22 15.67 -2.38
N GLN B 70 -8.83 16.09 -3.59
CA GLN B 70 -9.07 17.44 -4.08
C GLN B 70 -8.45 18.50 -3.16
N VAL B 71 -7.13 18.40 -3.01
CA VAL B 71 -6.37 19.33 -2.19
C VAL B 71 -5.13 19.74 -2.96
N LEU B 72 -4.89 21.05 -3.07
CA LEU B 72 -3.71 21.59 -3.73
C LEU B 72 -2.79 22.19 -2.66
N THR B 73 -1.56 21.72 -2.63
CA THR B 73 -0.58 22.16 -1.64
C THR B 73 0.47 23.03 -2.33
N THR B 74 0.66 24.25 -1.84
CA THR B 74 1.56 25.21 -2.45
C THR B 74 2.46 25.82 -1.38
N ASN B 75 3.54 26.46 -1.84
CA ASN B 75 4.43 27.24 -0.99
C ASN B 75 4.24 28.71 -1.35
N ILE B 76 3.80 29.50 -0.38
CA ILE B 76 3.34 30.86 -0.61
C ILE B 76 4.00 31.81 0.38
N TRP B 77 4.35 33.00 -0.09
CA TRP B 77 4.79 34.11 0.76
C TRP B 77 3.75 35.21 0.66
N LEU B 78 2.93 35.37 1.69
CA LEU B 78 1.95 36.44 1.71
C LEU B 78 2.65 37.80 1.79
N GLN B 79 2.01 38.82 1.23
CA GLN B 79 2.54 40.18 1.25
C GLN B 79 1.44 41.12 1.68
N MET B 80 1.65 41.81 2.80
CA MET B 80 0.71 42.81 3.30
C MET B 80 1.46 44.09 3.61
N SER B 81 0.77 45.21 3.44
CA SER B 81 1.37 46.52 3.70
C SER B 81 0.26 47.51 4.04
N TRP B 82 0.50 48.32 5.07
CA TRP B 82 -0.46 49.34 5.48
C TRP B 82 0.28 50.43 6.22
N THR B 83 -0.39 51.56 6.38
CA THR B 83 0.18 52.73 7.02
C THR B 83 -0.36 52.85 8.44
N ASP B 84 0.55 52.97 9.41
CA ASP B 84 0.19 53.13 10.81
C ASP B 84 0.31 54.58 11.22
N HIS B 85 -0.51 54.98 12.18
CA HIS B 85 -0.57 56.37 12.61
C HIS B 85 0.20 56.65 13.90
N TYR B 86 0.28 55.67 14.81
CA TYR B 86 0.95 55.88 16.08
C TYR B 86 2.43 55.56 16.05
N LEU B 87 2.88 54.77 15.08
CA LEU B 87 4.27 54.30 15.04
C LEU B 87 5.09 55.19 14.09
N GLN B 88 5.29 56.43 14.52
CA GLN B 88 6.08 57.39 13.76
C GLN B 88 7.04 58.12 14.69
N TRP B 89 8.16 58.55 14.14
CA TRP B 89 9.16 59.28 14.92
C TRP B 89 10.04 60.08 13.98
N ASN B 90 10.81 60.98 14.56
CA ASN B 90 11.76 61.81 13.81
C ASN B 90 13.14 61.17 13.83
N VAL B 91 13.73 61.01 12.66
CA VAL B 91 15.04 60.36 12.56
C VAL B 91 16.11 61.19 13.26
N SER B 92 15.99 62.52 13.21
CA SER B 92 17.00 63.39 13.85
C SER B 92 17.05 63.14 15.35
N GLU B 93 15.89 62.94 15.98
CA GLU B 93 15.85 62.70 17.42
C GLU B 93 16.50 61.36 17.78
N TYR B 94 16.48 60.40 16.87
CA TYR B 94 17.04 59.07 17.10
C TYR B 94 17.97 58.74 15.94
N PRO B 95 19.17 59.32 15.93
CA PRO B 95 20.09 59.06 14.81
C PRO B 95 20.52 57.61 14.77
N GLY B 96 20.71 57.10 13.55
CA GLY B 96 21.25 55.78 13.33
C GLY B 96 20.24 54.66 13.23
N VAL B 97 19.00 54.88 13.67
CA VAL B 97 17.96 53.86 13.62
C VAL B 97 16.91 54.31 12.62
N LYS B 98 16.61 53.44 11.65
CA LYS B 98 15.63 53.73 10.62
C LYS B 98 14.41 52.83 10.67
N THR B 99 14.56 51.58 11.07
CA THR B 99 13.47 50.63 11.11
C THR B 99 13.45 49.92 12.46
N VAL B 100 12.24 49.49 12.85
CA VAL B 100 12.06 48.72 14.07
C VAL B 100 11.22 47.49 13.73
N ARG B 101 11.37 46.45 14.55
CA ARG B 101 10.70 45.19 14.34
C ARG B 101 9.88 44.84 15.58
N PHE B 102 8.68 44.32 15.36
CA PHE B 102 7.80 43.93 16.45
C PHE B 102 7.35 42.48 16.26
N PRO B 103 7.27 41.71 17.34
CA PRO B 103 6.88 40.31 17.23
C PRO B 103 5.35 40.18 17.25
N ASP B 104 4.91 38.95 17.27
CA ASP B 104 3.48 38.67 17.30
C ASP B 104 2.87 39.10 18.63
N GLY B 105 1.67 39.68 18.56
CA GLY B 105 0.93 40.02 19.75
C GLY B 105 1.28 41.33 20.40
N GLN B 106 2.15 42.14 19.79
CA GLN B 106 2.51 43.43 20.35
C GLN B 106 2.02 44.61 19.52
N ILE B 107 1.65 44.40 18.26
CA ILE B 107 1.07 45.45 17.42
C ILE B 107 -0.11 44.85 16.66
N TRP B 108 -0.97 45.73 16.17
CA TRP B 108 -2.14 45.30 15.42
C TRP B 108 -1.75 44.91 14.00
N LYS B 109 -2.23 43.75 13.56
CA LYS B 109 -2.02 43.29 12.21
C LYS B 109 -3.33 42.75 11.65
N PRO B 110 -3.55 42.86 10.35
CA PRO B 110 -4.82 42.39 9.77
C PRO B 110 -4.99 40.89 9.90
N ASP B 111 -6.25 40.48 10.07
CA ASP B 111 -6.59 39.06 10.22
C ASP B 111 -7.00 38.45 8.89
N ILE B 112 -6.10 38.54 7.91
CA ILE B 112 -6.36 38.00 6.58
C ILE B 112 -6.22 36.49 6.63
N LEU B 113 -7.26 35.79 6.20
CA LEU B 113 -7.31 34.33 6.26
C LEU B 113 -7.76 33.77 4.92
N LEU B 114 -7.25 32.59 4.59
CA LEU B 114 -7.67 31.87 3.40
C LEU B 114 -9.03 31.25 3.68
N TYR B 115 -10.06 31.69 2.96
CA TYR B 115 -11.42 31.23 3.21
C TYR B 115 -11.56 29.73 2.95
N ASN B 116 -11.11 29.28 1.79
CA ASN B 116 -11.31 27.89 1.38
C ASN B 116 -10.06 27.06 1.69
N SER B 117 -9.78 26.93 2.99
CA SER B 117 -8.66 26.12 3.45
C SER B 117 -9.11 24.71 3.75
N ALA B 118 -8.16 23.78 3.71
CA ALA B 118 -8.42 22.37 3.99
C ALA B 118 -7.35 21.82 4.91
N ASP B 119 -6.93 22.63 5.88
CA ASP B 119 -5.91 22.23 6.85
C ASP B 119 -6.53 22.20 8.24
N GLU B 120 -6.01 21.29 9.08
CA GLU B 120 -6.51 21.20 10.45
C GLU B 120 -6.27 22.50 11.20
N ARG B 121 -5.08 23.08 11.04
CA ARG B 121 -4.81 24.43 11.54
C ARG B 121 -5.20 25.41 10.45
N PHE B 122 -6.30 26.12 10.67
CA PHE B 122 -6.84 27.00 9.63
C PHE B 122 -5.84 28.11 9.27
N ASP B 123 -5.00 28.51 10.22
CA ASP B 123 -3.99 29.54 9.98
C ASP B 123 -2.65 28.84 9.81
N ALA B 124 -2.29 28.56 8.56
CA ALA B 124 -1.07 27.85 8.23
C ALA B 124 0.09 28.79 7.92
N THR B 125 0.08 29.99 8.49
CA THR B 125 1.12 30.97 8.27
C THR B 125 2.03 31.02 9.48
N PHE B 126 3.34 31.00 9.24
CA PHE B 126 4.33 31.12 10.31
C PHE B 126 4.50 32.60 10.63
N HIS B 127 3.97 33.02 11.78
CA HIS B 127 3.96 34.44 12.15
C HIS B 127 5.38 34.93 12.36
N THR B 128 5.84 35.82 11.51
CA THR B 128 7.15 36.42 11.61
C THR B 128 7.04 37.83 12.17
N ASN B 129 8.16 38.55 12.20
CA ASN B 129 8.16 39.91 12.70
C ASN B 129 7.48 40.85 11.71
N VAL B 130 7.28 42.09 12.14
CA VAL B 130 6.72 43.14 11.29
C VAL B 130 7.75 44.25 11.19
N LEU B 131 8.11 44.60 9.95
CA LEU B 131 9.08 45.66 9.70
C LEU B 131 8.36 46.99 9.54
N VAL B 132 8.88 48.02 10.20
CA VAL B 132 8.20 49.32 10.29
C VAL B 132 9.08 50.39 9.68
N ASN B 133 8.44 51.35 9.00
CA ASN B 133 9.11 52.51 8.44
C ASN B 133 9.58 53.42 9.58
N SER B 134 10.14 54.57 9.21
CA SER B 134 10.26 55.70 10.11
C SER B 134 9.03 56.59 10.06
N SER B 135 8.06 56.26 9.21
CA SER B 135 6.86 57.07 9.05
C SER B 135 5.57 56.26 9.18
N GLY B 136 5.64 55.04 9.70
CA GLY B 136 4.47 54.25 10.00
C GLY B 136 4.15 53.14 9.03
N HIS B 137 4.75 53.15 7.85
CA HIS B 137 4.48 52.10 6.87
C HIS B 137 4.98 50.75 7.39
N CYS B 138 4.16 49.73 7.23
CA CYS B 138 4.44 48.40 7.77
C CYS B 138 4.52 47.38 6.64
N GLN B 139 5.34 46.36 6.83
CA GLN B 139 5.45 45.23 5.92
C GLN B 139 5.38 43.93 6.72
N TYR B 140 4.77 42.92 6.12
CA TYR B 140 4.54 41.65 6.82
C TYR B 140 4.51 40.55 5.77
N LEU B 141 5.48 39.64 5.83
CA LEU B 141 5.62 38.56 4.85
C LEU B 141 5.70 37.23 5.58
N PRO B 142 4.56 36.68 5.98
CA PRO B 142 4.55 35.39 6.69
C PRO B 142 4.56 34.24 5.70
N PRO B 143 5.59 33.41 5.71
CA PRO B 143 5.60 32.24 4.84
C PRO B 143 4.77 31.10 5.42
N GLY B 144 4.43 30.16 4.56
CA GLY B 144 3.68 28.99 4.99
C GLY B 144 3.31 28.12 3.81
N ILE B 145 2.96 26.88 4.13
CA ILE B 145 2.52 25.91 3.14
C ILE B 145 1.01 25.78 3.28
N PHE B 146 0.30 26.11 2.20
CA PHE B 146 -1.16 26.19 2.22
C PHE B 146 -1.75 24.96 1.55
N LYS B 147 -2.84 24.45 2.13
CA LYS B 147 -3.57 23.29 1.61
C LYS B 147 -5.00 23.72 1.35
N SER B 148 -5.26 24.25 0.16
CA SER B 148 -6.58 24.71 -0.20
C SER B 148 -7.42 23.53 -0.70
N SER B 149 -8.68 23.81 -1.05
CA SER B 149 -9.61 22.81 -1.56
C SER B 149 -10.21 23.32 -2.85
N CYS B 150 -9.80 22.74 -3.97
CA CYS B 150 -10.31 23.12 -5.28
C CYS B 150 -10.83 21.88 -6.00
N TYR B 151 -11.99 22.03 -6.64
CA TYR B 151 -12.56 20.93 -7.42
C TYR B 151 -11.66 20.62 -8.60
N ILE B 152 -11.39 19.32 -8.81
CA ILE B 152 -10.47 18.86 -9.83
C ILE B 152 -11.24 18.03 -10.84
N ASP B 153 -11.10 18.38 -12.12
CA ASP B 153 -11.78 17.67 -13.20
C ASP B 153 -10.81 16.73 -13.89
N VAL B 154 -11.25 15.49 -14.11
CA VAL B 154 -10.41 14.47 -14.73
C VAL B 154 -11.15 13.90 -15.94
N ARG B 155 -12.01 14.71 -16.56
CA ARG B 155 -12.73 14.26 -17.75
C ARG B 155 -11.76 13.96 -18.89
N TRP B 156 -10.75 14.82 -19.06
CA TRP B 156 -9.76 14.65 -20.12
C TRP B 156 -8.43 14.12 -19.58
N PHE B 157 -8.44 13.47 -18.42
CA PHE B 157 -7.21 12.94 -17.85
C PHE B 157 -6.58 11.93 -18.79
N PRO B 158 -5.27 11.99 -19.03
CA PRO B 158 -4.28 12.91 -18.45
C PRO B 158 -3.95 14.10 -19.33
N PHE B 159 -4.94 14.76 -19.93
CA PHE B 159 -4.72 15.96 -20.73
C PHE B 159 -5.41 17.16 -20.11
N ASP B 160 -5.70 17.13 -18.81
CA ASP B 160 -6.55 18.12 -18.17
C ASP B 160 -5.79 19.42 -17.90
N VAL B 161 -6.56 20.50 -17.80
CA VAL B 161 -6.07 21.79 -17.35
C VAL B 161 -7.01 22.28 -16.26
N GLN B 162 -6.48 22.51 -15.07
CA GLN B 162 -7.28 22.83 -13.90
C GLN B 162 -7.17 24.31 -13.55
N HIS B 163 -8.19 24.81 -12.85
CA HIS B 163 -8.23 26.19 -12.37
C HIS B 163 -8.57 26.16 -10.89
N CYS B 164 -7.56 26.03 -10.04
CA CYS B 164 -7.75 26.07 -8.60
C CYS B 164 -7.71 27.52 -8.10
N LYS B 165 -8.50 27.79 -7.07
CA LYS B 165 -8.70 29.15 -6.58
C LYS B 165 -8.18 29.29 -5.16
N LEU B 166 -7.71 30.49 -4.84
CA LEU B 166 -7.30 30.85 -3.48
C LEU B 166 -8.02 32.15 -3.12
N LYS B 167 -8.90 32.08 -2.13
CA LYS B 167 -9.71 33.22 -1.72
C LYS B 167 -9.17 33.78 -0.41
N PHE B 168 -8.87 35.08 -0.40
CA PHE B 168 -8.30 35.75 0.75
C PHE B 168 -9.17 36.94 1.12
N GLY B 169 -9.35 37.15 2.42
CA GLY B 169 -10.13 38.29 2.90
C GLY B 169 -10.09 38.37 4.41
N SER B 170 -10.41 39.55 4.91
CA SER B 170 -10.46 39.76 6.35
C SER B 170 -11.60 38.98 6.96
N TRP B 171 -11.35 38.38 8.12
CA TRP B 171 -12.34 37.51 8.74
C TRP B 171 -13.47 38.30 9.40
N SER B 172 -13.19 39.47 9.95
CA SER B 172 -14.18 40.22 10.71
C SER B 172 -14.28 41.69 10.34
N TYR B 173 -13.28 42.29 9.69
CA TYR B 173 -13.31 43.70 9.40
C TYR B 173 -14.11 44.00 8.14
N GLY B 174 -14.72 45.17 8.10
CA GLY B 174 -15.57 45.58 7.00
C GLY B 174 -14.89 46.54 6.04
N GLY B 175 -15.57 46.79 4.92
CA GLY B 175 -15.03 47.69 3.91
C GLY B 175 -14.91 49.12 4.38
N TRP B 176 -15.86 49.58 5.20
CA TRP B 176 -15.75 50.92 5.75
C TRP B 176 -14.61 51.05 6.76
N SER B 177 -14.02 49.94 7.17
CA SER B 177 -12.90 49.95 8.12
C SER B 177 -11.61 49.44 7.51
N LEU B 178 -11.68 48.43 6.63
CA LEU B 178 -10.48 47.82 6.05
C LEU B 178 -10.83 47.42 4.62
N ASP B 179 -10.32 48.17 3.65
CA ASP B 179 -10.55 47.90 2.23
C ASP B 179 -9.28 47.30 1.64
N LEU B 180 -9.36 46.05 1.21
CA LEU B 180 -8.21 45.39 0.59
C LEU B 180 -7.94 45.95 -0.79
N GLN B 181 -6.67 45.94 -1.18
CA GLN B 181 -6.23 46.32 -2.51
C GLN B 181 -5.33 45.23 -3.06
N MET B 182 -5.48 44.92 -4.34
CA MET B 182 -4.76 43.82 -4.96
C MET B 182 -3.51 44.32 -5.67
N GLN B 183 -2.41 43.61 -5.46
CA GLN B 183 -1.19 43.83 -6.23
C GLN B 183 -0.90 42.57 -7.04
N GLU B 184 -0.30 42.76 -8.21
CA GLU B 184 -0.07 41.64 -9.12
C GLU B 184 0.84 40.61 -8.47
N ALA B 185 0.56 39.33 -8.73
CA ALA B 185 1.29 38.24 -8.11
C ALA B 185 2.73 38.21 -8.61
N ASP B 186 3.61 37.65 -7.79
CA ASP B 186 5.03 37.51 -8.10
C ASP B 186 5.34 36.05 -8.40
N ILE B 187 6.03 35.82 -9.51
CA ILE B 187 6.41 34.46 -9.91
C ILE B 187 7.89 34.43 -10.24
N SER B 188 8.64 35.42 -9.75
CA SER B 188 10.07 35.50 -10.05
C SER B 188 10.82 34.32 -9.44
N GLY B 189 10.47 33.94 -8.21
CA GLY B 189 11.17 32.86 -7.53
C GLY B 189 10.51 31.52 -7.68
N TYR B 190 9.62 31.38 -8.67
CA TYR B 190 8.91 30.13 -8.87
C TYR B 190 9.88 29.03 -9.28
N ILE B 191 9.72 27.86 -8.66
CA ILE B 191 10.54 26.69 -8.96
C ILE B 191 9.73 25.79 -9.89
N PRO B 192 10.21 25.50 -11.10
CA PRO B 192 9.43 24.65 -12.01
C PRO B 192 9.21 23.27 -11.43
N ASN B 193 8.02 22.72 -11.70
CA ASN B 193 7.64 21.39 -11.23
C ASN B 193 7.67 20.41 -12.39
N GLY B 194 8.18 19.22 -12.13
CA GLY B 194 8.34 18.22 -13.18
C GLY B 194 7.05 17.55 -13.61
N GLU B 195 5.94 17.77 -12.89
CA GLU B 195 4.68 17.14 -13.22
C GLU B 195 3.60 18.11 -13.68
N TRP B 196 3.70 19.38 -13.32
CA TRP B 196 2.71 20.37 -13.70
C TRP B 196 3.40 21.58 -14.32
N ASP B 197 2.83 22.09 -15.40
CA ASP B 197 3.34 23.26 -16.09
C ASP B 197 2.46 24.46 -15.76
N LEU B 198 3.03 25.44 -15.08
CA LEU B 198 2.26 26.61 -14.69
C LEU B 198 1.97 27.49 -15.89
N VAL B 199 0.71 27.86 -16.08
CA VAL B 199 0.31 28.75 -17.16
C VAL B 199 0.32 30.20 -16.71
N GLY B 200 -0.27 30.47 -15.55
CA GLY B 200 -0.30 31.81 -15.00
C GLY B 200 -1.16 31.89 -13.76
N ILE B 201 -0.98 32.94 -12.96
CA ILE B 201 -1.74 33.10 -11.73
C ILE B 201 -2.35 34.49 -11.70
N PRO B 202 -3.47 34.70 -12.39
CA PRO B 202 -4.13 36.01 -12.36
C PRO B 202 -4.98 36.18 -11.10
N GLY B 203 -5.42 37.41 -10.90
CA GLY B 203 -6.29 37.73 -9.78
C GLY B 203 -6.91 39.09 -9.97
N LYS B 204 -8.02 39.30 -9.26
CA LYS B 204 -8.75 40.57 -9.35
C LYS B 204 -9.49 40.84 -8.05
N ARG B 205 -9.66 42.12 -7.75
CA ARG B 205 -10.39 42.54 -6.56
C ARG B 205 -11.89 42.51 -6.83
N SER B 206 -12.66 42.08 -5.84
CA SER B 206 -14.10 41.99 -5.97
C SER B 206 -14.76 42.58 -4.73
N GLU B 207 -15.96 43.13 -4.93
CA GLU B 207 -16.74 43.74 -3.86
C GLU B 207 -18.06 43.00 -3.71
N ARG B 208 -18.39 42.62 -2.48
CA ARG B 208 -19.62 41.90 -2.18
C ARG B 208 -20.43 42.72 -1.18
N PHE B 209 -21.55 43.27 -1.65
CA PHE B 209 -22.44 44.01 -0.78
C PHE B 209 -23.34 43.06 0.00
N TYR B 210 -23.84 43.54 1.13
CA TYR B 210 -24.69 42.75 2.00
C TYR B 210 -26.16 43.18 1.81
N GLU B 211 -27.06 42.61 2.61
CA GLU B 211 -28.49 42.86 2.48
C GLU B 211 -28.90 44.10 3.28
N CYS B 212 -28.59 44.11 4.57
CA CYS B 212 -28.93 45.23 5.45
C CYS B 212 -28.31 46.54 5.03
N CYS B 213 -27.03 46.51 4.68
CA CYS B 213 -26.18 47.69 4.81
C CYS B 213 -25.38 47.87 3.52
N LYS B 214 -25.05 49.12 3.20
CA LYS B 214 -24.37 49.44 1.95
C LYS B 214 -22.86 49.23 2.07
N GLU B 215 -22.42 48.49 3.08
CA GLU B 215 -20.99 48.26 3.30
C GLU B 215 -20.45 47.29 2.26
N PRO B 216 -19.49 47.69 1.44
CA PRO B 216 -18.78 46.73 0.61
C PRO B 216 -17.86 45.86 1.46
N TYR B 217 -17.58 44.66 0.95
CA TYR B 217 -16.69 43.73 1.63
C TYR B 217 -15.66 43.25 0.62
N PRO B 218 -14.57 43.98 0.45
CA PRO B 218 -13.58 43.64 -0.59
C PRO B 218 -12.85 42.35 -0.28
N ASP B 219 -12.33 41.74 -1.35
CA ASP B 219 -11.50 40.56 -1.24
C ASP B 219 -10.60 40.46 -2.46
N VAL B 220 -9.57 39.62 -2.35
CA VAL B 220 -8.66 39.35 -3.45
C VAL B 220 -8.63 37.84 -3.66
N THR B 221 -8.97 37.40 -4.87
CA THR B 221 -9.00 36.00 -5.23
C THR B 221 -7.95 35.71 -6.28
N PHE B 222 -7.11 34.72 -6.02
CA PHE B 222 -6.05 34.31 -6.95
C PHE B 222 -6.39 32.93 -7.47
N THR B 223 -6.47 32.78 -8.78
CA THR B 223 -6.76 31.52 -9.43
C THR B 223 -5.52 31.02 -10.15
N VAL B 224 -5.17 29.76 -9.93
CA VAL B 224 -3.97 29.17 -10.50
C VAL B 224 -4.36 28.31 -11.69
N THR B 225 -3.73 28.57 -12.83
CA THR B 225 -3.95 27.79 -14.04
C THR B 225 -2.70 26.98 -14.32
N MET B 226 -2.84 25.65 -14.34
CA MET B 226 -1.72 24.75 -14.55
C MET B 226 -2.12 23.65 -15.52
N ARG B 227 -1.16 23.20 -16.32
CA ARG B 227 -1.38 22.18 -17.34
C ARG B 227 -0.54 20.96 -17.00
N ARG B 228 -1.17 19.78 -17.03
CA ARG B 228 -0.47 18.55 -16.71
C ARG B 228 0.50 18.18 -17.81
N ARG B 229 1.68 17.71 -17.41
CA ARG B 229 2.67 17.18 -18.34
C ARG B 229 2.39 15.70 -18.58
N THR B 230 2.29 15.31 -19.84
CA THR B 230 1.74 14.02 -20.22
C THR B 230 2.79 12.98 -20.59
N LEU B 231 4.08 13.30 -20.48
CA LEU B 231 5.11 12.36 -20.95
C LEU B 231 5.09 11.06 -20.16
N TYR B 232 5.00 11.16 -18.83
CA TYR B 232 5.06 9.98 -17.99
C TYR B 232 3.93 9.01 -18.30
N TYR B 233 2.69 9.52 -18.29
CA TYR B 233 1.55 8.66 -18.59
C TYR B 233 1.58 8.15 -20.01
N GLY B 234 1.89 9.02 -20.97
CA GLY B 234 1.97 8.60 -22.35
C GLY B 234 3.03 7.55 -22.61
N LEU B 235 4.04 7.47 -21.76
CA LEU B 235 5.07 6.45 -21.92
C LEU B 235 4.77 5.18 -21.13
N ASN B 236 4.08 5.27 -20.00
CA ASN B 236 3.89 4.11 -19.15
C ASN B 236 2.52 3.46 -19.27
N LEU B 237 1.52 4.14 -19.78
CA LEU B 237 0.16 3.59 -19.86
C LEU B 237 -0.30 3.39 -21.29
N LEU B 238 -0.28 4.45 -22.12
CA LEU B 238 -0.84 4.35 -23.46
C LEU B 238 -0.03 3.40 -24.33
N ILE B 239 1.29 3.59 -24.37
CA ILE B 239 2.14 2.77 -25.23
C ILE B 239 2.10 1.28 -24.83
N PRO B 240 2.34 0.90 -23.57
CA PRO B 240 2.29 -0.53 -23.25
C PRO B 240 0.92 -1.15 -23.47
N CYS B 241 -0.15 -0.46 -23.08
CA CYS B 241 -1.49 -1.02 -23.24
C CYS B 241 -1.82 -1.24 -24.71
N VAL B 242 -1.50 -0.27 -25.57
CA VAL B 242 -1.76 -0.46 -26.98
C VAL B 242 -0.87 -1.54 -27.56
N LEU B 243 0.34 -1.73 -27.00
CA LEU B 243 1.18 -2.83 -27.47
C LEU B 243 0.56 -4.19 -27.13
N ILE B 244 0.04 -4.35 -25.91
CA ILE B 244 -0.64 -5.61 -25.58
C ILE B 244 -1.90 -5.79 -26.43
N SER B 245 -2.62 -4.70 -26.68
CA SER B 245 -3.81 -4.81 -27.53
C SER B 245 -3.44 -5.26 -28.94
N ALA B 246 -2.35 -4.73 -29.49
CA ALA B 246 -1.89 -5.18 -30.79
C ALA B 246 -1.44 -6.63 -30.77
N LEU B 247 -0.74 -7.03 -29.70
CA LEU B 247 -0.29 -8.41 -29.59
C LEU B 247 -1.46 -9.37 -29.50
N ALA B 248 -2.59 -8.92 -28.94
CA ALA B 248 -3.77 -9.78 -28.85
C ALA B 248 -4.32 -10.16 -30.22
N LEU B 249 -3.96 -9.43 -31.27
CA LEU B 249 -4.46 -9.72 -32.61
C LEU B 249 -3.73 -10.87 -33.29
N LEU B 250 -2.62 -11.34 -32.72
CA LEU B 250 -1.84 -12.40 -33.34
C LEU B 250 -2.58 -13.73 -33.35
N VAL B 251 -3.65 -13.88 -32.56
CA VAL B 251 -4.39 -15.13 -32.52
C VAL B 251 -4.94 -15.47 -33.89
N PHE B 252 -5.24 -14.46 -34.70
CA PHE B 252 -5.80 -14.69 -36.03
C PHE B 252 -4.75 -15.10 -37.06
N LEU B 253 -3.47 -14.94 -36.75
CA LEU B 253 -2.40 -15.40 -37.63
C LEU B 253 -1.81 -16.73 -37.18
N LEU B 254 -2.30 -17.29 -36.09
CA LEU B 254 -1.82 -18.56 -35.55
C LEU B 254 -2.60 -19.71 -36.16
N PRO B 255 -1.93 -20.71 -36.75
CA PRO B 255 -2.66 -21.84 -37.31
C PRO B 255 -3.45 -22.58 -36.25
N ALA B 256 -4.64 -23.05 -36.63
CA ALA B 256 -5.52 -23.72 -35.67
C ALA B 256 -5.04 -25.10 -35.28
N ASP B 257 -4.10 -25.69 -36.05
CA ASP B 257 -3.60 -27.02 -35.72
C ASP B 257 -2.91 -27.02 -34.37
N SER B 258 -2.10 -26.02 -34.10
CA SER B 258 -1.52 -25.86 -32.77
C SER B 258 -2.61 -25.51 -31.77
N GLY B 259 -2.39 -25.91 -30.52
CA GLY B 259 -3.40 -25.75 -29.49
C GLY B 259 -3.13 -24.61 -28.53
N GLU B 260 -2.69 -23.46 -29.06
CA GLU B 260 -2.32 -22.32 -28.22
C GLU B 260 -3.21 -21.10 -28.43
N LYS B 261 -4.28 -21.21 -29.23
CA LYS B 261 -5.09 -20.04 -29.55
C LYS B 261 -5.81 -19.51 -28.31
N ILE B 262 -6.61 -20.36 -27.65
CA ILE B 262 -7.35 -19.93 -26.47
C ILE B 262 -6.39 -19.55 -25.35
N SER B 263 -5.31 -20.32 -25.19
CA SER B 263 -4.33 -20.00 -24.15
C SER B 263 -3.75 -18.61 -24.36
N LEU B 264 -3.36 -18.30 -25.61
CA LEU B 264 -2.80 -16.99 -25.91
C LEU B 264 -3.81 -15.89 -25.65
N GLY B 265 -5.04 -16.06 -26.14
CA GLY B 265 -6.05 -15.02 -25.94
C GLY B 265 -6.34 -14.76 -24.47
N ILE B 266 -6.52 -15.83 -23.70
CA ILE B 266 -6.82 -15.68 -22.29
C ILE B 266 -5.62 -15.12 -21.53
N THR B 267 -4.40 -15.39 -22.00
CA THR B 267 -3.24 -14.82 -21.34
C THR B 267 -3.13 -13.32 -21.59
N VAL B 268 -3.44 -12.88 -22.82
CA VAL B 268 -3.51 -11.44 -23.05
C VAL B 268 -4.61 -10.81 -22.20
N LEU B 269 -5.73 -11.52 -22.03
CA LEU B 269 -6.77 -11.02 -21.14
C LEU B 269 -6.27 -10.88 -19.71
N LEU B 270 -5.52 -11.88 -19.24
CA LEU B 270 -4.95 -11.81 -17.89
C LEU B 270 -3.99 -10.64 -17.74
N SER B 271 -3.15 -10.42 -18.75
CA SER B 271 -2.24 -9.28 -18.72
C SER B 271 -3.01 -7.97 -18.67
N LEU B 272 -4.10 -7.87 -19.44
CA LEU B 272 -4.92 -6.67 -19.42
C LEU B 272 -5.55 -6.47 -18.05
N THR B 273 -6.00 -7.54 -17.41
CA THR B 273 -6.55 -7.43 -16.06
C THR B 273 -5.50 -6.96 -15.07
N VAL B 274 -4.27 -7.48 -15.19
CA VAL B 274 -3.20 -7.04 -14.31
C VAL B 274 -2.90 -5.56 -14.52
N PHE B 275 -2.92 -5.10 -15.77
CA PHE B 275 -2.67 -3.69 -16.04
C PHE B 275 -3.80 -2.83 -15.51
N MET B 276 -5.04 -3.33 -15.57
CA MET B 276 -6.16 -2.66 -14.93
C MET B 276 -5.93 -2.52 -13.42
N LEU B 277 -5.45 -3.59 -12.78
CA LEU B 277 -5.15 -3.53 -11.36
C LEU B 277 -4.07 -2.49 -11.08
N LEU B 278 -3.05 -2.43 -11.93
CA LEU B 278 -2.00 -1.43 -11.76
C LEU B 278 -2.56 -0.02 -11.88
N VAL B 279 -3.45 0.21 -12.86
CA VAL B 279 -3.92 1.56 -13.15
C VAL B 279 -5.06 2.01 -12.26
N ALA B 280 -5.72 1.10 -11.54
CA ALA B 280 -6.93 1.45 -10.82
C ALA B 280 -6.69 2.50 -9.74
N GLU B 281 -5.46 2.60 -9.21
CA GLU B 281 -5.22 3.43 -8.05
C GLU B 281 -4.92 4.89 -8.38
N ILE B 282 -4.85 5.27 -9.65
CA ILE B 282 -4.41 6.62 -10.00
C ILE B 282 -5.57 7.60 -9.96
N MET B 283 -6.58 7.38 -10.81
CA MET B 283 -7.68 8.33 -10.90
C MET B 283 -8.55 8.28 -9.65
N PRO B 284 -9.24 9.37 -9.32
CA PRO B 284 -10.09 9.38 -8.13
C PRO B 284 -11.36 8.55 -8.31
N ALA B 285 -12.24 8.58 -7.31
CA ALA B 285 -13.48 7.84 -7.33
C ALA B 285 -14.68 8.72 -7.71
N THR B 286 -14.47 9.69 -8.59
CA THR B 286 -15.53 10.59 -8.97
C THR B 286 -16.60 9.86 -9.79
N SER B 287 -17.77 10.49 -9.88
CA SER B 287 -18.88 9.92 -10.64
C SER B 287 -19.60 10.97 -11.48
N ASP B 288 -18.95 12.09 -11.78
CA ASP B 288 -19.57 13.13 -12.58
C ASP B 288 -19.33 12.94 -14.08
N SER B 289 -18.23 12.28 -14.45
CA SER B 289 -17.93 12.07 -15.85
C SER B 289 -16.99 10.88 -15.98
N VAL B 290 -17.12 10.15 -17.08
CA VAL B 290 -16.28 8.98 -17.35
C VAL B 290 -14.94 9.47 -17.87
N PRO B 291 -13.84 9.12 -17.21
CA PRO B 291 -12.52 9.55 -17.68
C PRO B 291 -12.16 8.94 -19.03
N LEU B 292 -11.35 9.69 -19.79
CA LEU B 292 -10.91 9.23 -21.09
C LEU B 292 -10.13 7.93 -21.00
N ILE B 293 -9.31 7.79 -19.94
CA ILE B 293 -8.56 6.56 -19.77
C ILE B 293 -9.52 5.40 -19.51
N ALA B 294 -10.60 5.66 -18.78
CA ALA B 294 -11.60 4.62 -18.55
C ALA B 294 -12.26 4.21 -19.86
N GLN B 295 -12.62 5.19 -20.70
CA GLN B 295 -13.22 4.87 -21.99
C GLN B 295 -12.29 4.02 -22.84
N TYR B 296 -11.02 4.42 -22.92
CA TYR B 296 -10.06 3.70 -23.75
C TYR B 296 -9.83 2.29 -23.24
N PHE B 297 -9.71 2.13 -21.91
CA PHE B 297 -9.48 0.80 -21.37
C PHE B 297 -10.69 -0.11 -21.57
N ALA B 298 -11.90 0.45 -21.41
CA ALA B 298 -13.10 -0.34 -21.68
C ALA B 298 -13.14 -0.78 -23.13
N SER B 299 -12.79 0.11 -24.06
CA SER B 299 -12.76 -0.26 -25.46
C SER B 299 -11.77 -1.39 -25.70
N THR B 300 -10.58 -1.29 -25.11
CA THR B 300 -9.57 -2.32 -25.31
C THR B 300 -10.02 -3.67 -24.77
N MET B 301 -10.59 -3.69 -23.57
CA MET B 301 -10.99 -4.96 -22.98
C MET B 301 -12.16 -5.57 -23.75
N ILE B 302 -13.08 -4.74 -24.24
CA ILE B 302 -14.18 -5.25 -25.04
C ILE B 302 -13.65 -5.85 -26.34
N ILE B 303 -12.69 -5.18 -26.97
CA ILE B 303 -12.09 -5.73 -28.20
C ILE B 303 -11.45 -7.08 -27.93
N VAL B 304 -10.70 -7.19 -26.82
CA VAL B 304 -10.04 -8.45 -26.52
C VAL B 304 -11.05 -9.57 -26.26
N GLY B 305 -12.11 -9.26 -25.53
CA GLY B 305 -13.15 -10.26 -25.29
C GLY B 305 -13.81 -10.73 -26.58
N LEU B 306 -14.13 -9.78 -27.47
CA LEU B 306 -14.72 -10.16 -28.75
C LEU B 306 -13.76 -11.01 -29.57
N SER B 307 -12.46 -10.70 -29.50
CA SER B 307 -11.47 -11.52 -30.20
C SER B 307 -11.46 -12.94 -29.66
N VAL B 308 -11.56 -13.10 -28.33
CA VAL B 308 -11.62 -14.44 -27.76
C VAL B 308 -12.86 -15.18 -28.23
N VAL B 309 -14.00 -14.48 -28.28
CA VAL B 309 -15.24 -15.12 -28.76
C VAL B 309 -15.07 -15.59 -30.21
N VAL B 310 -14.48 -14.74 -31.06
CA VAL B 310 -14.27 -15.12 -32.45
C VAL B 310 -13.32 -16.30 -32.55
N THR B 311 -12.28 -16.34 -31.72
CA THR B 311 -11.35 -17.45 -31.74
C THR B 311 -12.05 -18.76 -31.37
N VAL B 312 -12.94 -18.71 -30.38
CA VAL B 312 -13.72 -19.89 -30.02
C VAL B 312 -14.59 -20.34 -31.19
N ILE B 313 -15.23 -19.39 -31.87
CA ILE B 313 -16.07 -19.74 -33.01
C ILE B 313 -15.23 -20.42 -34.11
N VAL B 314 -14.06 -19.85 -34.39
CA VAL B 314 -13.18 -20.41 -35.41
C VAL B 314 -12.75 -21.82 -35.03
N LEU B 315 -12.41 -22.02 -33.75
CA LEU B 315 -11.99 -23.35 -33.29
C LEU B 315 -13.12 -24.35 -33.44
N GLN B 316 -14.34 -23.97 -33.09
CA GLN B 316 -15.46 -24.90 -33.25
C GLN B 316 -15.77 -25.14 -34.72
N TYR B 317 -15.40 -24.22 -35.61
CA TYR B 317 -15.51 -24.49 -37.04
C TYR B 317 -14.45 -25.47 -37.51
N HIS B 318 -13.24 -25.37 -36.95
CA HIS B 318 -12.13 -26.17 -37.44
C HIS B 318 -12.27 -27.63 -37.05
N HIS B 319 -12.70 -27.90 -35.81
CA HIS B 319 -12.85 -29.25 -35.31
C HIS B 319 -14.24 -29.82 -35.54
N HIS B 320 -14.93 -29.35 -36.58
CA HIS B 320 -16.27 -29.84 -36.89
C HIS B 320 -16.22 -31.30 -37.29
N ASP B 321 -17.17 -32.07 -36.80
CA ASP B 321 -17.19 -33.51 -37.07
C ASP B 321 -17.51 -33.76 -38.54
N PRO B 322 -16.70 -34.56 -39.25
CA PRO B 322 -16.99 -34.82 -40.67
C PRO B 322 -18.31 -35.54 -40.90
N ASP B 323 -18.82 -36.27 -39.90
CA ASP B 323 -20.06 -37.01 -40.04
C ASP B 323 -21.29 -36.21 -39.62
N GLY B 324 -21.11 -34.95 -39.24
CA GLY B 324 -22.22 -34.10 -38.83
C GLY B 324 -22.95 -33.52 -40.02
N GLY B 325 -23.71 -32.46 -39.75
CA GLY B 325 -24.44 -31.81 -40.82
C GLY B 325 -23.50 -31.18 -41.83
N LYS B 326 -23.87 -31.29 -43.10
CA LYS B 326 -23.07 -30.72 -44.17
C LYS B 326 -23.19 -29.20 -44.17
N MET B 327 -22.28 -28.56 -44.91
CA MET B 327 -22.30 -27.11 -45.02
C MET B 327 -23.58 -26.65 -45.69
N PRO B 328 -24.33 -25.73 -45.08
CA PRO B 328 -25.48 -25.15 -45.79
C PRO B 328 -25.03 -24.43 -47.04
N LYS B 329 -25.89 -24.47 -48.07
CA LYS B 329 -25.54 -23.87 -49.35
C LYS B 329 -25.30 -22.38 -49.21
N TRP B 330 -26.13 -21.70 -48.40
CA TRP B 330 -25.96 -20.26 -48.20
C TRP B 330 -24.61 -19.95 -47.59
N THR B 331 -24.24 -20.66 -46.52
CA THR B 331 -22.94 -20.41 -45.88
C THR B 331 -21.80 -20.74 -46.82
N ARG B 332 -21.92 -21.85 -47.57
CA ARG B 332 -20.87 -22.22 -48.50
C ARG B 332 -20.64 -21.14 -49.55
N VAL B 333 -21.72 -20.70 -50.20
CA VAL B 333 -21.57 -19.70 -51.25
C VAL B 333 -21.11 -18.37 -50.68
N ILE B 334 -21.55 -18.02 -49.47
CA ILE B 334 -21.16 -16.75 -48.87
C ILE B 334 -19.67 -16.75 -48.55
N LEU B 335 -19.19 -17.81 -47.88
CA LEU B 335 -17.80 -17.82 -47.45
C LEU B 335 -16.86 -18.28 -48.57
N LEU B 336 -16.97 -19.55 -48.96
CA LEU B 336 -15.91 -20.18 -49.74
C LEU B 336 -15.74 -19.55 -51.12
N ASN B 337 -16.77 -18.89 -51.64
CA ASN B 337 -16.67 -18.22 -52.93
C ASN B 337 -16.39 -16.72 -52.78
N TRP B 338 -17.27 -16.01 -52.07
CA TRP B 338 -17.16 -14.56 -52.01
C TRP B 338 -15.93 -14.12 -51.22
N CYS B 339 -15.71 -14.71 -50.03
CA CYS B 339 -14.57 -14.28 -49.23
C CYS B 339 -13.26 -14.63 -49.91
N ALA B 340 -13.20 -15.81 -50.54
CA ALA B 340 -12.00 -16.18 -51.30
C ALA B 340 -11.77 -15.23 -52.47
N TRP B 341 -12.86 -14.77 -53.11
CA TRP B 341 -12.73 -13.75 -54.13
C TRP B 341 -12.14 -12.47 -53.55
N PHE B 342 -12.63 -12.05 -52.38
CA PHE B 342 -12.18 -10.81 -51.77
C PHE B 342 -10.79 -10.96 -51.16
N LEU B 343 -10.51 -12.09 -50.51
CA LEU B 343 -9.25 -12.29 -49.80
C LEU B 343 -8.15 -12.82 -50.69
N ARG B 344 -8.47 -13.23 -51.93
CA ARG B 344 -7.47 -13.70 -52.90
C ARG B 344 -6.66 -14.87 -52.35
N MET B 345 -7.37 -15.88 -51.85
CA MET B 345 -6.75 -17.12 -51.41
C MET B 345 -7.42 -18.30 -52.11
N LYS B 346 -6.62 -19.32 -52.42
CA LYS B 346 -7.08 -20.45 -53.22
C LYS B 346 -7.29 -21.67 -52.32
N ARG B 347 -8.45 -22.31 -52.49
CA ARG B 347 -8.72 -23.54 -51.76
C ARG B 347 -7.84 -24.66 -52.28
N PRO B 348 -7.26 -25.46 -51.38
CA PRO B 348 -6.47 -26.62 -51.80
C PRO B 348 -7.29 -27.60 -52.62
N GLY B 349 -6.93 -27.80 -53.89
CA GLY B 349 -7.70 -28.67 -54.77
C GLY B 349 -9.09 -28.15 -55.04
N ASP B 430 -9.94 -71.50 -57.08
CA ASP B 430 -10.75 -70.44 -57.68
C ASP B 430 -11.74 -69.78 -56.70
N PRO B 431 -12.48 -70.57 -55.90
CA PRO B 431 -13.31 -69.93 -54.86
C PRO B 431 -12.49 -69.07 -53.92
N ASP B 432 -11.30 -69.53 -53.55
CA ASP B 432 -10.40 -68.73 -52.72
C ASP B 432 -10.01 -67.43 -53.41
N LEU B 433 -9.87 -67.47 -54.74
CA LEU B 433 -9.63 -66.24 -55.49
C LEU B 433 -10.79 -65.26 -55.31
N ALA B 434 -12.02 -65.76 -55.36
CA ALA B 434 -13.17 -64.90 -55.12
C ALA B 434 -13.14 -64.33 -53.70
N LYS B 435 -12.77 -65.17 -52.73
CA LYS B 435 -12.73 -64.70 -51.34
C LYS B 435 -11.72 -63.57 -51.16
N ILE B 436 -10.51 -63.73 -51.69
CA ILE B 436 -9.52 -62.68 -51.55
C ILE B 436 -9.95 -61.45 -52.34
N LEU B 437 -10.67 -61.65 -53.44
CA LEU B 437 -11.19 -60.52 -54.20
C LEU B 437 -12.14 -59.69 -53.35
N GLU B 438 -13.07 -60.37 -52.65
CA GLU B 438 -13.98 -59.63 -51.77
C GLU B 438 -13.23 -58.96 -50.63
N GLU B 439 -12.20 -59.62 -50.07
CA GLU B 439 -11.45 -59.00 -48.98
C GLU B 439 -10.77 -57.72 -49.43
N VAL B 440 -10.06 -57.77 -50.56
CA VAL B 440 -9.38 -56.58 -51.05
C VAL B 440 -10.38 -55.51 -51.48
N ARG B 441 -11.54 -55.92 -52.00
CA ARG B 441 -12.58 -54.95 -52.34
C ARG B 441 -13.06 -54.21 -51.11
N TYR B 442 -13.29 -54.95 -50.02
CA TYR B 442 -13.73 -54.31 -48.78
C TYR B 442 -12.67 -53.35 -48.26
N ILE B 443 -11.40 -53.75 -48.31
CA ILE B 443 -10.33 -52.86 -47.84
C ILE B 443 -10.28 -51.60 -48.68
N ALA B 444 -10.36 -51.75 -50.00
CA ALA B 444 -10.29 -50.59 -50.89
C ALA B 444 -11.47 -49.65 -50.67
N ASN B 445 -12.67 -50.20 -50.48
CA ASN B 445 -13.83 -49.35 -50.23
C ASN B 445 -13.70 -48.61 -48.90
N ARG B 446 -13.15 -49.28 -47.88
CA ARG B 446 -12.89 -48.60 -46.62
C ARG B 446 -11.94 -47.43 -46.82
N PHE B 447 -10.88 -47.64 -47.59
CA PHE B 447 -9.93 -46.54 -47.82
C PHE B 447 -10.58 -45.41 -48.60
N ARG B 448 -11.43 -45.74 -49.57
CA ARG B 448 -12.12 -44.70 -50.34
C ARG B 448 -13.03 -43.86 -49.46
N CYS B 449 -13.79 -44.52 -48.57
CA CYS B 449 -14.65 -43.78 -47.66
C CYS B 449 -13.84 -42.89 -46.72
N GLN B 450 -12.71 -43.40 -46.24
CA GLN B 450 -11.85 -42.59 -45.40
C GLN B 450 -11.35 -41.36 -46.15
N ASP B 451 -10.97 -41.53 -47.42
CA ASP B 451 -10.46 -40.41 -48.20
C ASP B 451 -11.53 -39.34 -48.42
N GLU B 452 -12.76 -39.77 -48.76
CA GLU B 452 -13.80 -38.76 -48.98
C GLU B 452 -14.17 -38.05 -47.67
N SER B 453 -14.17 -38.77 -46.55
CA SER B 453 -14.40 -38.11 -45.27
C SER B 453 -13.30 -37.10 -44.97
N GLU B 454 -12.05 -37.45 -45.29
CA GLU B 454 -10.95 -36.52 -45.08
C GLU B 454 -11.13 -35.26 -45.91
N ALA B 455 -11.57 -35.41 -47.16
CA ALA B 455 -11.82 -34.22 -48.00
C ALA B 455 -12.94 -33.37 -47.40
N VAL B 456 -13.99 -34.02 -46.90
CA VAL B 456 -15.09 -33.29 -46.27
C VAL B 456 -14.59 -32.48 -45.09
N CYS B 457 -13.72 -33.06 -44.27
CA CYS B 457 -13.16 -32.32 -43.15
C CYS B 457 -12.24 -31.19 -43.62
N SER B 458 -11.50 -31.42 -44.70
CA SER B 458 -10.59 -30.40 -45.21
C SER B 458 -11.34 -29.16 -45.66
N GLU B 459 -12.53 -29.34 -46.24
CA GLU B 459 -13.30 -28.19 -46.69
C GLU B 459 -13.72 -27.31 -45.51
N TRP B 460 -14.12 -27.93 -44.39
CA TRP B 460 -14.42 -27.15 -43.19
C TRP B 460 -13.19 -26.47 -42.64
N LYS B 461 -12.04 -27.15 -42.69
CA LYS B 461 -10.79 -26.51 -42.24
C LYS B 461 -10.50 -25.26 -43.07
N PHE B 462 -10.70 -25.35 -44.38
CA PHE B 462 -10.51 -24.17 -45.23
C PHE B 462 -11.49 -23.06 -44.89
N ALA B 463 -12.74 -23.43 -44.59
CA ALA B 463 -13.73 -22.41 -44.21
C ALA B 463 -13.29 -21.66 -42.96
N ALA B 464 -12.80 -22.40 -41.96
CA ALA B 464 -12.28 -21.73 -40.76
C ALA B 464 -11.09 -20.84 -41.09
N CYS B 465 -10.16 -21.35 -41.92
CA CYS B 465 -8.99 -20.57 -42.26
C CYS B 465 -9.35 -19.30 -43.02
N VAL B 466 -10.46 -19.31 -43.74
CA VAL B 466 -10.85 -18.11 -44.49
C VAL B 466 -11.69 -17.15 -43.66
N VAL B 467 -12.42 -17.64 -42.65
CA VAL B 467 -13.09 -16.68 -41.76
C VAL B 467 -12.08 -16.02 -40.84
N ASP B 468 -10.97 -16.70 -40.56
CA ASP B 468 -9.97 -16.16 -39.64
C ASP B 468 -9.40 -14.83 -40.13
N ARG B 469 -9.01 -14.76 -41.40
CA ARG B 469 -8.38 -13.54 -41.92
C ARG B 469 -9.38 -12.41 -42.01
N LEU B 470 -10.63 -12.71 -42.37
CA LEU B 470 -11.67 -11.68 -42.38
C LEU B 470 -11.83 -11.06 -41.01
N CYS B 471 -11.92 -11.91 -39.98
CA CYS B 471 -12.06 -11.36 -38.63
C CYS B 471 -10.81 -10.61 -38.20
N LEU B 472 -9.63 -11.04 -38.65
CA LEU B 472 -8.41 -10.30 -38.37
C LEU B 472 -8.48 -8.89 -38.93
N MET B 473 -8.88 -8.76 -40.20
CA MET B 473 -8.98 -7.43 -40.82
C MET B 473 -9.98 -6.56 -40.07
N ALA B 474 -11.15 -7.14 -39.76
CA ALA B 474 -12.19 -6.36 -39.08
C ALA B 474 -11.70 -5.86 -37.73
N PHE B 475 -11.08 -6.74 -36.94
CA PHE B 475 -10.64 -6.35 -35.60
C PHE B 475 -9.50 -5.35 -35.66
N SER B 476 -8.59 -5.50 -36.63
CA SER B 476 -7.50 -4.53 -36.77
C SER B 476 -8.04 -3.14 -37.08
N VAL B 477 -8.98 -3.05 -38.03
CA VAL B 477 -9.57 -1.76 -38.35
C VAL B 477 -10.29 -1.18 -37.12
N PHE B 478 -11.04 -2.03 -36.42
CA PHE B 478 -11.76 -1.58 -35.23
C PHE B 478 -10.81 -0.99 -34.20
N THR B 479 -9.73 -1.71 -33.87
CA THR B 479 -8.86 -1.26 -32.80
C THR B 479 -8.10 0.00 -33.20
N ILE B 480 -7.63 0.09 -34.44
CA ILE B 480 -6.90 1.31 -34.82
C ILE B 480 -7.84 2.51 -34.81
N ILE B 481 -9.05 2.36 -35.34
CA ILE B 481 -9.98 3.48 -35.38
C ILE B 481 -10.36 3.92 -33.97
N CYS B 482 -10.64 2.96 -33.09
CA CYS B 482 -11.03 3.30 -31.72
C CYS B 482 -9.88 4.01 -31.00
N THR B 483 -8.67 3.45 -31.08
CA THR B 483 -7.56 4.04 -30.34
C THR B 483 -7.11 5.37 -30.93
N ILE B 484 -7.47 5.68 -32.17
CA ILE B 484 -7.18 7.00 -32.70
C ILE B 484 -8.27 7.99 -32.27
N GLY B 485 -9.53 7.61 -32.42
CA GLY B 485 -10.62 8.52 -32.13
C GLY B 485 -10.70 8.89 -30.65
N ILE B 486 -10.53 7.90 -29.77
CA ILE B 486 -10.65 8.18 -28.34
C ILE B 486 -9.60 9.20 -27.90
N LEU B 487 -8.37 9.01 -28.35
CA LEU B 487 -7.30 9.94 -27.98
C LEU B 487 -7.49 11.32 -28.62
N MET B 488 -7.79 11.35 -29.92
CA MET B 488 -7.91 12.64 -30.59
C MET B 488 -9.17 13.39 -30.21
N SER B 489 -10.10 12.75 -29.49
CA SER B 489 -11.30 13.46 -29.04
C SER B 489 -10.97 14.58 -28.06
N ALA B 490 -10.00 14.34 -27.17
CA ALA B 490 -9.71 15.29 -26.11
C ALA B 490 -9.16 16.60 -26.68
N PRO B 491 -9.57 17.74 -26.15
CA PRO B 491 -9.01 19.01 -26.60
C PRO B 491 -7.57 19.17 -26.15
N ASN B 492 -6.89 20.12 -26.80
CA ASN B 492 -5.48 20.48 -26.55
C ASN B 492 -4.55 19.27 -26.60
N PHE B 493 -4.99 18.18 -27.22
CA PHE B 493 -4.13 17.01 -27.40
C PHE B 493 -2.93 17.34 -28.28
N VAL B 494 -3.16 18.08 -29.36
CA VAL B 494 -2.07 18.44 -30.26
C VAL B 494 -1.06 19.32 -29.53
N GLU B 495 -1.54 20.28 -28.74
CA GLU B 495 -0.63 21.12 -27.97
C GLU B 495 0.16 20.31 -26.94
N ALA B 496 -0.53 19.36 -26.28
CA ALA B 496 0.15 18.54 -25.28
C ALA B 496 1.26 17.70 -25.91
N VAL B 497 0.99 17.08 -27.05
CA VAL B 497 2.02 16.28 -27.71
C VAL B 497 3.08 17.13 -28.39
N SER B 498 2.77 18.39 -28.69
CA SER B 498 3.80 19.28 -29.22
C SER B 498 4.73 19.77 -28.11
N LYS B 499 4.20 19.94 -26.90
CA LYS B 499 5.00 20.45 -25.79
C LYS B 499 5.79 19.35 -25.09
N ASP B 500 5.14 18.24 -24.75
CA ASP B 500 5.77 17.20 -23.94
C ASP B 500 6.49 16.14 -24.77
N PHE B 501 6.53 16.29 -26.09
CA PHE B 501 7.23 15.34 -26.94
C PHE B 501 8.18 15.99 -27.93
N ALA B 502 8.23 17.31 -28.02
CA ALA B 502 9.09 18.01 -28.96
C ALA B 502 9.45 19.39 -28.46
N GLY C 23 -7.57 55.62 16.57
CA GLY C 23 -8.28 56.81 16.99
C GLY C 23 -8.43 56.92 18.49
N GLU C 24 -8.38 58.15 19.01
CA GLU C 24 -8.47 58.35 20.44
C GLU C 24 -9.83 57.91 20.98
N PHE C 25 -10.88 58.02 20.18
CA PHE C 25 -12.21 57.61 20.62
C PHE C 25 -12.26 56.11 20.87
N GLN C 26 -11.80 55.31 19.89
CA GLN C 26 -11.83 53.87 20.08
C GLN C 26 -10.80 53.41 21.10
N ARG C 27 -9.68 54.11 21.24
CA ARG C 27 -8.74 53.79 22.29
C ARG C 27 -9.38 53.99 23.66
N LYS C 28 -10.07 55.11 23.85
CA LYS C 28 -10.76 55.37 25.10
C LYS C 28 -11.85 54.33 25.36
N LEU C 29 -12.59 53.97 24.32
CA LEU C 29 -13.64 52.97 24.48
C LEU C 29 -13.05 51.62 24.88
N TYR C 30 -11.95 51.21 24.26
CA TYR C 30 -11.31 49.96 24.63
C TYR C 30 -10.79 50.00 26.06
N LYS C 31 -10.22 51.14 26.47
CA LYS C 31 -9.75 51.27 27.84
C LYS C 31 -10.91 51.17 28.84
N GLU C 32 -12.05 51.77 28.49
CA GLU C 32 -13.19 51.78 29.42
C GLU C 32 -13.89 50.42 29.48
N LEU C 33 -13.91 49.68 28.37
CA LEU C 33 -14.72 48.46 28.33
C LEU C 33 -14.14 47.37 29.20
N VAL C 34 -12.81 47.22 29.23
CA VAL C 34 -12.19 46.07 29.86
C VAL C 34 -11.88 46.33 31.33
N LYS C 35 -12.38 47.45 31.86
CA LYS C 35 -12.17 47.77 33.27
C LYS C 35 -13.09 46.92 34.14
N ASN C 36 -12.50 46.26 35.14
CA ASN C 36 -13.26 45.42 36.08
C ASN C 36 -14.06 44.34 35.36
N TYR C 37 -13.49 43.78 34.30
CA TYR C 37 -14.14 42.74 33.52
C TYR C 37 -13.51 41.39 33.83
N ASN C 38 -14.34 40.42 34.17
CA ASN C 38 -13.89 39.07 34.47
C ASN C 38 -14.34 38.13 33.37
N PRO C 39 -13.42 37.51 32.62
CA PRO C 39 -13.83 36.58 31.56
C PRO C 39 -14.43 35.28 32.07
N LEU C 40 -14.49 35.07 33.38
CA LEU C 40 -15.04 33.86 33.97
C LEU C 40 -16.46 34.04 34.46
N GLU C 41 -17.10 35.16 34.14
CA GLU C 41 -18.42 35.50 34.64
C GLU C 41 -19.42 35.49 33.49
N ARG C 42 -20.57 34.86 33.73
CA ARG C 42 -21.64 34.86 32.73
C ARG C 42 -22.26 36.25 32.65
N PRO C 43 -22.23 36.91 31.49
CA PRO C 43 -22.73 38.30 31.40
C PRO C 43 -24.25 38.41 31.32
N VAL C 44 -24.89 38.35 32.49
CA VAL C 44 -26.33 38.46 32.59
C VAL C 44 -26.67 39.52 33.63
N ALA C 45 -27.82 40.18 33.43
CA ALA C 45 -28.26 41.19 34.38
C ALA C 45 -28.77 40.57 35.67
N ASN C 46 -29.51 39.47 35.57
CA ASN C 46 -30.03 38.75 36.73
C ASN C 46 -29.38 37.38 36.79
N ASP C 47 -28.78 37.05 37.93
CA ASP C 47 -28.01 35.82 38.06
C ASP C 47 -28.90 34.57 38.04
N SER C 48 -30.17 34.70 38.39
CA SER C 48 -31.07 33.55 38.44
C SER C 48 -31.73 33.25 37.10
N GLN C 49 -31.49 34.06 36.08
CA GLN C 49 -32.08 33.83 34.78
C GLN C 49 -31.05 33.26 33.80
N PRO C 50 -31.48 32.42 32.87
CA PRO C 50 -30.55 31.87 31.87
C PRO C 50 -30.17 32.90 30.82
N LEU C 51 -29.15 32.55 30.04
CA LEU C 51 -28.69 33.37 28.93
C LEU C 51 -29.00 32.65 27.63
N THR C 52 -29.67 33.34 26.72
CA THR C 52 -30.08 32.74 25.45
C THR C 52 -28.91 32.79 24.46
N VAL C 53 -28.58 31.63 23.90
CA VAL C 53 -27.52 31.51 22.91
C VAL C 53 -28.09 30.80 21.68
N TYR C 54 -27.94 31.42 20.52
CA TYR C 54 -28.43 30.86 19.27
C TYR C 54 -27.30 30.11 18.57
N PHE C 55 -27.58 28.89 18.15
CA PHE C 55 -26.61 28.04 17.48
C PHE C 55 -27.10 27.70 16.08
N SER C 56 -26.15 27.62 15.16
CA SER C 56 -26.46 27.32 13.76
C SER C 56 -25.22 26.73 13.10
N LEU C 57 -25.37 26.35 11.84
CA LEU C 57 -24.30 25.71 11.09
C LEU C 57 -24.25 26.29 9.69
N SER C 58 -23.08 26.14 9.04
CA SER C 58 -22.89 26.52 7.65
C SER C 58 -22.02 25.45 7.01
N LEU C 59 -22.66 24.43 6.44
CA LEU C 59 -21.93 23.35 5.79
C LEU C 59 -21.24 23.86 4.54
N LEU C 60 -19.97 23.50 4.38
CA LEU C 60 -19.18 23.97 3.25
C LEU C 60 -18.69 22.87 2.34
N GLN C 61 -18.19 21.77 2.90
CA GLN C 61 -17.61 20.71 2.07
C GLN C 61 -17.60 19.40 2.85
N ILE C 62 -17.99 18.32 2.18
CA ILE C 62 -17.84 16.97 2.71
C ILE C 62 -16.53 16.43 2.14
N MET C 63 -15.50 16.39 2.97
CA MET C 63 -14.17 16.04 2.47
C MET C 63 -14.01 14.54 2.28
N ASP C 64 -14.15 13.77 3.36
CA ASP C 64 -13.90 12.34 3.32
C ASP C 64 -14.95 11.61 4.13
N VAL C 65 -15.48 10.52 3.59
CA VAL C 65 -16.38 9.62 4.29
C VAL C 65 -15.63 8.31 4.46
N ASP C 66 -15.01 8.13 5.63
CA ASP C 66 -14.17 6.95 5.88
C ASP C 66 -15.06 5.78 6.25
N GLU C 67 -15.16 4.80 5.34
CA GLU C 67 -16.01 3.64 5.59
C GLU C 67 -15.37 2.69 6.60
N LYS C 68 -14.06 2.48 6.51
CA LYS C 68 -13.41 1.46 7.33
C LYS C 68 -13.39 1.86 8.81
N ASN C 69 -12.97 3.09 9.10
CA ASN C 69 -12.84 3.55 10.48
C ASN C 69 -14.04 4.37 10.95
N GLN C 70 -15.06 4.55 10.11
CA GLN C 70 -16.31 5.19 10.50
C GLN C 70 -16.07 6.61 11.02
N VAL C 71 -15.49 7.44 10.16
CA VAL C 71 -15.22 8.84 10.47
C VAL C 71 -15.64 9.69 9.28
N LEU C 72 -16.45 10.72 9.55
CA LEU C 72 -16.89 11.67 8.53
C LEU C 72 -16.18 12.99 8.76
N THR C 73 -15.49 13.48 7.74
CA THR C 73 -14.72 14.71 7.82
C THR C 73 -15.44 15.79 6.99
N THR C 74 -15.75 16.91 7.62
CA THR C 74 -16.50 17.99 6.98
C THR C 74 -15.80 19.32 7.24
N ASN C 75 -16.20 20.32 6.44
CA ASN C 75 -15.78 21.70 6.63
C ASN C 75 -16.97 22.50 7.11
N ILE C 76 -16.87 23.08 8.30
CA ILE C 76 -18.02 23.66 8.99
C ILE C 76 -17.65 25.05 9.49
N TRP C 77 -18.60 25.98 9.42
CA TRP C 77 -18.51 27.29 10.05
C TRP C 77 -19.57 27.37 11.13
N LEU C 78 -19.15 27.27 12.39
CA LEU C 78 -20.09 27.39 13.50
C LEU C 78 -20.62 28.81 13.57
N GLN C 79 -21.85 28.95 14.07
CA GLN C 79 -22.49 30.25 14.22
C GLN C 79 -23.09 30.33 15.62
N MET C 80 -22.61 31.29 16.40
CA MET C 80 -23.13 31.54 17.74
C MET C 80 -23.45 33.02 17.89
N SER C 81 -24.45 33.32 18.70
CA SER C 81 -24.87 34.69 18.94
C SER C 81 -25.55 34.78 20.29
N TRP C 82 -25.22 35.81 21.05
CA TRP C 82 -25.82 36.04 22.36
C TRP C 82 -25.70 37.50 22.70
N THR C 83 -26.47 37.92 23.71
CA THR C 83 -26.53 39.31 24.14
C THR C 83 -25.73 39.48 25.42
N ASP C 84 -24.80 40.44 25.41
CA ASP C 84 -23.98 40.74 26.57
C ASP C 84 -24.52 41.96 27.28
N HIS C 85 -24.30 42.01 28.60
CA HIS C 85 -24.84 43.08 29.43
C HIS C 85 -23.82 44.16 29.77
N TYR C 86 -22.54 43.80 29.90
CA TYR C 86 -21.52 44.76 30.27
C TYR C 86 -20.90 45.49 29.09
N LEU C 87 -20.99 44.92 27.89
CA LEU C 87 -20.31 45.48 26.71
C LEU C 87 -21.29 46.34 25.91
N GLN C 88 -21.66 47.47 26.50
CA GLN C 88 -22.56 48.42 25.85
C GLN C 88 -22.01 49.83 26.02
N TRP C 89 -22.33 50.69 25.07
CA TRP C 89 -21.88 52.08 25.11
C TRP C 89 -22.79 52.92 24.23
N ASN C 90 -22.67 54.23 24.37
CA ASN C 90 -23.43 55.19 23.58
C ASN C 90 -22.60 55.63 22.39
N VAL C 91 -23.19 55.56 21.20
CA VAL C 91 -22.46 55.91 19.98
C VAL C 91 -22.12 57.40 19.96
N SER C 92 -23.00 58.24 20.52
CA SER C 92 -22.73 59.67 20.54
C SER C 92 -21.47 60.00 21.32
N GLU C 93 -21.24 59.31 22.44
CA GLU C 93 -20.05 59.56 23.24
C GLU C 93 -18.78 59.14 22.50
N TYR C 94 -18.87 58.17 21.59
CA TYR C 94 -17.73 57.67 20.83
C TYR C 94 -18.10 57.69 19.35
N PRO C 95 -18.10 58.86 18.73
CA PRO C 95 -18.47 58.94 17.31
C PRO C 95 -17.49 58.18 16.43
N GLY C 96 -18.03 57.57 15.36
CA GLY C 96 -17.22 56.93 14.35
C GLY C 96 -16.94 55.46 14.58
N VAL C 97 -17.12 54.95 15.79
CA VAL C 97 -16.87 53.55 16.10
C VAL C 97 -18.20 52.88 16.40
N LYS C 98 -18.48 51.78 15.70
CA LYS C 98 -19.72 51.05 15.87
C LYS C 98 -19.53 49.65 16.41
N THR C 99 -18.42 48.98 16.07
CA THR C 99 -18.16 47.62 16.51
C THR C 99 -16.75 47.52 17.07
N VAL C 100 -16.57 46.57 17.98
CA VAL C 100 -15.26 46.28 18.56
C VAL C 100 -15.03 44.78 18.47
N ARG C 101 -13.76 44.39 18.46
CA ARG C 101 -13.35 43.00 18.33
C ARG C 101 -12.48 42.61 19.52
N PHE C 102 -12.70 41.40 20.03
CA PHE C 102 -11.95 40.89 21.15
C PHE C 102 -11.35 39.53 20.81
N PRO C 103 -10.11 39.28 21.21
CA PRO C 103 -9.47 38.00 20.90
C PRO C 103 -9.85 36.94 21.92
N ASP C 104 -9.22 35.79 21.78
CA ASP C 104 -9.49 34.69 22.69
C ASP C 104 -8.95 35.00 24.09
N GLY C 105 -9.72 34.61 25.10
CA GLY C 105 -9.27 34.73 26.47
C GLY C 105 -9.47 36.08 27.11
N GLN C 106 -10.14 37.02 26.45
CA GLN C 106 -10.41 38.33 27.03
C GLN C 106 -11.87 38.59 27.32
N ILE C 107 -12.79 37.82 26.73
CA ILE C 107 -14.21 37.93 27.03
C ILE C 107 -14.78 36.52 27.16
N TRP C 108 -15.93 36.44 27.81
CA TRP C 108 -16.59 35.15 28.02
C TRP C 108 -17.27 34.69 26.73
N LYS C 109 -17.06 33.44 26.36
CA LYS C 109 -17.71 32.83 25.22
C LYS C 109 -18.19 31.44 25.61
N PRO C 110 -19.29 30.98 25.00
CA PRO C 110 -19.83 29.67 25.38
C PRO C 110 -18.88 28.54 25.00
N ASP C 111 -18.90 27.49 25.82
CA ASP C 111 -18.03 26.32 25.61
C ASP C 111 -18.78 25.22 24.86
N ILE C 112 -19.26 25.56 23.68
CA ILE C 112 -20.00 24.62 22.86
C ILE C 112 -19.01 23.66 22.21
N LEU C 113 -19.22 22.36 22.42
CA LEU C 113 -18.32 21.34 21.92
C LEU C 113 -19.11 20.24 21.22
N LEU C 114 -18.48 19.64 20.22
CA LEU C 114 -19.06 18.49 19.52
C LEU C 114 -18.89 17.26 20.40
N TYR C 115 -20.01 16.71 20.86
CA TYR C 115 -19.96 15.58 21.78
C TYR C 115 -19.29 14.37 21.16
N ASN C 116 -19.75 13.98 19.97
CA ASN C 116 -19.27 12.75 19.32
C ASN C 116 -18.15 13.06 18.33
N SER C 117 -17.04 13.55 18.87
CA SER C 117 -15.87 13.84 18.05
C SER C 117 -14.93 12.65 18.02
N ALA C 118 -14.11 12.60 16.96
CA ALA C 118 -13.13 11.53 16.78
C ALA C 118 -11.79 12.11 16.39
N ASP C 119 -11.43 13.24 16.98
CA ASP C 119 -10.16 13.91 16.71
C ASP C 119 -9.31 13.92 17.96
N GLU C 120 -7.99 13.86 17.77
CA GLU C 120 -7.07 13.91 18.90
C GLU C 120 -7.24 15.19 19.69
N ARG C 121 -7.33 16.33 18.98
CA ARG C 121 -7.69 17.60 19.60
C ARG C 121 -9.21 17.70 19.59
N PHE C 122 -9.82 17.55 20.77
CA PHE C 122 -11.28 17.52 20.84
C PHE C 122 -11.90 18.82 20.36
N ASP C 123 -11.19 19.93 20.50
CA ASP C 123 -11.67 21.24 20.04
C ASP C 123 -10.96 21.55 18.72
N ALA C 124 -11.61 21.21 17.62
CA ALA C 124 -11.04 21.39 16.28
C ALA C 124 -11.47 22.70 15.64
N THR C 125 -11.79 23.71 16.45
CA THR C 125 -12.22 25.01 15.96
C THR C 125 -11.07 26.00 16.08
N PHE C 126 -10.83 26.76 15.01
CA PHE C 126 -9.82 27.80 15.01
C PHE C 126 -10.42 29.04 15.64
N HIS C 127 -9.99 29.35 16.87
CA HIS C 127 -10.58 30.45 17.64
C HIS C 127 -10.27 31.78 16.96
N THR C 128 -11.31 32.44 16.46
CA THR C 128 -11.17 33.74 15.82
C THR C 128 -11.65 34.82 16.79
N ASN C 129 -11.71 36.06 16.30
CA ASN C 129 -12.17 37.17 17.11
C ASN C 129 -13.68 37.08 17.35
N VAL C 130 -14.17 37.96 18.21
CA VAL C 130 -15.59 38.08 18.49
C VAL C 130 -16.03 39.49 18.13
N LEU C 131 -17.04 39.59 17.27
CA LEU C 131 -17.56 40.88 16.84
C LEU C 131 -18.69 41.30 17.75
N VAL C 132 -18.68 42.56 18.17
CA VAL C 132 -19.60 43.06 19.20
C VAL C 132 -20.42 44.20 18.62
N ASN C 133 -21.69 44.25 19.02
CA ASN C 133 -22.59 45.33 18.65
C ASN C 133 -22.17 46.61 19.37
N SER C 134 -22.95 47.67 19.18
CA SER C 134 -22.93 48.81 20.07
C SER C 134 -23.89 48.63 21.23
N SER C 135 -24.62 47.52 21.29
CA SER C 135 -25.59 47.27 22.34
C SER C 135 -25.41 45.91 23.01
N GLY C 136 -24.26 45.25 22.82
CA GLY C 136 -23.93 44.04 23.53
C GLY C 136 -24.07 42.75 22.73
N HIS C 137 -24.78 42.79 21.59
CA HIS C 137 -24.94 41.58 20.80
C HIS C 137 -23.59 41.12 20.25
N CYS C 138 -23.34 39.82 20.34
CA CYS C 138 -22.06 39.24 19.95
C CYS C 138 -22.26 38.22 18.83
N GLN C 139 -21.24 38.09 17.98
CA GLN C 139 -21.20 37.09 16.94
C GLN C 139 -19.86 36.38 16.97
N TYR C 140 -19.87 35.09 16.65
CA TYR C 140 -18.67 34.27 16.75
C TYR C 140 -18.77 33.15 15.72
N LEU C 141 -17.89 33.16 14.73
CA LEU C 141 -17.92 32.20 13.62
C LEU C 141 -16.56 31.53 13.51
N PRO C 142 -16.27 30.53 14.35
CA PRO C 142 -14.98 29.85 14.28
C PRO C 142 -15.02 28.73 13.25
N PRO C 143 -14.19 28.81 12.22
CA PRO C 143 -14.12 27.74 11.24
C PRO C 143 -13.27 26.58 11.74
N GLY C 144 -13.43 25.43 11.09
CA GLY C 144 -12.66 24.27 11.44
C GLY C 144 -13.11 23.06 10.65
N ILE C 145 -12.23 22.07 10.62
CA ILE C 145 -12.50 20.79 9.96
C ILE C 145 -12.81 19.78 11.05
N PHE C 146 -14.02 19.22 11.03
CA PHE C 146 -14.49 18.34 12.08
C PHE C 146 -14.43 16.89 11.63
N LYS C 147 -14.03 16.02 12.55
CA LYS C 147 -13.94 14.58 12.30
C LYS C 147 -14.83 13.88 13.31
N SER C 148 -16.11 13.73 12.98
CA SER C 148 -17.06 13.07 13.86
C SER C 148 -16.98 11.56 13.69
N SER C 149 -17.79 10.84 14.47
CA SER C 149 -17.84 9.39 14.43
C SER C 149 -19.29 8.96 14.27
N CYS C 150 -19.63 8.46 13.10
CA CYS C 150 -20.98 8.01 12.79
C CYS C 150 -20.94 6.60 12.25
N TYR C 151 -21.85 5.76 12.73
CA TYR C 151 -21.94 4.39 12.25
C TYR C 151 -22.34 4.37 10.78
N ILE C 152 -21.63 3.58 9.98
CA ILE C 152 -21.83 3.54 8.54
C ILE C 152 -22.30 2.15 8.15
N ASP C 153 -23.41 2.09 7.41
CA ASP C 153 -24.00 0.83 6.97
C ASP C 153 -23.63 0.58 5.51
N VAL C 154 -23.18 -0.63 5.22
CA VAL C 154 -22.77 -1.00 3.87
C VAL C 154 -23.55 -2.24 3.43
N ARG C 155 -24.76 -2.42 3.97
CA ARG C 155 -25.58 -3.56 3.59
C ARG C 155 -25.94 -3.49 2.12
N TRP C 156 -26.27 -2.30 1.62
CA TRP C 156 -26.63 -2.10 0.22
C TRP C 156 -25.52 -1.44 -0.57
N PHE C 157 -24.28 -1.57 -0.12
CA PHE C 157 -23.15 -0.96 -0.83
C PHE C 157 -23.05 -1.56 -2.24
N PRO C 158 -22.85 -0.74 -3.27
CA PRO C 158 -22.67 0.71 -3.26
C PRO C 158 -23.95 1.50 -3.58
N PHE C 159 -25.08 1.14 -2.99
CA PHE C 159 -26.32 1.88 -3.17
C PHE C 159 -26.82 2.47 -1.85
N ASP C 160 -25.91 2.65 -0.89
CA ASP C 160 -26.31 3.00 0.47
C ASP C 160 -26.66 4.47 0.60
N VAL C 161 -27.47 4.78 1.62
CA VAL C 161 -27.77 6.14 2.03
C VAL C 161 -27.55 6.20 3.54
N GLN C 162 -26.64 7.06 3.97
CA GLN C 162 -26.23 7.13 5.36
C GLN C 162 -26.82 8.35 6.06
N HIS C 163 -26.92 8.26 7.38
CA HIS C 163 -27.42 9.35 8.22
C HIS C 163 -26.42 9.56 9.34
N CYS C 164 -25.39 10.38 9.10
CA CYS C 164 -24.42 10.72 10.12
C CYS C 164 -24.91 11.91 10.94
N LYS C 165 -24.57 11.91 12.22
CA LYS C 165 -25.08 12.89 13.17
C LYS C 165 -23.96 13.75 13.72
N LEU C 166 -24.30 15.00 14.04
CA LEU C 166 -23.39 15.93 14.71
C LEU C 166 -24.13 16.48 15.93
N LYS C 167 -23.63 16.17 17.11
CA LYS C 167 -24.26 16.58 18.36
C LYS C 167 -23.48 17.71 18.99
N PHE C 168 -24.16 18.82 19.28
CA PHE C 168 -23.54 20.02 19.84
C PHE C 168 -24.25 20.41 21.12
N GLY C 169 -23.48 20.83 22.11
CA GLY C 169 -24.05 21.27 23.37
C GLY C 169 -22.98 21.81 24.29
N SER C 170 -23.42 22.59 25.27
CA SER C 170 -22.50 23.14 26.25
C SER C 170 -21.92 22.03 27.13
N TRP C 171 -20.63 22.14 27.42
CA TRP C 171 -19.96 21.08 28.17
C TRP C 171 -20.30 21.10 29.65
N SER C 172 -20.51 22.28 30.23
CA SER C 172 -20.72 22.39 31.66
C SER C 172 -21.91 23.26 32.08
N TYR C 173 -22.43 24.11 31.21
CA TYR C 173 -23.51 25.00 31.59
C TYR C 173 -24.86 24.30 31.50
N GLY C 174 -25.79 24.73 32.35
CA GLY C 174 -27.10 24.13 32.43
C GLY C 174 -28.17 24.96 31.75
N GLY C 175 -29.35 24.34 31.63
CA GLY C 175 -30.47 25.02 30.99
C GLY C 175 -30.95 26.24 31.74
N TRP C 176 -30.93 26.20 33.06
CA TRP C 176 -31.29 27.39 33.84
C TRP C 176 -30.28 28.51 33.70
N SER C 177 -29.12 28.25 33.12
CA SER C 177 -28.08 29.26 32.90
C SER C 177 -27.83 29.55 31.44
N LEU C 178 -27.89 28.54 30.57
CA LEU C 178 -27.58 28.69 29.16
C LEU C 178 -28.50 27.75 28.37
N ASP C 179 -29.50 28.32 27.72
CA ASP C 179 -30.46 27.54 26.92
C ASP C 179 -30.15 27.77 25.45
N LEU C 180 -29.74 26.69 24.76
CA LEU C 180 -29.43 26.78 23.34
C LEU C 180 -30.71 26.93 22.52
N GLN C 181 -30.59 27.62 21.39
CA GLN C 181 -31.67 27.76 20.43
C GLN C 181 -31.13 27.42 19.05
N MET C 182 -31.94 26.72 18.27
CA MET C 182 -31.51 26.21 16.97
C MET C 182 -31.95 27.15 15.85
N GLN C 183 -31.04 27.43 14.94
CA GLN C 183 -31.34 28.13 13.70
C GLN C 183 -31.10 27.19 12.53
N GLU C 184 -31.89 27.35 11.48
CA GLU C 184 -31.81 26.45 10.34
C GLU C 184 -30.42 26.49 9.70
N ALA C 185 -29.95 25.34 9.27
CA ALA C 185 -28.60 25.24 8.71
C ALA C 185 -28.51 25.98 7.38
N ASP C 186 -27.29 26.41 7.05
CA ASP C 186 -27.01 27.13 5.83
C ASP C 186 -26.24 26.23 4.86
N ILE C 187 -26.71 26.16 3.62
CA ILE C 187 -26.08 25.33 2.59
C ILE C 187 -25.84 26.17 1.34
N SER C 188 -25.85 27.49 1.50
CA SER C 188 -25.68 28.37 0.35
C SER C 188 -24.28 28.21 -0.25
N GLY C 189 -23.26 28.10 0.58
CA GLY C 189 -21.90 28.00 0.09
C GLY C 189 -21.40 26.58 -0.04
N TYR C 190 -22.31 25.61 -0.06
CA TYR C 190 -21.93 24.22 -0.16
C TYR C 190 -21.27 23.94 -1.51
N ILE C 191 -20.15 23.21 -1.48
CA ILE C 191 -19.42 22.82 -2.67
C ILE C 191 -19.81 21.38 -3.01
N PRO C 192 -20.38 21.13 -4.19
CA PRO C 192 -20.78 19.75 -4.52
C PRO C 192 -19.59 18.81 -4.54
N ASN C 193 -19.81 17.58 -4.08
CA ASN C 193 -18.80 16.55 -4.02
C ASN C 193 -19.05 15.52 -5.13
N GLY C 194 -17.98 15.09 -5.78
CA GLY C 194 -18.11 14.17 -6.89
C GLY C 194 -18.41 12.74 -6.51
N GLU C 195 -18.36 12.40 -5.22
CA GLU C 195 -18.61 11.04 -4.77
C GLU C 195 -19.86 10.89 -3.92
N TRP C 196 -20.34 11.95 -3.29
CA TRP C 196 -21.52 11.90 -2.45
C TRP C 196 -22.48 13.01 -2.85
N ASP C 197 -23.77 12.67 -2.91
CA ASP C 197 -24.83 13.62 -3.25
C ASP C 197 -25.58 13.98 -1.97
N LEU C 198 -25.49 15.24 -1.59
CA LEU C 198 -26.14 15.69 -0.37
C LEU C 198 -27.65 15.76 -0.56
N VAL C 199 -28.39 15.14 0.35
CA VAL C 199 -29.84 15.18 0.32
C VAL C 199 -30.39 16.34 1.14
N GLY C 200 -29.87 16.51 2.35
CA GLY C 200 -30.30 17.59 3.22
C GLY C 200 -29.70 17.48 4.60
N ILE C 201 -29.68 18.57 5.35
CA ILE C 201 -29.10 18.57 6.69
C ILE C 201 -30.12 19.16 7.66
N PRO C 202 -31.08 18.39 8.12
CA PRO C 202 -32.06 18.89 9.10
C PRO C 202 -31.50 18.84 10.51
N GLY C 203 -32.23 19.47 11.41
CA GLY C 203 -31.87 19.48 12.82
C GLY C 203 -33.01 19.99 13.66
N LYS C 204 -32.97 19.63 14.94
CA LYS C 204 -34.02 20.02 15.87
C LYS C 204 -33.45 20.14 17.27
N ARG C 205 -34.05 21.02 18.06
CA ARG C 205 -33.66 21.20 19.46
C ARG C 205 -34.30 20.13 20.33
N SER C 206 -33.55 19.65 21.31
CA SER C 206 -34.03 18.60 22.21
C SER C 206 -33.68 18.98 23.65
N GLU C 207 -34.53 18.54 24.57
CA GLU C 207 -34.35 18.79 25.99
C GLU C 207 -34.20 17.45 26.72
N ARG C 208 -33.17 17.36 27.56
CA ARG C 208 -32.89 16.15 28.33
C ARG C 208 -32.91 16.49 29.81
N PHE C 209 -33.93 16.03 30.51
CA PHE C 209 -34.01 16.24 31.95
C PHE C 209 -33.13 15.24 32.69
N TYR C 210 -32.75 15.59 33.91
CA TYR C 210 -31.90 14.74 34.73
C TYR C 210 -32.74 14.04 35.80
N GLU C 211 -32.09 13.32 36.70
CA GLU C 211 -32.78 12.54 37.71
C GLU C 211 -33.06 13.38 38.96
N CYS C 212 -32.03 13.98 39.53
CA CYS C 212 -32.15 14.81 40.72
C CYS C 212 -33.06 16.01 40.52
N CYS C 213 -32.91 16.71 39.41
CA CYS C 213 -33.26 18.12 39.33
C CYS C 213 -34.06 18.37 38.07
N LYS C 214 -34.95 19.35 38.12
CA LYS C 214 -35.85 19.64 37.00
C LYS C 214 -35.17 20.50 35.95
N GLU C 215 -33.85 20.57 35.97
CA GLU C 215 -33.12 21.39 35.02
C GLU C 215 -33.13 20.76 33.64
N PRO C 216 -33.68 21.40 32.62
CA PRO C 216 -33.48 20.93 31.25
C PRO C 216 -32.05 21.17 30.80
N TYR C 217 -31.62 20.35 29.85
CA TYR C 217 -30.28 20.47 29.26
C TYR C 217 -30.42 20.49 27.75
N PRO C 218 -30.65 21.66 27.16
CA PRO C 218 -30.90 21.74 25.73
C PRO C 218 -29.67 21.40 24.90
N ASP C 219 -29.93 20.99 23.67
CA ASP C 219 -28.88 20.72 22.70
C ASP C 219 -29.44 20.85 21.29
N VAL C 220 -28.55 20.96 20.32
CA VAL C 220 -28.90 21.02 18.91
C VAL C 220 -28.15 19.93 18.19
N THR C 221 -28.88 19.03 17.53
CA THR C 221 -28.31 17.90 16.80
C THR C 221 -28.59 18.07 15.32
N PHE C 222 -27.54 17.99 14.52
CA PHE C 222 -27.64 18.10 13.07
C PHE C 222 -27.29 16.75 12.45
N THR C 223 -28.20 16.21 11.67
CA THR C 223 -28.01 14.92 10.99
C THR C 223 -27.86 15.17 9.50
N VAL C 224 -26.83 14.57 8.91
CA VAL C 224 -26.51 14.75 7.50
C VAL C 224 -27.00 13.53 6.74
N THR C 225 -27.80 13.77 5.70
CA THR C 225 -28.28 12.72 4.82
C THR C 225 -27.62 12.87 3.46
N MET C 226 -26.88 11.83 3.05
CA MET C 226 -26.16 11.87 1.79
C MET C 226 -26.33 10.54 1.07
N ARG C 227 -26.35 10.59 -0.25
CA ARG C 227 -26.54 9.43 -1.10
C ARG C 227 -25.30 9.21 -1.95
N ARG C 228 -24.81 7.98 -1.96
CA ARG C 228 -23.62 7.66 -2.73
C ARG C 228 -23.90 7.69 -4.22
N ARG C 229 -22.96 8.24 -4.98
CA ARG C 229 -23.03 8.22 -6.44
C ARG C 229 -22.39 6.94 -6.95
N THR C 230 -23.12 6.21 -7.80
CA THR C 230 -22.78 4.84 -8.13
C THR C 230 -22.11 4.67 -9.49
N LEU C 231 -21.83 5.75 -10.21
CA LEU C 231 -21.30 5.62 -11.56
C LEU C 231 -19.94 4.93 -11.56
N TYR C 232 -19.04 5.35 -10.65
CA TYR C 232 -17.69 4.81 -10.64
C TYR C 232 -17.69 3.31 -10.41
N TYR C 233 -18.37 2.87 -9.34
CA TYR C 233 -18.42 1.45 -9.04
C TYR C 233 -19.15 0.68 -10.12
N GLY C 234 -20.29 1.20 -10.59
CA GLY C 234 -21.03 0.53 -11.64
C GLY C 234 -20.26 0.39 -12.94
N LEU C 235 -19.27 1.25 -13.16
CA LEU C 235 -18.46 1.14 -14.36
C LEU C 235 -17.20 0.29 -14.17
N ASN C 236 -16.64 0.26 -12.96
CA ASN C 236 -15.37 -0.41 -12.76
C ASN C 236 -15.49 -1.79 -12.11
N LEU C 237 -16.60 -2.11 -11.46
CA LEU C 237 -16.72 -3.39 -10.77
C LEU C 237 -17.81 -4.27 -11.39
N LEU C 238 -19.04 -3.77 -11.50
CA LEU C 238 -20.14 -4.61 -11.96
C LEU C 238 -19.97 -5.01 -13.42
N ILE C 239 -19.69 -4.04 -14.29
CA ILE C 239 -19.57 -4.33 -15.71
C ILE C 239 -18.41 -5.28 -16.01
N PRO C 240 -17.17 -5.01 -15.55
CA PRO C 240 -16.09 -5.95 -15.88
C PRO C 240 -16.30 -7.33 -15.28
N CYS C 241 -16.76 -7.42 -14.04
CA CYS C 241 -16.94 -8.72 -13.41
C CYS C 241 -18.00 -9.55 -14.14
N VAL C 242 -19.12 -8.91 -14.53
CA VAL C 242 -20.13 -9.65 -15.27
C VAL C 242 -19.63 -10.01 -16.65
N LEU C 243 -18.73 -9.20 -17.23
CA LEU C 243 -18.16 -9.57 -18.52
C LEU C 243 -17.28 -10.81 -18.40
N ILE C 244 -16.45 -10.89 -17.35
CA ILE C 244 -15.65 -12.11 -17.16
C ILE C 244 -16.55 -13.30 -16.87
N SER C 245 -17.62 -13.09 -16.09
CA SER C 245 -18.54 -14.18 -15.82
C SER C 245 -19.18 -14.70 -17.10
N ALA C 246 -19.58 -13.79 -18.00
CA ALA C 246 -20.14 -14.20 -19.28
C ALA C 246 -19.10 -14.92 -20.12
N LEU C 247 -17.86 -14.43 -20.13
CA LEU C 247 -16.80 -15.08 -20.89
C LEU C 247 -16.51 -16.48 -20.38
N ALA C 248 -16.73 -16.71 -19.09
CA ALA C 248 -16.51 -18.04 -18.53
C ALA C 248 -17.46 -19.09 -19.12
N LEU C 249 -18.56 -18.67 -19.72
CA LEU C 249 -19.53 -19.60 -20.30
C LEU C 249 -19.11 -20.14 -21.65
N LEU C 250 -18.06 -19.58 -22.27
CA LEU C 250 -17.65 -20.02 -23.59
C LEU C 250 -17.08 -21.43 -23.58
N VAL C 251 -16.74 -21.98 -22.41
CA VAL C 251 -16.18 -23.32 -22.35
C VAL C 251 -17.15 -24.34 -22.92
N PHE C 252 -18.45 -24.07 -22.81
CA PHE C 252 -19.47 -24.99 -23.31
C PHE C 252 -19.65 -24.91 -24.82
N LEU C 253 -19.13 -23.89 -25.47
CA LEU C 253 -19.16 -23.79 -26.93
C LEU C 253 -17.85 -24.20 -27.58
N LEU C 254 -16.86 -24.57 -26.79
CA LEU C 254 -15.55 -25.00 -27.28
C LEU C 254 -15.56 -26.49 -27.55
N PRO C 255 -15.18 -26.94 -28.74
CA PRO C 255 -15.13 -28.38 -29.01
C PRO C 255 -14.15 -29.08 -28.09
N ALA C 256 -14.51 -30.29 -27.67
CA ALA C 256 -13.68 -31.03 -26.73
C ALA C 256 -12.40 -31.57 -27.36
N ASP C 257 -12.34 -31.63 -28.69
CA ASP C 257 -11.14 -32.14 -29.35
C ASP C 257 -9.92 -31.29 -29.02
N SER C 258 -10.08 -29.97 -29.04
CA SER C 258 -9.02 -29.09 -28.58
C SER C 258 -8.83 -29.23 -27.08
N GLY C 259 -7.60 -28.99 -26.63
CA GLY C 259 -7.26 -29.21 -25.25
C GLY C 259 -7.15 -27.95 -24.41
N GLU C 260 -8.09 -27.02 -24.60
CA GLU C 260 -8.04 -25.73 -23.93
C GLU C 260 -9.21 -25.51 -22.97
N LYS C 261 -10.05 -26.52 -22.75
CA LYS C 261 -11.25 -26.32 -21.93
C LYS C 261 -10.88 -26.03 -20.48
N ILE C 262 -10.12 -26.94 -19.85
CA ILE C 262 -9.75 -26.75 -18.45
C ILE C 262 -8.86 -25.53 -18.29
N SER C 263 -7.94 -25.32 -19.24
CA SER C 263 -7.07 -24.16 -19.17
C SER C 263 -7.88 -22.86 -19.19
N LEU C 264 -8.86 -22.79 -20.09
CA LEU C 264 -9.70 -21.59 -20.17
C LEU C 264 -10.49 -21.39 -18.89
N GLY C 265 -11.13 -22.46 -18.38
CA GLY C 265 -11.92 -22.31 -17.17
C GLY C 265 -11.08 -21.87 -15.98
N ILE C 266 -9.93 -22.50 -15.79
CA ILE C 266 -9.07 -22.16 -14.67
C ILE C 266 -8.47 -20.76 -14.85
N THR C 267 -8.28 -20.31 -16.08
CA THR C 267 -7.77 -18.96 -16.28
C THR C 267 -8.84 -17.92 -15.94
N VAL C 268 -10.10 -18.18 -16.29
CA VAL C 268 -11.16 -17.28 -15.84
C VAL C 268 -11.25 -17.28 -14.32
N LEU C 269 -11.05 -18.46 -13.70
CA LEU C 269 -11.02 -18.50 -12.24
C LEU C 269 -9.89 -17.65 -11.67
N LEU C 270 -8.71 -17.72 -12.29
CA LEU C 270 -7.58 -16.90 -11.86
C LEU C 270 -7.88 -15.42 -11.99
N SER C 271 -8.50 -15.02 -13.11
CA SER C 271 -8.88 -13.62 -13.28
C SER C 271 -9.87 -13.19 -12.22
N LEU C 272 -10.83 -14.05 -11.90
CA LEU C 272 -11.79 -13.74 -10.84
C LEU C 272 -11.10 -13.58 -9.50
N THR C 273 -10.12 -14.43 -9.20
CA THR C 273 -9.37 -14.30 -7.96
C THR C 273 -8.60 -12.98 -7.92
N VAL C 274 -8.00 -12.60 -9.05
CA VAL C 274 -7.28 -11.32 -9.11
C VAL C 274 -8.24 -10.16 -8.87
N PHE C 275 -9.44 -10.24 -9.44
CA PHE C 275 -10.40 -9.17 -9.25
C PHE C 275 -10.88 -9.13 -7.80
N MET C 276 -11.01 -10.30 -7.16
CA MET C 276 -11.28 -10.35 -5.73
C MET C 276 -10.19 -9.65 -4.94
N LEU C 277 -8.93 -9.89 -5.29
CA LEU C 277 -7.82 -9.22 -4.62
C LEU C 277 -7.91 -7.72 -4.81
N LEU C 278 -8.26 -7.28 -6.01
CA LEU C 278 -8.41 -5.84 -6.27
C LEU C 278 -9.52 -5.25 -5.42
N VAL C 279 -10.65 -5.96 -5.30
CA VAL C 279 -11.83 -5.40 -4.63
C VAL C 279 -11.79 -5.55 -3.12
N ALA C 280 -10.91 -6.40 -2.58
CA ALA C 280 -10.97 -6.71 -1.15
C ALA C 280 -10.73 -5.49 -0.27
N GLU C 281 -10.03 -4.47 -0.78
CA GLU C 281 -9.60 -3.37 0.08
C GLU C 281 -10.63 -2.26 0.22
N ILE C 282 -11.77 -2.33 -0.45
CA ILE C 282 -12.71 -1.21 -0.46
C ILE C 282 -13.63 -1.26 0.75
N MET C 283 -14.43 -2.31 0.86
CA MET C 283 -15.41 -2.38 1.94
C MET C 283 -14.72 -2.60 3.28
N PRO C 284 -15.36 -2.18 4.38
CA PRO C 284 -14.75 -2.36 5.71
C PRO C 284 -14.78 -3.81 6.17
N ALA C 285 -14.32 -4.04 7.39
CA ALA C 285 -14.27 -5.39 7.97
C ALA C 285 -15.44 -5.65 8.91
N THR C 286 -16.61 -5.10 8.60
CA THR C 286 -17.78 -5.27 9.46
C THR C 286 -18.27 -6.71 9.44
N SER C 287 -19.07 -7.06 10.44
CA SER C 287 -19.62 -8.40 10.54
C SER C 287 -21.10 -8.39 10.93
N ASP C 288 -21.79 -7.27 10.72
CA ASP C 288 -23.20 -7.19 11.07
C ASP C 288 -24.12 -7.61 9.93
N SER C 289 -23.66 -7.48 8.68
CA SER C 289 -24.47 -7.87 7.54
C SER C 289 -23.55 -8.14 6.35
N VAL C 290 -23.96 -9.07 5.51
CA VAL C 290 -23.21 -9.44 4.31
C VAL C 290 -23.46 -8.38 3.23
N PRO C 291 -22.42 -7.72 2.73
CA PRO C 291 -22.63 -6.71 1.69
C PRO C 291 -23.15 -7.32 0.39
N LEU C 292 -23.90 -6.50 -0.34
CA LEU C 292 -24.45 -6.94 -1.62
C LEU C 292 -23.36 -7.31 -2.60
N ILE C 293 -22.25 -6.57 -2.59
CA ILE C 293 -21.14 -6.90 -3.49
C ILE C 293 -20.54 -8.25 -3.10
N ALA C 294 -20.51 -8.55 -1.79
CA ALA C 294 -20.01 -9.85 -1.36
C ALA C 294 -20.94 -10.96 -1.84
N GLN C 295 -22.25 -10.76 -1.71
CA GLN C 295 -23.20 -11.77 -2.19
C GLN C 295 -23.02 -12.02 -3.69
N TYR C 296 -22.93 -10.94 -4.47
CA TYR C 296 -22.82 -11.08 -5.92
C TYR C 296 -21.51 -11.77 -6.31
N PHE C 297 -20.41 -11.40 -5.65
CA PHE C 297 -19.13 -12.02 -6.00
C PHE C 297 -19.11 -13.50 -5.61
N ALA C 298 -19.70 -13.83 -4.46
CA ALA C 298 -19.79 -15.24 -4.08
C ALA C 298 -20.61 -16.03 -5.09
N SER C 299 -21.73 -15.45 -5.55
CA SER C 299 -22.52 -16.12 -6.57
C SER C 299 -21.71 -16.36 -7.84
N THR C 300 -20.97 -15.33 -8.28
CA THR C 300 -20.19 -15.46 -9.51
C THR C 300 -19.12 -16.54 -9.37
N MET C 301 -18.39 -16.55 -8.25
CA MET C 301 -17.31 -17.53 -8.10
C MET C 301 -17.88 -18.94 -7.97
N ILE C 302 -19.02 -19.10 -7.31
CA ILE C 302 -19.65 -20.42 -7.22
C ILE C 302 -20.07 -20.89 -8.60
N ILE C 303 -20.64 -19.99 -9.41
CA ILE C 303 -21.04 -20.36 -10.76
C ILE C 303 -19.83 -20.82 -11.57
N VAL C 304 -18.71 -20.08 -11.47
CA VAL C 304 -17.52 -20.44 -12.24
C VAL C 304 -16.98 -21.80 -11.79
N GLY C 305 -16.95 -22.04 -10.47
CA GLY C 305 -16.50 -23.34 -10.00
C GLY C 305 -17.37 -24.48 -10.48
N LEU C 306 -18.69 -24.29 -10.45
CA LEU C 306 -19.59 -25.33 -10.95
C LEU C 306 -19.38 -25.56 -12.44
N SER C 307 -19.11 -24.49 -13.19
CA SER C 307 -18.83 -24.64 -14.62
C SER C 307 -17.57 -25.47 -14.84
N VAL C 308 -16.54 -25.24 -14.02
CA VAL C 308 -15.32 -26.04 -14.14
C VAL C 308 -15.60 -27.51 -13.85
N VAL C 309 -16.42 -27.77 -12.81
CA VAL C 309 -16.78 -29.15 -12.48
C VAL C 309 -17.49 -29.81 -13.65
N VAL C 310 -18.45 -29.10 -14.25
CA VAL C 310 -19.18 -29.65 -15.38
C VAL C 310 -18.25 -29.91 -16.56
N THR C 311 -17.29 -29.00 -16.79
CA THR C 311 -16.35 -29.20 -17.89
C THR C 311 -15.51 -30.44 -17.66
N VAL C 312 -15.09 -30.68 -16.42
CA VAL C 312 -14.35 -31.91 -16.12
C VAL C 312 -15.20 -33.14 -16.39
N ILE C 313 -16.48 -33.10 -15.98
CA ILE C 313 -17.37 -34.23 -16.22
C ILE C 313 -17.51 -34.49 -17.72
N VAL C 314 -17.70 -33.43 -18.50
CA VAL C 314 -17.84 -33.57 -19.95
C VAL C 314 -16.57 -34.16 -20.55
N LEU C 315 -15.41 -33.69 -20.10
CA LEU C 315 -14.15 -34.21 -20.61
C LEU C 315 -13.99 -35.69 -20.30
N GLN C 316 -14.34 -36.11 -19.08
CA GLN C 316 -14.26 -37.53 -18.75
C GLN C 316 -15.28 -38.35 -19.51
N TYR C 317 -16.37 -37.73 -19.96
CA TYR C 317 -17.29 -38.44 -20.85
C TYR C 317 -16.73 -38.57 -22.25
N HIS C 318 -16.01 -37.55 -22.73
CA HIS C 318 -15.54 -37.55 -24.11
C HIS C 318 -14.41 -38.55 -24.32
N HIS C 319 -13.48 -38.64 -23.37
CA HIS C 319 -12.33 -39.53 -23.48
C HIS C 319 -12.60 -40.90 -22.86
N HIS C 320 -13.86 -41.32 -22.82
CA HIS C 320 -14.20 -42.62 -22.26
C HIS C 320 -13.60 -43.74 -23.10
N ASP C 321 -13.07 -44.75 -22.43
CA ASP C 321 -12.41 -45.85 -23.12
C ASP C 321 -13.43 -46.69 -23.88
N PRO C 322 -13.23 -46.94 -25.18
CA PRO C 322 -14.21 -47.74 -25.92
C PRO C 322 -14.35 -49.17 -25.43
N ASP C 323 -13.34 -49.69 -24.73
CA ASP C 323 -13.37 -51.06 -24.23
C ASP C 323 -13.93 -51.15 -22.82
N GLY C 324 -14.35 -50.04 -22.23
CA GLY C 324 -14.89 -50.04 -20.89
C GLY C 324 -16.35 -50.46 -20.87
N GLY C 325 -17.02 -50.13 -19.78
CA GLY C 325 -18.43 -50.46 -19.66
C GLY C 325 -19.26 -49.74 -20.69
N LYS C 326 -20.25 -50.44 -21.24
CA LYS C 326 -21.12 -49.85 -22.23
C LYS C 326 -22.08 -48.85 -21.57
N MET C 327 -22.73 -48.04 -22.41
CA MET C 327 -23.68 -47.07 -21.91
C MET C 327 -24.86 -47.78 -21.24
N PRO C 328 -25.20 -47.42 -20.00
CA PRO C 328 -26.42 -47.97 -19.40
C PRO C 328 -27.64 -47.57 -20.20
N LYS C 329 -28.64 -48.45 -20.24
CA LYS C 329 -29.82 -48.20 -21.03
C LYS C 329 -30.56 -46.95 -20.54
N TRP C 330 -30.62 -46.77 -19.22
CA TRP C 330 -31.29 -45.59 -18.67
C TRP C 330 -30.61 -44.32 -19.13
N THR C 331 -29.28 -44.24 -19.01
CA THR C 331 -28.57 -43.04 -19.44
C THR C 331 -28.70 -42.82 -20.94
N ARG C 332 -28.63 -43.90 -21.72
CA ARG C 332 -28.75 -43.77 -23.17
C ARG C 332 -30.11 -43.19 -23.54
N VAL C 333 -31.19 -43.77 -23.01
CA VAL C 333 -32.52 -43.29 -23.37
C VAL C 333 -32.76 -41.88 -22.84
N ILE C 334 -32.21 -41.57 -21.67
CA ILE C 334 -32.41 -40.23 -21.10
C ILE C 334 -31.71 -39.18 -21.95
N LEU C 335 -30.44 -39.41 -22.29
CA LEU C 335 -29.69 -38.39 -23.00
C LEU C 335 -29.94 -38.44 -24.51
N LEU C 336 -29.50 -39.52 -25.15
CA LEU C 336 -29.38 -39.53 -26.60
C LEU C 336 -30.71 -39.39 -27.32
N ASN C 337 -31.82 -39.75 -26.67
CA ASN C 337 -33.14 -39.61 -27.27
C ASN C 337 -33.83 -38.34 -26.80
N TRP C 338 -34.01 -38.19 -25.48
CA TRP C 338 -34.80 -37.07 -24.96
C TRP C 338 -34.11 -35.74 -25.19
N CYS C 339 -32.83 -35.64 -24.84
CA CYS C 339 -32.13 -34.37 -24.99
C CYS C 339 -32.02 -33.98 -26.46
N ALA C 340 -31.76 -34.96 -27.34
CA ALA C 340 -31.72 -34.68 -28.77
C ALA C 340 -33.09 -34.22 -29.27
N TRP C 341 -34.16 -34.79 -28.72
CA TRP C 341 -35.50 -34.31 -29.04
C TRP C 341 -35.66 -32.85 -28.62
N PHE C 342 -35.20 -32.52 -27.41
CA PHE C 342 -35.36 -31.17 -26.89
C PHE C 342 -34.39 -30.19 -27.54
N LEU C 343 -33.14 -30.61 -27.78
CA LEU C 343 -32.12 -29.72 -28.30
C LEU C 343 -32.11 -29.66 -29.83
N ARG C 344 -32.87 -30.53 -30.50
CA ARG C 344 -33.00 -30.51 -31.95
C ARG C 344 -31.64 -30.64 -32.64
N MET C 345 -30.88 -31.66 -32.24
CA MET C 345 -29.62 -31.99 -32.88
C MET C 345 -29.63 -33.46 -33.27
N LYS C 346 -29.00 -33.76 -34.40
CA LYS C 346 -29.04 -35.08 -35.00
C LYS C 346 -27.72 -35.81 -34.77
N ARG C 347 -27.81 -37.06 -34.31
CA ARG C 347 -26.62 -37.87 -34.13
C ARG C 347 -26.05 -38.25 -35.49
N PRO C 348 -24.73 -38.17 -35.66
CA PRO C 348 -24.09 -38.59 -36.90
C PRO C 348 -24.37 -40.07 -37.20
N GLY C 349 -25.07 -40.37 -38.30
CA GLY C 349 -25.42 -41.74 -38.62
C GLY C 349 -26.37 -42.35 -37.61
N ASP C 430 -2.03 -73.95 -54.73
CA ASP C 430 -3.36 -73.91 -54.12
C ASP C 430 -3.33 -73.78 -52.58
N PRO C 431 -2.50 -74.56 -51.88
CA PRO C 431 -2.37 -74.33 -50.43
C PRO C 431 -1.94 -72.92 -50.10
N ASP C 432 -1.02 -72.36 -50.90
CA ASP C 432 -0.62 -70.97 -50.71
C ASP C 432 -1.79 -70.02 -50.91
N LEU C 433 -2.70 -70.36 -51.83
CA LEU C 433 -3.93 -69.57 -51.98
C LEU C 433 -4.74 -69.57 -50.69
N ALA C 434 -4.86 -70.73 -50.05
CA ALA C 434 -5.55 -70.79 -48.77
C ALA C 434 -4.84 -69.94 -47.73
N LYS C 435 -3.50 -69.99 -47.70
CA LYS C 435 -2.75 -69.22 -46.72
C LYS C 435 -3.00 -67.72 -46.88
N ILE C 436 -2.91 -67.23 -48.11
CA ILE C 436 -3.14 -65.80 -48.32
C ILE C 436 -4.59 -65.46 -48.03
N LEU C 437 -5.51 -66.39 -48.28
CA LEU C 437 -6.90 -66.16 -47.94
C LEU C 437 -7.06 -65.94 -46.44
N GLU C 438 -6.43 -66.80 -45.63
CA GLU C 438 -6.51 -66.59 -44.18
C GLU C 438 -5.84 -65.30 -43.76
N GLU C 439 -4.72 -64.93 -44.39
CA GLU C 439 -4.05 -63.68 -44.02
C GLU C 439 -4.95 -62.48 -44.28
N VAL C 440 -5.53 -62.40 -45.48
CA VAL C 440 -6.40 -61.27 -45.80
C VAL C 440 -7.66 -61.30 -44.96
N ARG C 441 -8.16 -62.49 -44.62
CA ARG C 441 -9.32 -62.58 -43.73
C ARG C 441 -9.00 -62.00 -42.36
N TYR C 442 -7.82 -62.33 -41.82
CA TYR C 442 -7.43 -61.79 -40.52
C TYR C 442 -7.30 -60.28 -40.58
N ILE C 443 -6.70 -59.76 -41.65
CA ILE C 443 -6.56 -58.30 -41.78
C ILE C 443 -7.93 -57.64 -41.85
N ALA C 444 -8.84 -58.19 -42.65
CA ALA C 444 -10.17 -57.61 -42.80
C ALA C 444 -10.93 -57.63 -41.47
N ASN C 445 -10.83 -58.74 -40.73
CA ASN C 445 -11.53 -58.81 -39.45
C ASN C 445 -10.95 -57.81 -38.45
N ARG C 446 -9.63 -57.61 -38.47
CA ARG C 446 -9.02 -56.58 -37.64
C ARG C 446 -9.59 -55.21 -37.97
N PHE C 447 -9.69 -54.91 -39.27
CA PHE C 447 -10.23 -53.60 -39.65
C PHE C 447 -11.69 -53.46 -39.24
N ARG C 448 -12.47 -54.53 -39.36
CA ARG C 448 -13.88 -54.48 -38.94
C ARG C 448 -14.01 -54.22 -37.45
N CYS C 449 -13.20 -54.89 -36.63
CA CYS C 449 -13.23 -54.65 -35.19
C CYS C 449 -12.84 -53.22 -34.86
N GLN C 450 -11.82 -52.70 -35.55
CA GLN C 450 -11.42 -51.32 -35.34
C GLN C 450 -12.57 -50.36 -35.67
N ASP C 451 -13.28 -50.63 -36.77
CA ASP C 451 -14.37 -49.76 -37.18
C ASP C 451 -15.50 -49.76 -36.16
N GLU C 452 -15.88 -50.94 -35.66
CA GLU C 452 -16.96 -50.99 -34.68
C GLU C 452 -16.55 -50.32 -33.37
N SER C 453 -15.29 -50.49 -32.96
CA SER C 453 -14.82 -49.78 -31.77
C SER C 453 -14.85 -48.27 -31.97
N GLU C 454 -14.50 -47.81 -33.18
CA GLU C 454 -14.57 -46.39 -33.48
C GLU C 454 -16.00 -45.87 -33.38
N ALA C 455 -16.96 -46.63 -33.88
CA ALA C 455 -18.36 -46.23 -33.75
C ALA C 455 -18.79 -46.16 -32.29
N VAL C 456 -18.35 -47.14 -31.49
CA VAL C 456 -18.67 -47.15 -30.07
C VAL C 456 -18.13 -45.90 -29.39
N CYS C 457 -16.91 -45.50 -29.72
CA CYS C 457 -16.36 -44.27 -29.16
C CYS C 457 -17.10 -43.03 -29.66
N SER C 458 -17.53 -43.04 -30.92
CA SER C 458 -18.24 -41.90 -31.48
C SER C 458 -19.56 -41.65 -30.75
N GLU C 459 -20.23 -42.72 -30.35
CA GLU C 459 -21.50 -42.54 -29.63
C GLU C 459 -21.28 -41.82 -28.29
N TRP C 460 -20.21 -42.18 -27.57
CA TRP C 460 -19.89 -41.47 -26.33
C TRP C 460 -19.52 -40.02 -26.61
N LYS C 461 -18.79 -39.77 -27.69
CA LYS C 461 -18.46 -38.40 -28.06
C LYS C 461 -19.73 -37.58 -28.29
N PHE C 462 -20.71 -38.17 -28.97
CA PHE C 462 -21.97 -37.47 -29.19
C PHE C 462 -22.69 -37.23 -27.86
N ALA C 463 -22.65 -38.19 -26.94
CA ALA C 463 -23.28 -38.00 -25.64
C ALA C 463 -22.67 -36.82 -24.90
N ALA C 464 -21.34 -36.70 -24.92
CA ALA C 464 -20.70 -35.55 -24.31
C ALA C 464 -21.11 -34.25 -25.02
N CYS C 465 -21.14 -34.26 -26.34
CA CYS C 465 -21.49 -33.07 -27.09
C CYS C 465 -22.93 -32.64 -26.81
N VAL C 466 -23.80 -33.58 -26.47
CA VAL C 466 -25.18 -33.23 -26.19
C VAL C 466 -25.42 -32.83 -24.74
N VAL C 467 -24.61 -33.34 -23.80
CA VAL C 467 -24.73 -32.83 -22.43
C VAL C 467 -24.14 -31.43 -22.33
N ASP C 468 -23.18 -31.11 -23.20
CA ASP C 468 -22.52 -29.80 -23.14
C ASP C 468 -23.51 -28.65 -23.32
N ARG C 469 -24.37 -28.74 -24.35
CA ARG C 469 -25.28 -27.65 -24.63
C ARG C 469 -26.35 -27.51 -23.56
N LEU C 470 -26.82 -28.64 -23.01
CA LEU C 470 -27.76 -28.60 -21.90
C LEU C 470 -27.17 -27.84 -20.72
N CYS C 471 -25.93 -28.17 -20.35
CA CYS C 471 -25.31 -27.48 -19.23
C CYS C 471 -25.07 -26.01 -19.57
N LEU C 472 -24.77 -25.70 -20.83
CA LEU C 472 -24.64 -24.30 -21.24
C LEU C 472 -25.92 -23.53 -20.99
N MET C 473 -27.06 -24.08 -21.42
CA MET C 473 -28.34 -23.40 -21.22
C MET C 473 -28.62 -23.21 -19.74
N ALA C 474 -28.41 -24.26 -18.95
CA ALA C 474 -28.70 -24.19 -17.52
C ALA C 474 -27.85 -23.10 -16.85
N PHE C 475 -26.55 -23.09 -17.15
CA PHE C 475 -25.67 -22.12 -16.50
C PHE C 475 -25.96 -20.70 -16.96
N SER C 476 -26.31 -20.51 -18.23
CA SER C 476 -26.65 -19.18 -18.71
C SER C 476 -27.89 -18.64 -17.99
N VAL C 477 -28.93 -19.48 -17.87
CA VAL C 477 -30.12 -19.04 -17.15
C VAL C 477 -29.78 -18.73 -15.70
N PHE C 478 -28.99 -19.60 -15.06
CA PHE C 478 -28.61 -19.38 -13.67
C PHE C 478 -27.91 -18.04 -13.49
N THR C 479 -26.91 -17.75 -14.33
CA THR C 479 -26.12 -16.54 -14.12
C THR C 479 -26.94 -15.30 -14.41
N ILE C 480 -27.77 -15.30 -15.46
CA ILE C 480 -28.54 -14.10 -15.74
C ILE C 480 -29.55 -13.84 -14.61
N ILE C 481 -30.23 -14.90 -14.14
CA ILE C 481 -31.22 -14.73 -13.09
C ILE C 481 -30.57 -14.24 -11.80
N CYS C 482 -29.42 -14.82 -11.44
CA CYS C 482 -28.74 -14.41 -10.21
C CYS C 482 -28.28 -12.96 -10.30
N THR C 483 -27.64 -12.59 -11.42
CA THR C 483 -27.10 -11.24 -11.53
C THR C 483 -28.20 -10.20 -11.69
N ILE C 484 -29.40 -10.59 -12.08
CA ILE C 484 -30.50 -9.64 -12.08
C ILE C 484 -31.11 -9.51 -10.70
N GLY C 485 -31.39 -10.64 -10.05
CA GLY C 485 -32.06 -10.61 -8.77
C GLY C 485 -31.22 -9.95 -7.68
N ILE C 486 -29.92 -10.26 -7.63
CA ILE C 486 -29.07 -9.72 -6.58
C ILE C 486 -29.03 -8.19 -6.66
N LEU C 487 -28.89 -7.66 -7.87
CA LEU C 487 -28.83 -6.22 -8.04
C LEU C 487 -30.19 -5.57 -7.77
N MET C 488 -31.26 -6.13 -8.33
CA MET C 488 -32.56 -5.51 -8.17
C MET C 488 -33.13 -5.68 -6.76
N SER C 489 -32.50 -6.50 -5.92
CA SER C 489 -32.97 -6.65 -4.54
C SER C 489 -32.82 -5.34 -3.76
N ALA C 490 -31.72 -4.62 -3.99
CA ALA C 490 -31.42 -3.44 -3.19
C ALA C 490 -32.46 -2.34 -3.43
N PRO C 491 -32.88 -1.65 -2.38
CA PRO C 491 -33.82 -0.53 -2.55
C PRO C 491 -33.13 0.65 -3.24
N ASN C 492 -33.97 1.56 -3.75
CA ASN C 492 -33.57 2.79 -4.44
C ASN C 492 -32.59 2.53 -5.59
N PHE C 493 -32.52 1.28 -6.07
CA PHE C 493 -31.68 0.97 -7.21
C PHE C 493 -32.16 1.70 -8.47
N VAL C 494 -33.47 1.74 -8.68
CA VAL C 494 -34.02 2.43 -9.85
C VAL C 494 -33.69 3.91 -9.78
N GLU C 495 -33.83 4.53 -8.60
CA GLU C 495 -33.51 5.94 -8.46
C GLU C 495 -32.01 6.18 -8.69
N ALA C 496 -31.16 5.28 -8.18
CA ALA C 496 -29.72 5.44 -8.36
C ALA C 496 -29.34 5.38 -9.83
N VAL C 497 -29.90 4.41 -10.57
CA VAL C 497 -29.57 4.32 -11.99
C VAL C 497 -30.27 5.39 -12.82
N SER C 498 -31.34 5.99 -12.31
CA SER C 498 -31.95 7.12 -13.01
C SER C 498 -31.14 8.40 -12.81
N LYS C 499 -30.52 8.54 -11.64
CA LYS C 499 -29.76 9.75 -11.34
C LYS C 499 -28.33 9.70 -11.88
N ASP C 500 -27.61 8.60 -11.64
CA ASP C 500 -26.20 8.53 -11.99
C ASP C 500 -25.95 8.00 -13.40
N PHE C 501 -27.00 7.73 -14.17
CA PHE C 501 -26.84 7.25 -15.54
C PHE C 501 -27.67 8.02 -16.55
N ALA C 502 -28.51 8.95 -16.12
CA ALA C 502 -29.36 9.70 -17.05
C ALA C 502 -29.71 11.06 -16.47
N GLY D 23 -23.63 39.25 36.42
CA GLY D 23 -24.25 39.75 37.63
C GLY D 23 -23.26 40.18 38.68
N GLU D 24 -23.61 41.24 39.42
CA GLU D 24 -22.70 41.76 40.43
C GLU D 24 -22.46 40.73 41.54
N PHE D 25 -23.46 39.90 41.83
CA PHE D 25 -23.28 38.89 42.88
C PHE D 25 -22.22 37.87 42.49
N GLN D 26 -22.31 37.31 41.27
CA GLN D 26 -21.32 36.33 40.86
C GLN D 26 -19.97 36.98 40.60
N ARG D 27 -19.96 38.24 40.15
CA ARG D 27 -18.68 38.94 40.01
C ARG D 27 -17.99 39.10 41.36
N LYS D 28 -18.75 39.48 42.39
CA LYS D 28 -18.20 39.60 43.73
C LYS D 28 -17.72 38.25 44.25
N LEU D 29 -18.50 37.20 44.00
CA LEU D 29 -18.11 35.87 44.45
C LEU D 29 -16.81 35.42 43.78
N TYR D 30 -16.68 35.65 42.48
CA TYR D 30 -15.46 35.30 41.77
C TYR D 30 -14.27 36.09 42.30
N LYS D 31 -14.48 37.38 42.58
CA LYS D 31 -13.40 38.20 43.14
C LYS D 31 -12.98 37.68 44.51
N GLU D 32 -13.94 37.27 45.32
CA GLU D 32 -13.61 36.82 46.69
C GLU D 32 -12.97 35.44 46.70
N LEU D 33 -13.35 34.56 45.76
CA LEU D 33 -12.91 33.18 45.83
C LEU D 33 -11.41 33.04 45.55
N VAL D 34 -10.90 33.80 44.58
CA VAL D 34 -9.54 33.59 44.08
C VAL D 34 -8.53 34.41 44.86
N LYS D 35 -8.97 35.03 45.96
CA LYS D 35 -8.06 35.82 46.78
C LYS D 35 -7.20 34.90 47.64
N ASN D 36 -5.87 35.11 47.58
CA ASN D 36 -4.91 34.32 48.35
C ASN D 36 -5.04 32.83 48.08
N TYR D 37 -5.30 32.48 46.82
CA TYR D 37 -5.46 31.09 46.41
C TYR D 37 -4.22 30.64 45.65
N ASN D 38 -3.64 29.53 46.07
CA ASN D 38 -2.46 28.96 45.42
C ASN D 38 -2.86 27.69 44.71
N PRO D 39 -2.74 27.61 43.37
CA PRO D 39 -3.09 26.37 42.67
C PRO D 39 -2.12 25.23 42.90
N LEU D 40 -1.05 25.44 43.66
CA LEU D 40 -0.06 24.41 43.94
C LEU D 40 -0.25 23.77 45.31
N GLU D 41 -1.36 24.05 45.98
CA GLU D 41 -1.60 23.59 47.34
C GLU D 41 -2.75 22.59 47.34
N ARG D 42 -2.57 21.49 48.05
CA ARG D 42 -3.63 20.50 48.18
C ARG D 42 -4.72 21.03 49.10
N PRO D 43 -5.96 21.17 48.63
CA PRO D 43 -7.03 21.80 49.44
C PRO D 43 -7.61 20.88 50.51
N VAL D 44 -6.92 20.78 51.63
CA VAL D 44 -7.36 19.96 52.76
C VAL D 44 -7.34 20.80 54.02
N ALA D 45 -8.23 20.46 54.95
CA ALA D 45 -8.28 21.19 56.22
C ALA D 45 -7.12 20.81 57.12
N ASN D 46 -6.77 19.53 57.16
CA ASN D 46 -5.64 19.05 57.95
C ASN D 46 -4.57 18.50 57.02
N ASP D 47 -3.35 19.02 57.17
CA ASP D 47 -2.27 18.68 56.25
C ASP D 47 -1.82 17.23 56.38
N SER D 48 -2.02 16.60 57.53
CA SER D 48 -1.57 15.24 57.76
C SER D 48 -2.58 14.19 57.30
N GLN D 49 -3.75 14.60 56.80
CA GLN D 49 -4.75 13.66 56.34
C GLN D 49 -4.80 13.64 54.82
N PRO D 50 -5.13 12.49 54.23
CA PRO D 50 -5.22 12.40 52.77
C PRO D 50 -6.50 13.05 52.25
N LEU D 51 -6.56 13.22 50.94
CA LEU D 51 -7.72 13.75 50.25
C LEU D 51 -8.34 12.66 49.40
N THR D 52 -9.64 12.43 49.58
CA THR D 52 -10.33 11.37 48.88
C THR D 52 -10.73 11.85 47.49
N VAL D 53 -10.34 11.08 46.47
CA VAL D 53 -10.67 11.37 45.08
C VAL D 53 -11.32 10.15 44.47
N TYR D 54 -12.50 10.32 43.89
CA TYR D 54 -13.24 9.24 43.27
C TYR D 54 -12.95 9.22 41.78
N PHE D 55 -12.61 8.04 41.25
CA PHE D 55 -12.29 7.88 39.85
C PHE D 55 -13.27 6.91 39.20
N SER D 56 -13.60 7.17 37.94
CA SER D 56 -14.55 6.35 37.21
C SER D 56 -14.28 6.53 35.72
N LEU D 57 -15.03 5.78 34.92
CA LEU D 57 -14.87 5.80 33.47
C LEU D 57 -16.23 5.81 32.80
N SER D 58 -16.24 6.25 31.54
CA SER D 58 -17.45 6.22 30.71
C SER D 58 -16.99 5.83 29.29
N LEU D 59 -17.00 4.54 29.02
CA LEU D 59 -16.60 4.05 27.71
C LEU D 59 -17.62 4.47 26.65
N LEU D 60 -17.13 4.99 25.54
CA LEU D 60 -17.99 5.49 24.48
C LEU D 60 -17.84 4.75 23.16
N GLN D 61 -16.61 4.46 22.74
CA GLN D 61 -16.41 3.85 21.44
C GLN D 61 -15.05 3.17 21.40
N ILE D 62 -15.01 1.96 20.86
CA ILE D 62 -13.76 1.26 20.56
C ILE D 62 -13.44 1.55 19.10
N MET D 63 -12.49 2.44 18.86
CA MET D 63 -12.23 2.90 17.50
C MET D 63 -11.42 1.89 16.70
N ASP D 64 -10.21 1.58 17.17
CA ASP D 64 -9.30 0.73 16.42
C ASP D 64 -8.59 -0.22 17.38
N VAL D 65 -8.50 -1.49 17.00
CA VAL D 65 -7.71 -2.48 17.71
C VAL D 65 -6.57 -2.88 16.80
N ASP D 66 -5.41 -2.25 17.01
CA ASP D 66 -4.26 -2.46 16.12
C ASP D 66 -3.55 -3.74 16.52
N GLU D 67 -3.66 -4.77 15.66
CA GLU D 67 -3.04 -6.06 15.98
C GLU D 67 -1.53 -6.01 15.79
N LYS D 68 -1.07 -5.34 14.73
CA LYS D 68 0.35 -5.39 14.39
C LYS D 68 1.20 -4.65 15.43
N ASN D 69 0.81 -3.42 15.76
CA ASN D 69 1.60 -2.60 16.69
C ASN D 69 1.07 -2.64 18.12
N GLN D 70 0.03 -3.44 18.39
CA GLN D 70 -0.46 -3.68 19.75
C GLN D 70 -0.86 -2.37 20.44
N VAL D 71 -1.82 -1.68 19.82
CA VAL D 71 -2.34 -0.43 20.35
C VAL D 71 -3.86 -0.46 20.25
N LEU D 72 -4.53 -0.15 21.36
CA LEU D 72 -5.98 -0.09 21.41
C LEU D 72 -6.40 1.37 21.56
N THR D 73 -7.22 1.84 20.65
CA THR D 73 -7.67 3.23 20.63
C THR D 73 -9.14 3.28 21.03
N THR D 74 -9.46 4.05 22.06
CA THR D 74 -10.81 4.14 22.60
C THR D 74 -11.21 5.60 22.77
N ASN D 75 -12.50 5.81 22.95
CA ASN D 75 -13.08 7.11 23.28
C ASN D 75 -13.58 7.04 24.72
N ILE D 76 -13.01 7.88 25.58
CA ILE D 76 -13.22 7.76 27.03
C ILE D 76 -13.57 9.13 27.60
N TRP D 77 -14.47 9.14 28.57
CA TRP D 77 -14.77 10.32 29.38
C TRP D 77 -14.36 10.02 30.82
N LEU D 78 -13.24 10.60 31.24
CA LEU D 78 -12.80 10.42 32.61
C LEU D 78 -13.77 11.09 33.58
N GLN D 79 -13.86 10.55 34.79
CA GLN D 79 -14.73 11.10 35.83
C GLN D 79 -13.94 11.19 37.12
N MET D 80 -13.79 12.42 37.62
CA MET D 80 -13.12 12.66 38.89
C MET D 80 -14.00 13.54 39.76
N SER D 81 -13.89 13.34 41.07
CA SER D 81 -14.67 14.12 42.02
C SER D 81 -13.95 14.15 43.36
N TRP D 82 -13.91 15.32 43.98
CA TRP D 82 -13.27 15.48 45.27
C TRP D 82 -13.85 16.70 45.96
N THR D 83 -13.61 16.79 47.26
CA THR D 83 -14.15 17.87 48.09
C THR D 83 -13.06 18.89 48.37
N ASP D 84 -13.35 20.16 48.08
CA ASP D 84 -12.42 21.25 48.32
C ASP D 84 -12.81 21.98 49.60
N HIS D 85 -11.80 22.56 50.25
CA HIS D 85 -12.00 23.21 51.54
C HIS D 85 -12.09 24.73 51.44
N TYR D 86 -11.38 25.33 50.49
CA TYR D 86 -11.36 26.79 50.37
C TYR D 86 -12.47 27.34 49.49
N LEU D 87 -13.05 26.52 48.61
CA LEU D 87 -14.03 26.99 47.64
C LEU D 87 -15.45 26.72 48.16
N GLN D 88 -15.81 27.45 49.21
CA GLN D 88 -17.14 27.35 49.80
C GLN D 88 -17.68 28.75 50.06
N TRP D 89 -19.01 28.86 50.02
CA TRP D 89 -19.67 30.13 50.26
C TRP D 89 -21.12 29.87 50.68
N ASN D 90 -21.76 30.92 51.19
CA ASN D 90 -23.15 30.86 51.60
C ASN D 90 -24.03 31.35 50.46
N VAL D 91 -25.05 30.55 50.13
CA VAL D 91 -25.93 30.90 49.02
C VAL D 91 -26.73 32.16 49.33
N SER D 92 -27.10 32.36 50.60
CA SER D 92 -27.87 33.54 50.96
C SER D 92 -27.10 34.82 50.68
N GLU D 93 -25.79 34.82 50.93
CA GLU D 93 -24.98 36.01 50.68
C GLU D 93 -24.88 36.31 49.18
N TYR D 94 -24.99 35.29 48.34
CA TYR D 94 -24.89 35.44 46.88
C TYR D 94 -26.10 34.77 46.25
N PRO D 95 -27.27 35.41 46.32
CA PRO D 95 -28.47 34.78 45.75
C PRO D 95 -28.37 34.61 44.25
N GLY D 96 -28.94 33.53 43.75
CA GLY D 96 -29.06 33.28 42.33
C GLY D 96 -27.92 32.50 41.71
N VAL D 97 -26.78 32.39 42.37
CA VAL D 97 -25.62 31.67 41.86
C VAL D 97 -25.41 30.43 42.72
N LYS D 98 -25.36 29.27 42.07
CA LYS D 98 -25.17 28.00 42.76
C LYS D 98 -23.87 27.31 42.42
N THR D 99 -23.38 27.45 41.19
CA THR D 99 -22.16 26.80 40.75
C THR D 99 -21.25 27.80 40.08
N VAL D 100 -19.94 27.52 40.13
CA VAL D 100 -18.94 28.33 39.46
C VAL D 100 -18.03 27.40 38.68
N ARG D 101 -17.41 27.94 37.63
CA ARG D 101 -16.54 27.19 36.75
C ARG D 101 -15.16 27.83 36.71
N PHE D 102 -14.12 27.00 36.72
CA PHE D 102 -12.76 27.46 36.68
C PHE D 102 -12.01 26.78 35.54
N PRO D 103 -11.17 27.52 34.83
CA PRO D 103 -10.43 26.95 33.70
C PRO D 103 -9.16 26.27 34.18
N ASP D 104 -8.38 25.82 33.23
CA ASP D 104 -7.12 25.15 33.54
C ASP D 104 -6.12 26.14 34.12
N GLY D 105 -5.38 25.67 35.14
CA GLY D 105 -4.30 26.46 35.70
C GLY D 105 -4.71 27.48 36.74
N GLN D 106 -5.96 27.50 37.16
CA GLN D 106 -6.41 28.43 38.19
C GLN D 106 -6.81 27.76 39.49
N ILE D 107 -7.07 26.45 39.48
CA ILE D 107 -7.35 25.70 40.70
C ILE D 107 -6.58 24.39 40.65
N TRP D 108 -6.41 23.77 41.82
CA TRP D 108 -5.69 22.51 41.91
C TRP D 108 -6.58 21.37 41.44
N LYS D 109 -6.02 20.52 40.58
CA LYS D 109 -6.70 19.32 40.12
C LYS D 109 -5.74 18.14 40.17
N PRO D 110 -6.24 16.93 40.39
CA PRO D 110 -5.34 15.78 40.49
C PRO D 110 -4.66 15.48 39.17
N ASP D 111 -3.42 14.98 39.29
CA ASP D 111 -2.61 14.66 38.12
C ASP D 111 -2.72 13.18 37.77
N ILE D 112 -3.95 12.75 37.52
CA ILE D 112 -4.22 11.36 37.18
C ILE D 112 -3.80 11.12 35.74
N LEU D 113 -2.94 10.14 35.52
CA LEU D 113 -2.40 9.85 34.20
C LEU D 113 -2.51 8.36 33.91
N LEU D 114 -2.69 8.03 32.63
CA LEU D 114 -2.69 6.65 32.18
C LEU D 114 -1.25 6.16 32.14
N TYR D 115 -0.93 5.17 32.98
CA TYR D 115 0.45 4.70 33.08
C TYR D 115 0.93 4.08 31.77
N ASN D 116 0.15 3.17 31.22
CA ASN D 116 0.55 2.41 30.04
C ASN D 116 0.00 3.05 28.76
N SER D 117 0.44 4.27 28.50
CA SER D 117 0.02 4.98 27.30
C SER D 117 1.01 4.74 26.17
N ALA D 118 0.52 4.92 24.94
CA ALA D 118 1.33 4.73 23.74
C ALA D 118 1.11 5.89 22.78
N ASP D 119 0.98 7.09 23.32
CA ASP D 119 0.77 8.29 22.52
C ASP D 119 1.95 9.23 22.69
N GLU D 120 2.26 9.98 21.62
CA GLU D 120 3.35 10.94 21.69
C GLU D 120 3.10 11.98 22.76
N ARG D 121 1.87 12.50 22.84
CA ARG D 121 1.45 13.35 23.94
C ARG D 121 0.90 12.45 25.03
N PHE D 122 1.67 12.30 26.12
CA PHE D 122 1.30 11.37 27.17
C PHE D 122 -0.04 11.73 27.81
N ASP D 123 -0.39 13.01 27.82
CA ASP D 123 -1.66 13.48 28.36
C ASP D 123 -2.59 13.76 27.19
N ALA D 124 -3.41 12.77 26.84
CA ALA D 124 -4.32 12.85 25.71
C ALA D 124 -5.72 13.31 26.12
N THR D 125 -5.82 14.06 27.22
CA THR D 125 -7.10 14.55 27.70
C THR D 125 -7.26 16.02 27.35
N PHE D 126 -8.43 16.38 26.82
CA PHE D 126 -8.73 17.77 26.51
C PHE D 126 -9.20 18.45 27.78
N HIS D 127 -8.35 19.31 28.35
CA HIS D 127 -8.63 19.93 29.64
C HIS D 127 -9.83 20.86 29.51
N THR D 128 -10.92 20.51 30.18
CA THR D 128 -12.13 21.31 30.20
C THR D 128 -12.22 22.07 31.52
N ASN D 129 -13.35 22.74 31.74
CA ASN D 129 -13.56 23.47 32.97
C ASN D 129 -13.80 22.52 34.14
N VAL D 130 -13.85 23.08 35.34
CA VAL D 130 -14.15 22.34 36.55
C VAL D 130 -15.41 22.93 37.18
N LEU D 131 -16.42 22.10 37.39
CA LEU D 131 -17.67 22.54 37.98
C LEU D 131 -17.61 22.38 39.49
N VAL D 132 -18.04 23.40 40.22
CA VAL D 132 -17.88 23.48 41.66
C VAL D 132 -19.25 23.57 42.33
N ASN D 133 -19.38 22.91 43.47
CA ASN D 133 -20.58 22.98 44.30
C ASN D 133 -20.69 24.36 44.92
N SER D 134 -21.71 24.55 45.75
CA SER D 134 -21.73 25.64 46.70
C SER D 134 -21.07 25.25 48.02
N SER D 135 -20.58 24.01 48.13
CA SER D 135 -19.96 23.52 49.36
C SER D 135 -18.60 22.89 49.12
N GLY D 136 -17.99 23.10 47.95
CA GLY D 136 -16.64 22.68 47.68
C GLY D 136 -16.49 21.45 46.82
N HIS D 137 -17.57 20.68 46.64
CA HIS D 137 -17.47 19.48 45.80
C HIS D 137 -17.19 19.85 44.36
N CYS D 138 -16.26 19.13 43.75
CA CYS D 138 -15.79 19.42 42.40
C CYS D 138 -16.06 18.25 41.47
N GLN D 139 -16.29 18.56 40.20
CA GLN D 139 -16.45 17.56 39.16
C GLN D 139 -15.58 17.94 37.97
N TYR D 140 -15.05 16.92 37.29
CA TYR D 140 -14.10 17.15 36.20
C TYR D 140 -14.23 15.98 35.24
N LEU D 141 -14.67 16.26 34.01
CA LEU D 141 -14.92 15.23 33.00
C LEU D 141 -14.17 15.60 31.72
N PRO D 142 -12.87 15.34 31.65
CA PRO D 142 -12.11 15.66 30.45
C PRO D 142 -12.21 14.54 29.43
N PRO D 143 -12.76 14.82 28.26
CA PRO D 143 -12.81 13.81 27.21
C PRO D 143 -11.47 13.70 26.48
N GLY D 144 -11.32 12.59 25.76
CA GLY D 144 -10.11 12.38 24.99
C GLY D 144 -10.10 11.00 24.38
N ILE D 145 -9.27 10.85 23.36
CA ILE D 145 -9.06 9.58 22.68
C ILE D 145 -7.74 9.00 23.16
N PHE D 146 -7.80 7.83 23.78
CA PHE D 146 -6.65 7.23 24.42
C PHE D 146 -6.08 6.11 23.55
N LYS D 147 -4.75 6.02 23.50
CA LYS D 147 -4.05 5.00 22.74
C LYS D 147 -3.16 4.23 23.72
N SER D 148 -3.71 3.20 24.34
CA SER D 148 -2.97 2.40 25.30
C SER D 148 -2.15 1.34 24.56
N SER D 149 -1.40 0.55 25.34
CA SER D 149 -0.57 -0.51 24.80
C SER D 149 -0.89 -1.80 25.55
N CYS D 150 -1.56 -2.73 24.88
CA CYS D 150 -1.93 -4.01 25.48
C CYS D 150 -1.45 -5.13 24.58
N TYR D 151 -0.89 -6.17 25.20
CA TYR D 151 -0.45 -7.34 24.44
C TYR D 151 -1.64 -8.04 23.83
N ILE D 152 -1.53 -8.39 22.55
CA ILE D 152 -2.63 -8.98 21.79
C ILE D 152 -2.22 -10.39 21.36
N ASP D 153 -3.07 -11.36 21.68
CA ASP D 153 -2.83 -12.75 21.33
C ASP D 153 -3.63 -13.13 20.11
N VAL D 154 -2.98 -13.79 19.14
CA VAL D 154 -3.62 -14.20 17.91
C VAL D 154 -3.44 -15.69 17.71
N ARG D 155 -3.30 -16.43 18.82
CA ARG D 155 -3.16 -17.88 18.72
C ARG D 155 -4.41 -18.52 18.12
N TRP D 156 -5.58 -18.04 18.50
CA TRP D 156 -6.84 -18.56 17.99
C TRP D 156 -7.48 -17.62 16.96
N PHE D 157 -6.69 -16.78 16.32
CA PHE D 157 -7.22 -15.84 15.34
C PHE D 157 -7.87 -16.61 14.19
N PRO D 158 -9.07 -16.22 13.73
CA PRO D 158 -9.87 -15.08 14.17
C PRO D 158 -10.98 -15.45 15.15
N PHE D 159 -10.68 -16.26 16.18
CA PHE D 159 -11.65 -16.58 17.22
C PHE D 159 -11.18 -16.09 18.58
N ASP D 160 -10.30 -15.09 18.61
CA ASP D 160 -9.63 -14.69 19.84
C ASP D 160 -10.53 -13.83 20.72
N VAL D 161 -10.23 -13.84 22.01
CA VAL D 161 -10.82 -12.95 22.99
C VAL D 161 -9.69 -12.31 23.78
N GLN D 162 -9.61 -10.98 23.73
CA GLN D 162 -8.50 -10.25 24.31
C GLN D 162 -8.91 -9.56 25.61
N HIS D 163 -7.91 -9.29 26.45
CA HIS D 163 -8.09 -8.59 27.71
C HIS D 163 -7.08 -7.46 27.78
N CYS D 164 -7.45 -6.30 27.23
CA CYS D 164 -6.59 -5.13 27.29
C CYS D 164 -6.87 -4.35 28.58
N LYS D 165 -5.81 -3.74 29.11
CA LYS D 165 -5.86 -3.09 30.42
C LYS D 165 -5.62 -1.60 30.30
N LEU D 166 -6.24 -0.85 31.20
CA LEU D 166 -6.03 0.59 31.33
C LEU D 166 -5.70 0.89 32.78
N LYS D 167 -4.48 1.34 33.04
CA LYS D 167 -4.01 1.60 34.40
C LYS D 167 -3.99 3.09 34.66
N PHE D 168 -4.65 3.51 35.72
CA PHE D 168 -4.76 4.92 36.08
C PHE D 168 -4.28 5.13 37.50
N GLY D 169 -3.57 6.23 37.72
CA GLY D 169 -3.08 6.56 39.06
C GLY D 169 -2.40 7.90 39.06
N SER D 170 -2.29 8.46 40.26
CA SER D 170 -1.61 9.74 40.43
C SER D 170 -0.12 9.59 40.14
N TRP D 171 0.43 10.59 39.45
CA TRP D 171 1.83 10.49 39.03
C TRP D 171 2.80 10.75 40.17
N SER D 172 2.45 11.62 41.12
CA SER D 172 3.38 12.00 42.18
C SER D 172 2.79 11.97 43.59
N TYR D 173 1.47 11.97 43.75
CA TYR D 173 0.89 12.02 45.07
C TYR D 173 0.82 10.63 45.70
N GLY D 174 0.90 10.59 47.02
CA GLY D 174 0.91 9.35 47.76
C GLY D 174 -0.43 9.03 48.41
N GLY D 175 -0.51 7.80 48.95
CA GLY D 175 -1.73 7.37 49.58
C GLY D 175 -2.07 8.14 50.84
N TRP D 176 -1.06 8.54 51.61
CA TRP D 176 -1.32 9.37 52.78
C TRP D 176 -1.78 10.77 52.42
N SER D 177 -1.70 11.15 51.14
CA SER D 177 -2.14 12.46 50.69
C SER D 177 -3.31 12.39 49.72
N LEU D 178 -3.35 11.37 48.86
CA LEU D 178 -4.39 11.24 47.84
C LEU D 178 -4.69 9.77 47.65
N ASP D 179 -5.83 9.31 48.17
CA ASP D 179 -6.24 7.92 48.06
C ASP D 179 -7.36 7.82 47.04
N LEU D 180 -7.09 7.13 45.94
CA LEU D 180 -8.10 6.96 44.89
C LEU D 180 -9.19 5.99 45.34
N GLN D 181 -10.39 6.21 44.84
CA GLN D 181 -11.52 5.33 45.06
C GLN D 181 -12.16 5.01 43.72
N MET D 182 -12.57 3.76 43.54
CA MET D 182 -13.08 3.29 42.27
C MET D 182 -14.60 3.33 42.25
N GLN D 183 -15.16 3.83 41.17
CA GLN D 183 -16.59 3.75 40.90
C GLN D 183 -16.81 2.90 39.66
N GLU D 184 -17.93 2.18 39.64
CA GLU D 184 -18.19 1.25 38.55
C GLU D 184 -18.26 1.99 37.21
N ALA D 185 -17.74 1.35 36.17
CA ALA D 185 -17.68 1.97 34.86
C ALA D 185 -19.07 2.15 34.27
N ASP D 186 -19.19 3.12 33.38
CA ASP D 186 -20.44 3.45 32.71
C ASP D 186 -20.36 3.02 31.26
N ILE D 187 -21.38 2.29 30.80
CA ILE D 187 -21.44 1.81 29.42
C ILE D 187 -22.78 2.17 28.81
N SER D 188 -23.47 3.14 29.42
CA SER D 188 -24.79 3.52 28.93
C SER D 188 -24.71 4.12 27.53
N GLY D 189 -23.70 4.95 27.28
CA GLY D 189 -23.58 5.62 25.99
C GLY D 189 -22.67 4.90 25.02
N TYR D 190 -22.39 3.62 25.28
CA TYR D 190 -21.51 2.86 24.42
C TYR D 190 -22.12 2.68 23.04
N ILE D 191 -21.31 2.89 22.01
CA ILE D 191 -21.73 2.72 20.63
C ILE D 191 -21.23 1.37 20.15
N PRO D 192 -22.12 0.46 19.73
CA PRO D 192 -21.66 -0.86 19.29
C PRO D 192 -20.73 -0.77 18.09
N ASN D 193 -19.73 -1.63 18.06
CA ASN D 193 -18.75 -1.70 16.99
C ASN D 193 -19.03 -2.91 16.11
N GLY D 194 -18.91 -2.72 14.81
CA GLY D 194 -19.22 -3.79 13.87
C GLY D 194 -18.17 -4.87 13.77
N GLU D 195 -17.01 -4.69 14.39
CA GLU D 195 -15.93 -5.66 14.32
C GLU D 195 -15.61 -6.32 15.65
N TRP D 196 -15.93 -5.68 16.77
CA TRP D 196 -15.65 -6.24 18.09
C TRP D 196 -16.91 -6.20 18.94
N ASP D 197 -17.15 -7.27 19.67
CA ASP D 197 -18.29 -7.39 20.56
C ASP D 197 -17.81 -7.24 22.00
N LEU D 198 -18.26 -6.17 22.66
CA LEU D 198 -17.83 -5.91 24.02
C LEU D 198 -18.49 -6.88 24.98
N VAL D 199 -17.67 -7.52 25.82
CA VAL D 199 -18.19 -8.44 26.84
C VAL D 199 -18.45 -7.73 28.15
N GLY D 200 -17.49 -6.91 28.59
CA GLY D 200 -17.64 -6.16 29.82
C GLY D 200 -16.36 -5.43 30.19
N ILE D 201 -16.47 -4.43 31.06
CA ILE D 201 -15.30 -3.65 31.46
C ILE D 201 -15.26 -3.59 32.98
N PRO D 202 -14.76 -4.63 33.64
CA PRO D 202 -14.64 -4.60 35.10
C PRO D 202 -13.40 -3.84 35.55
N GLY D 203 -13.34 -3.60 36.86
CA GLY D 203 -12.20 -2.93 37.45
C GLY D 203 -12.23 -3.06 38.95
N LYS D 204 -11.07 -2.89 39.57
CA LYS D 204 -10.96 -3.01 41.01
C LYS D 204 -9.81 -2.14 41.50
N ARG D 205 -9.94 -1.66 42.74
CA ARG D 205 -8.91 -0.87 43.37
C ARG D 205 -7.82 -1.77 43.96
N SER D 206 -6.57 -1.33 43.83
CA SER D 206 -5.44 -2.09 44.32
C SER D 206 -4.50 -1.17 45.09
N GLU D 207 -3.81 -1.75 46.08
CA GLU D 207 -2.87 -1.03 46.91
C GLU D 207 -1.49 -1.64 46.74
N ARG D 208 -0.48 -0.80 46.50
CA ARG D 208 0.89 -1.24 46.30
C ARG D 208 1.76 -0.55 47.35
N PHE D 209 2.26 -1.32 48.31
CA PHE D 209 3.16 -0.79 49.31
C PHE D 209 4.58 -0.71 48.77
N TYR D 210 5.37 0.16 49.38
CA TYR D 210 6.75 0.36 48.96
C TYR D 210 7.70 -0.35 49.93
N GLU D 211 9.00 -0.17 49.74
CA GLU D 211 10.00 -0.85 50.55
C GLU D 211 10.33 -0.07 51.82
N CYS D 212 10.71 1.19 51.67
CA CYS D 212 11.04 2.06 52.79
C CYS D 212 9.90 2.26 53.76
N CYS D 213 8.70 2.51 53.24
CA CYS D 213 7.69 3.25 53.98
C CYS D 213 6.36 2.52 53.87
N LYS D 214 5.53 2.66 54.90
CA LYS D 214 4.25 1.95 54.95
C LYS D 214 3.17 2.66 54.17
N GLU D 215 3.56 3.57 53.28
CA GLU D 215 2.59 4.34 52.50
C GLU D 215 1.96 3.46 51.43
N PRO D 216 0.64 3.25 51.45
CA PRO D 216 -0.02 2.63 50.30
C PRO D 216 -0.04 3.58 49.13
N TYR D 217 -0.13 3.00 47.92
CA TYR D 217 -0.21 3.77 46.68
C TYR D 217 -1.38 3.23 45.87
N PRO D 218 -2.59 3.74 46.12
CA PRO D 218 -3.77 3.18 45.46
C PRO D 218 -3.79 3.49 43.97
N ASP D 219 -4.52 2.66 43.24
CA ASP D 219 -4.75 2.86 41.82
C ASP D 219 -6.04 2.16 41.41
N VAL D 220 -6.54 2.52 40.23
CA VAL D 220 -7.72 1.91 39.66
C VAL D 220 -7.35 1.39 38.27
N THR D 221 -7.53 0.09 38.06
CA THR D 221 -7.21 -0.54 36.78
C THR D 221 -8.48 -1.06 36.14
N PHE D 222 -8.71 -0.67 34.89
CA PHE D 222 -9.87 -1.12 34.12
C PHE D 222 -9.41 -2.02 33.00
N THR D 223 -9.93 -3.24 32.95
CA THR D 223 -9.60 -4.20 31.92
C THR D 223 -10.80 -4.40 31.00
N VAL D 224 -10.54 -4.33 29.69
CA VAL D 224 -11.60 -4.42 28.69
C VAL D 224 -11.58 -5.83 28.11
N THR D 225 -12.74 -6.49 28.12
CA THR D 225 -12.90 -7.81 27.53
C THR D 225 -13.77 -7.69 26.30
N MET D 226 -13.23 -8.06 25.15
CA MET D 226 -13.94 -7.95 23.89
C MET D 226 -13.73 -9.21 23.07
N ARG D 227 -14.75 -9.59 22.30
CA ARG D 227 -14.73 -10.79 21.49
C ARG D 227 -14.84 -10.40 20.02
N ARG D 228 -13.96 -10.96 19.20
CA ARG D 228 -13.95 -10.64 17.77
C ARG D 228 -15.16 -11.26 17.09
N ARG D 229 -15.75 -10.50 16.17
CA ARG D 229 -16.84 -11.00 15.34
C ARG D 229 -16.24 -11.65 14.09
N THR D 230 -16.65 -12.88 13.81
CA THR D 230 -15.96 -13.73 12.86
C THR D 230 -16.65 -13.84 11.50
N LEU D 231 -17.74 -13.10 11.27
CA LEU D 231 -18.50 -13.26 10.03
C LEU D 231 -17.66 -12.87 8.81
N TYR D 232 -16.97 -11.74 8.91
CA TYR D 232 -16.22 -11.23 7.76
C TYR D 232 -15.13 -12.22 7.33
N TYR D 233 -14.30 -12.65 8.28
CA TYR D 233 -13.23 -13.58 7.96
C TYR D 233 -13.80 -14.93 7.53
N GLY D 234 -14.81 -15.43 8.24
CA GLY D 234 -15.41 -16.70 7.87
C GLY D 234 -16.04 -16.69 6.49
N LEU D 235 -16.41 -15.52 5.99
CA LEU D 235 -16.98 -15.44 4.65
C LEU D 235 -15.94 -15.17 3.57
N ASN D 236 -14.86 -14.46 3.90
CA ASN D 236 -13.90 -14.06 2.87
C ASN D 236 -12.63 -14.90 2.82
N LEU D 237 -12.30 -15.66 3.87
CA LEU D 237 -11.07 -16.42 3.90
C LEU D 237 -11.33 -17.92 3.95
N LEU D 238 -12.10 -18.39 4.94
CA LEU D 238 -12.28 -19.83 5.11
C LEU D 238 -13.05 -20.45 3.95
N ILE D 239 -14.20 -19.85 3.60
CA ILE D 239 -15.02 -20.41 2.54
C ILE D 239 -14.31 -20.41 1.19
N PRO D 240 -13.76 -19.30 0.70
CA PRO D 240 -13.08 -19.36 -0.61
C PRO D 240 -11.88 -20.28 -0.63
N CYS D 241 -11.07 -20.27 0.42
CA CYS D 241 -9.87 -21.11 0.43
C CYS D 241 -10.25 -22.59 0.42
N VAL D 242 -11.26 -22.98 1.20
CA VAL D 242 -11.68 -24.37 1.19
C VAL D 242 -12.31 -24.72 -0.15
N LEU D 243 -12.95 -23.75 -0.81
CA LEU D 243 -13.49 -24.03 -2.14
C LEU D 243 -12.39 -24.31 -3.15
N ILE D 244 -11.31 -23.51 -3.13
CA ILE D 244 -10.18 -23.79 -4.03
C ILE D 244 -9.53 -25.12 -3.67
N SER D 245 -9.43 -25.43 -2.37
CA SER D 245 -8.85 -26.70 -1.98
C SER D 245 -9.69 -27.87 -2.49
N ALA D 246 -11.01 -27.75 -2.43
CA ALA D 246 -11.88 -28.79 -2.96
C ALA D 246 -11.75 -28.89 -4.47
N LEU D 247 -11.67 -27.74 -5.16
CA LEU D 247 -11.51 -27.75 -6.61
C LEU D 247 -10.20 -28.40 -7.02
N ALA D 248 -9.17 -28.31 -6.18
CA ALA D 248 -7.89 -28.93 -6.50
C ALA D 248 -7.99 -30.46 -6.59
N LEU D 249 -9.03 -31.05 -6.02
CA LEU D 249 -9.19 -32.51 -6.05
C LEU D 249 -9.73 -33.02 -7.37
N LEU D 250 -10.19 -32.14 -8.27
CA LEU D 250 -10.78 -32.59 -9.52
C LEU D 250 -9.75 -33.21 -10.46
N VAL D 251 -8.45 -33.02 -10.19
CA VAL D 251 -7.42 -33.60 -11.05
C VAL D 251 -7.53 -35.10 -11.10
N PHE D 252 -8.02 -35.72 -10.02
CA PHE D 252 -8.15 -37.17 -9.97
C PHE D 252 -9.36 -37.69 -10.72
N LEU D 253 -10.30 -36.82 -11.10
CA LEU D 253 -11.44 -37.22 -11.92
C LEU D 253 -11.25 -36.87 -13.38
N LEU D 254 -10.14 -36.25 -13.74
CA LEU D 254 -9.84 -35.86 -15.11
C LEU D 254 -9.14 -36.99 -15.83
N PRO D 255 -9.63 -37.43 -16.99
CA PRO D 255 -8.94 -38.49 -17.74
C PRO D 255 -7.54 -38.07 -18.14
N ALA D 256 -6.61 -39.02 -18.09
CA ALA D 256 -5.22 -38.73 -18.37
C ALA D 256 -4.96 -38.48 -19.85
N ASP D 257 -5.89 -38.87 -20.73
CA ASP D 257 -5.69 -38.67 -22.16
C ASP D 257 -5.59 -37.18 -22.49
N SER D 258 -6.44 -36.37 -21.89
CA SER D 258 -6.31 -34.92 -22.02
C SER D 258 -5.05 -34.45 -21.30
N GLY D 259 -4.48 -33.35 -21.79
CA GLY D 259 -3.22 -32.87 -21.28
C GLY D 259 -3.35 -31.66 -20.37
N GLU D 260 -4.33 -31.67 -19.48
CA GLU D 260 -4.60 -30.53 -18.61
C GLU D 260 -4.39 -30.84 -17.13
N LYS D 261 -3.88 -32.01 -16.79
CA LYS D 261 -3.77 -32.40 -15.37
C LYS D 261 -2.76 -31.52 -14.64
N ILE D 262 -1.52 -31.48 -15.13
CA ILE D 262 -0.48 -30.68 -14.48
C ILE D 262 -0.83 -29.21 -14.55
N SER D 263 -1.37 -28.76 -15.68
CA SER D 263 -1.75 -27.35 -15.82
C SER D 263 -2.79 -26.97 -14.77
N LEU D 264 -3.81 -27.82 -14.60
CA LEU D 264 -4.84 -27.54 -13.60
C LEU D 264 -4.26 -27.52 -12.20
N GLY D 265 -3.45 -28.53 -11.85
CA GLY D 265 -2.89 -28.57 -10.51
C GLY D 265 -2.02 -27.36 -10.20
N ILE D 266 -1.14 -27.00 -11.14
CA ILE D 266 -0.26 -25.87 -10.93
C ILE D 266 -1.04 -24.56 -10.92
N THR D 267 -2.17 -24.49 -11.64
CA THR D 267 -2.97 -23.28 -11.59
C THR D 267 -3.67 -23.12 -10.25
N VAL D 268 -4.17 -24.23 -9.68
CA VAL D 268 -4.70 -24.15 -8.32
C VAL D 268 -3.62 -23.74 -7.34
N LEU D 269 -2.39 -24.25 -7.55
CA LEU D 269 -1.28 -23.82 -6.71
C LEU D 269 -1.03 -22.32 -6.83
N LEU D 270 -1.08 -21.79 -8.06
CA LEU D 270 -0.89 -20.36 -8.27
C LEU D 270 -1.97 -19.55 -7.58
N SER D 271 -3.22 -20.01 -7.68
CA SER D 271 -4.32 -19.33 -6.99
C SER D 271 -4.11 -19.34 -5.48
N LEU D 272 -3.64 -20.47 -4.94
CA LEU D 272 -3.36 -20.54 -3.51
C LEU D 272 -2.25 -19.57 -3.12
N THR D 273 -1.21 -19.46 -3.95
CA THR D 273 -0.15 -18.51 -3.67
C THR D 273 -0.66 -17.07 -3.69
N VAL D 274 -1.54 -16.75 -4.65
CA VAL D 274 -2.13 -15.41 -4.70
C VAL D 274 -2.96 -15.15 -3.45
N PHE D 275 -3.70 -16.14 -2.99
CA PHE D 275 -4.51 -15.95 -1.79
C PHE D 275 -3.61 -15.79 -0.56
N MET D 276 -2.48 -16.50 -0.53
CA MET D 276 -1.48 -16.29 0.51
C MET D 276 -0.98 -14.85 0.50
N LEU D 277 -0.70 -14.32 -0.71
CA LEU D 277 -0.26 -12.93 -0.81
C LEU D 277 -1.33 -11.99 -0.29
N LEU D 278 -2.60 -12.27 -0.61
CA LEU D 278 -3.69 -11.43 -0.11
C LEU D 278 -3.77 -11.47 1.40
N VAL D 279 -3.62 -12.66 2.00
CA VAL D 279 -3.82 -12.83 3.44
C VAL D 279 -2.61 -12.44 4.27
N ALA D 280 -1.42 -12.31 3.66
CA ALA D 280 -0.21 -12.13 4.45
C ALA D 280 -0.23 -10.86 5.28
N GLU D 281 -0.99 -9.84 4.87
CA GLU D 281 -0.89 -8.54 5.50
C GLU D 281 -1.77 -8.36 6.72
N ILE D 282 -2.58 -9.37 7.09
CA ILE D 282 -3.55 -9.17 8.16
C ILE D 282 -2.92 -9.43 9.52
N MET D 283 -2.45 -10.67 9.76
CA MET D 283 -1.92 -11.02 11.06
C MET D 283 -0.59 -10.31 11.31
N PRO D 284 -0.23 -10.10 12.59
CA PRO D 284 1.04 -9.43 12.88
C PRO D 284 2.25 -10.33 12.64
N ALA D 285 3.43 -9.83 12.97
CA ALA D 285 4.68 -10.56 12.79
C ALA D 285 5.16 -11.22 14.09
N THR D 286 4.23 -11.68 14.91
CA THR D 286 4.61 -12.29 16.19
C THR D 286 5.32 -13.62 15.96
N SER D 287 6.01 -14.08 17.01
CA SER D 287 6.72 -15.35 16.95
C SER D 287 6.54 -16.17 18.22
N ASP D 288 5.50 -15.90 19.01
CA ASP D 288 5.26 -16.64 20.23
C ASP D 288 4.40 -17.87 20.01
N SER D 289 3.54 -17.86 18.99
CA SER D 289 2.68 -19.00 18.71
C SER D 289 2.25 -18.96 17.25
N VAL D 290 2.07 -20.14 16.67
CA VAL D 290 1.64 -20.26 15.29
C VAL D 290 0.14 -20.01 15.21
N PRO D 291 -0.31 -19.03 14.43
CA PRO D 291 -1.74 -18.78 14.33
C PRO D 291 -2.49 -19.93 13.67
N LEU D 292 -3.76 -20.06 14.07
CA LEU D 292 -4.61 -21.11 13.51
C LEU D 292 -4.76 -20.97 12.00
N ILE D 293 -4.86 -19.73 11.51
CA ILE D 293 -4.97 -19.52 10.08
C ILE D 293 -3.69 -19.96 9.38
N ALA D 294 -2.54 -19.76 10.03
CA ALA D 294 -1.29 -20.22 9.46
C ALA D 294 -1.25 -21.75 9.40
N GLN D 295 -1.69 -22.41 10.47
CA GLN D 295 -1.74 -23.87 10.46
C GLN D 295 -2.63 -24.39 9.33
N TYR D 296 -3.82 -23.81 9.20
CA TYR D 296 -4.77 -24.28 8.19
C TYR D 296 -4.23 -24.04 6.78
N PHE D 297 -3.63 -22.87 6.55
CA PHE D 297 -3.11 -22.59 5.21
C PHE D 297 -1.93 -23.49 4.87
N ALA D 298 -1.07 -23.76 5.84
CA ALA D 298 0.03 -24.70 5.62
C ALA D 298 -0.49 -26.08 5.27
N SER D 299 -1.53 -26.54 5.99
CA SER D 299 -2.13 -27.83 5.68
C SER D 299 -2.66 -27.85 4.25
N THR D 300 -3.36 -26.79 3.86
CA THR D 300 -3.95 -26.75 2.51
C THR D 300 -2.87 -26.77 1.44
N MET D 301 -1.81 -25.98 1.60
CA MET D 301 -0.78 -25.93 0.58
C MET D 301 -0.01 -27.24 0.51
N ILE D 302 0.22 -27.89 1.65
CA ILE D 302 0.87 -29.19 1.65
C ILE D 302 0.02 -30.22 0.93
N ILE D 303 -1.29 -30.20 1.17
CA ILE D 303 -2.19 -31.13 0.49
C ILE D 303 -2.14 -30.91 -1.01
N VAL D 304 -2.16 -29.65 -1.46
CA VAL D 304 -2.13 -29.37 -2.89
C VAL D 304 -0.82 -29.84 -3.51
N GLY D 305 0.30 -29.59 -2.83
CA GLY D 305 1.58 -30.06 -3.35
C GLY D 305 1.64 -31.58 -3.47
N LEU D 306 1.14 -32.28 -2.44
CA LEU D 306 1.11 -33.74 -2.51
C LEU D 306 0.22 -34.22 -3.66
N SER D 307 -0.90 -33.53 -3.89
CA SER D 307 -1.76 -33.87 -5.01
C SER D 307 -1.04 -33.72 -6.34
N VAL D 308 -0.25 -32.64 -6.48
CA VAL D 308 0.53 -32.46 -7.70
C VAL D 308 1.54 -33.59 -7.88
N VAL D 309 2.20 -33.98 -6.78
CA VAL D 309 3.17 -35.08 -6.86
C VAL D 309 2.48 -36.36 -7.32
N VAL D 310 1.31 -36.66 -6.74
CA VAL D 310 0.57 -37.86 -7.13
C VAL D 310 0.16 -37.79 -8.59
N THR D 311 -0.26 -36.62 -9.05
CA THR D 311 -0.65 -36.48 -10.45
C THR D 311 0.52 -36.75 -11.38
N VAL D 312 1.71 -36.27 -11.01
CA VAL D 312 2.90 -36.56 -11.81
C VAL D 312 3.18 -38.06 -11.83
N ILE D 313 3.05 -38.72 -10.68
CA ILE D 313 3.28 -40.17 -10.63
C ILE D 313 2.29 -40.90 -11.55
N VAL D 314 1.02 -40.51 -11.48
CA VAL D 314 -0.01 -41.13 -12.31
C VAL D 314 0.30 -40.92 -13.79
N LEU D 315 0.72 -39.70 -14.15
CA LEU D 315 1.04 -39.42 -15.54
C LEU D 315 2.21 -40.26 -16.02
N GLN D 316 3.25 -40.41 -15.19
CA GLN D 316 4.37 -41.25 -15.59
C GLN D 316 4.00 -42.71 -15.65
N TYR D 317 2.95 -43.13 -14.92
CA TYR D 317 2.44 -44.48 -15.08
C TYR D 317 1.67 -44.64 -16.38
N HIS D 318 0.93 -43.60 -16.78
CA HIS D 318 0.05 -43.71 -17.94
C HIS D 318 0.85 -43.75 -19.24
N HIS D 319 1.89 -42.92 -19.36
CA HIS D 319 2.71 -42.85 -20.56
C HIS D 319 3.90 -43.80 -20.52
N HIS D 320 3.79 -44.90 -19.78
CA HIS D 320 4.89 -45.85 -19.69
C HIS D 320 5.11 -46.51 -21.04
N ASP D 321 6.39 -46.67 -21.39
CA ASP D 321 6.74 -47.23 -22.69
C ASP D 321 6.37 -48.72 -22.75
N PRO D 322 5.63 -49.15 -23.77
CA PRO D 322 5.26 -50.57 -23.85
C PRO D 322 6.45 -51.51 -23.99
N ASP D 323 7.58 -51.03 -24.47
CA ASP D 323 8.76 -51.86 -24.66
C ASP D 323 9.69 -51.86 -23.45
N GLY D 324 9.32 -51.16 -22.38
CA GLY D 324 10.14 -51.11 -21.18
C GLY D 324 9.94 -52.33 -20.32
N GLY D 325 10.34 -52.20 -19.05
CA GLY D 325 10.20 -53.31 -18.13
C GLY D 325 8.74 -53.64 -17.89
N LYS D 326 8.45 -54.93 -17.80
CA LYS D 326 7.09 -55.39 -17.56
C LYS D 326 6.67 -55.10 -16.12
N MET D 327 5.38 -55.20 -15.87
CA MET D 327 4.85 -54.98 -14.53
C MET D 327 5.41 -56.03 -13.58
N PRO D 328 6.01 -55.63 -12.45
CA PRO D 328 6.40 -56.62 -11.44
C PRO D 328 5.18 -57.35 -10.92
N LYS D 329 5.38 -58.63 -10.59
CA LYS D 329 4.28 -59.46 -10.13
C LYS D 329 3.66 -58.90 -8.86
N TRP D 330 4.49 -58.42 -7.94
CA TRP D 330 3.99 -57.86 -6.69
C TRP D 330 3.09 -56.65 -6.96
N THR D 331 3.55 -55.72 -7.78
CA THR D 331 2.74 -54.54 -8.09
C THR D 331 1.47 -54.93 -8.82
N ARG D 332 1.55 -55.88 -9.76
CA ARG D 332 0.38 -56.31 -10.50
C ARG D 332 -0.67 -56.88 -9.55
N VAL D 333 -0.28 -57.83 -8.70
CA VAL D 333 -1.24 -58.46 -7.81
C VAL D 333 -1.77 -57.46 -6.79
N ILE D 334 -0.93 -56.52 -6.33
CA ILE D 334 -1.38 -55.55 -5.35
C ILE D 334 -2.41 -54.61 -5.95
N LEU D 335 -2.12 -54.06 -7.13
CA LEU D 335 -3.04 -53.07 -7.70
C LEU D 335 -4.19 -53.74 -8.46
N LEU D 336 -3.87 -54.40 -9.57
CA LEU D 336 -4.90 -54.76 -10.54
C LEU D 336 -5.93 -55.74 -9.99
N ASN D 337 -5.58 -56.51 -8.95
CA ASN D 337 -6.51 -57.44 -8.33
C ASN D 337 -7.15 -56.85 -7.08
N TRP D 338 -6.32 -56.46 -6.10
CA TRP D 338 -6.87 -56.04 -4.82
C TRP D 338 -7.61 -54.72 -4.93
N CYS D 339 -7.01 -53.72 -5.59
CA CYS D 339 -7.68 -52.42 -5.68
C CYS D 339 -8.96 -52.53 -6.50
N ALA D 340 -8.93 -53.30 -7.58
CA ALA D 340 -10.14 -53.53 -8.37
C ALA D 340 -11.22 -54.23 -7.54
N TRP D 341 -10.81 -55.16 -6.68
CA TRP D 341 -11.74 -55.77 -5.75
C TRP D 341 -12.36 -54.71 -4.83
N PHE D 342 -11.53 -53.83 -4.30
CA PHE D 342 -12.00 -52.82 -3.36
C PHE D 342 -12.78 -51.71 -4.06
N LEU D 343 -12.30 -51.28 -5.23
CA LEU D 343 -12.91 -50.15 -5.94
C LEU D 343 -14.06 -50.56 -6.84
N ARG D 344 -14.28 -51.86 -7.04
CA ARG D 344 -15.40 -52.37 -7.83
C ARG D 344 -15.39 -51.81 -9.25
N MET D 345 -14.25 -51.90 -9.92
CA MET D 345 -14.13 -51.53 -11.32
C MET D 345 -13.53 -52.68 -12.10
N LYS D 346 -13.99 -52.82 -13.34
CA LYS D 346 -13.64 -53.97 -14.18
C LYS D 346 -12.63 -53.55 -15.24
N ARG D 347 -11.57 -54.35 -15.37
CA ARG D 347 -10.58 -54.11 -16.40
C ARG D 347 -11.17 -54.42 -17.77
N PRO D 348 -10.93 -53.56 -18.76
CA PRO D 348 -11.39 -53.83 -20.13
C PRO D 348 -10.82 -55.14 -20.67
N GLY D 349 -11.67 -56.13 -20.95
CA GLY D 349 -11.18 -57.41 -21.42
C GLY D 349 -10.37 -58.15 -20.38
N ASP D 430 3.65 -69.89 -59.75
CA ASP D 430 3.66 -70.53 -58.43
C ASP D 430 4.71 -69.96 -57.47
N PRO D 431 5.97 -69.76 -57.93
CA PRO D 431 6.93 -69.08 -57.05
C PRO D 431 6.46 -67.71 -56.61
N ASP D 432 5.82 -66.97 -57.52
CA ASP D 432 5.24 -65.67 -57.18
C ASP D 432 4.16 -65.82 -56.11
N LEU D 433 3.41 -66.93 -56.15
CA LEU D 433 2.44 -67.19 -55.10
C LEU D 433 3.13 -67.33 -53.75
N ALA D 434 4.27 -68.03 -53.71
CA ALA D 434 5.04 -68.13 -52.48
C ALA D 434 5.50 -66.76 -52.01
N LYS D 435 5.97 -65.93 -52.95
CA LYS D 435 6.46 -64.61 -52.59
C LYS D 435 5.36 -63.75 -51.96
N ILE D 436 4.19 -63.72 -52.58
CA ILE D 436 3.10 -62.93 -52.01
C ILE D 436 2.65 -63.54 -50.68
N LEU D 437 2.75 -64.86 -50.54
CA LEU D 437 2.43 -65.49 -49.27
C LEU D 437 3.36 -64.99 -48.17
N GLU D 438 4.67 -64.94 -48.44
CA GLU D 438 5.58 -64.40 -47.44
C GLU D 438 5.31 -62.93 -47.16
N GLU D 439 4.98 -62.15 -48.18
CA GLU D 439 4.71 -60.73 -47.95
C GLU D 439 3.51 -60.54 -47.03
N VAL D 440 2.41 -61.23 -47.33
CA VAL D 440 1.22 -61.08 -46.48
C VAL D 440 1.46 -61.66 -45.10
N ARG D 441 2.28 -62.72 -44.99
CA ARG D 441 2.62 -63.25 -43.68
C ARG D 441 3.38 -62.23 -42.85
N TYR D 442 4.35 -61.54 -43.47
CA TYR D 442 5.09 -60.51 -42.76
C TYR D 442 4.17 -59.38 -42.31
N ILE D 443 3.26 -58.95 -43.18
CA ILE D 443 2.34 -57.88 -42.80
C ILE D 443 1.46 -58.31 -41.64
N ALA D 444 0.92 -59.54 -41.69
CA ALA D 444 0.05 -60.02 -40.64
C ALA D 444 0.80 -60.13 -39.32
N ASN D 445 2.05 -60.61 -39.34
CA ASN D 445 2.81 -60.72 -38.12
C ASN D 445 3.12 -59.35 -37.53
N ARG D 446 3.40 -58.37 -38.39
CA ARG D 446 3.59 -57.00 -37.92
C ARG D 446 2.33 -56.50 -37.21
N PHE D 447 1.17 -56.75 -37.80
CA PHE D 447 -0.07 -56.30 -37.17
C PHE D 447 -0.30 -57.01 -35.84
N ARG D 448 0.01 -58.31 -35.77
CA ARG D 448 -0.15 -59.05 -34.53
C ARG D 448 0.75 -58.49 -33.42
N CYS D 449 2.00 -58.20 -33.76
CA CYS D 449 2.91 -57.62 -32.76
C CYS D 449 2.42 -56.25 -32.30
N GLN D 450 1.91 -55.44 -33.23
CA GLN D 450 1.35 -54.15 -32.85
C GLN D 450 0.18 -54.32 -31.91
N ASP D 451 -0.69 -55.30 -32.17
CA ASP D 451 -1.86 -55.51 -31.31
C ASP D 451 -1.45 -55.92 -29.91
N GLU D 452 -0.49 -56.84 -29.79
CA GLU D 452 -0.08 -57.28 -28.46
C GLU D 452 0.61 -56.15 -27.69
N SER D 453 1.41 -55.33 -28.40
CA SER D 453 2.00 -54.17 -27.74
C SER D 453 0.93 -53.20 -27.27
N GLU D 454 -0.13 -53.01 -28.06
CA GLU D 454 -1.22 -52.14 -27.65
C GLU D 454 -1.90 -52.67 -26.40
N ALA D 455 -2.11 -53.98 -26.32
CA ALA D 455 -2.70 -54.55 -25.10
C ALA D 455 -1.79 -54.33 -23.90
N VAL D 456 -0.48 -54.51 -24.10
CA VAL D 456 0.47 -54.28 -23.01
C VAL D 456 0.38 -52.85 -22.50
N CYS D 457 0.28 -51.89 -23.41
CA CYS D 457 0.12 -50.50 -22.99
C CYS D 457 -1.22 -50.26 -22.30
N SER D 458 -2.28 -50.92 -22.77
CA SER D 458 -3.59 -50.74 -22.18
C SER D 458 -3.62 -51.19 -20.72
N GLU D 459 -2.90 -52.26 -20.41
CA GLU D 459 -2.87 -52.73 -19.02
C GLU D 459 -2.23 -51.69 -18.10
N TRP D 460 -1.17 -51.03 -18.54
CA TRP D 460 -0.58 -49.94 -17.75
C TRP D 460 -1.54 -48.77 -17.62
N LYS D 461 -2.27 -48.46 -18.70
CA LYS D 461 -3.25 -47.38 -18.63
C LYS D 461 -4.31 -47.70 -17.57
N PHE D 462 -4.77 -48.95 -17.52
CA PHE D 462 -5.74 -49.34 -16.50
C PHE D 462 -5.14 -49.23 -15.10
N ALA D 463 -3.86 -49.60 -14.95
CA ALA D 463 -3.22 -49.47 -13.64
C ALA D 463 -3.19 -48.03 -13.16
N ALA D 464 -2.87 -47.10 -14.08
CA ALA D 464 -2.92 -45.68 -13.70
C ALA D 464 -4.33 -45.26 -13.35
N CYS D 465 -5.32 -45.69 -14.15
CA CYS D 465 -6.70 -45.30 -13.89
C CYS D 465 -7.20 -45.83 -12.56
N VAL D 466 -6.64 -46.95 -12.10
CA VAL D 466 -7.09 -47.52 -10.83
C VAL D 466 -6.33 -46.94 -9.63
N VAL D 467 -5.09 -46.50 -9.83
CA VAL D 467 -4.42 -45.81 -8.72
C VAL D 467 -5.00 -44.40 -8.53
N ASP D 468 -5.54 -43.82 -9.61
CA ASP D 468 -6.06 -42.46 -9.54
C ASP D 468 -7.20 -42.35 -8.53
N ARG D 469 -8.17 -43.27 -8.59
CA ARG D 469 -9.33 -43.17 -7.70
C ARG D 469 -8.95 -43.45 -6.25
N LEU D 470 -8.01 -44.37 -6.02
CA LEU D 470 -7.52 -44.62 -4.67
C LEU D 470 -6.92 -43.35 -4.08
N CYS D 471 -6.07 -42.68 -4.85
CA CYS D 471 -5.48 -41.44 -4.35
C CYS D 471 -6.52 -40.35 -4.16
N LEU D 472 -7.54 -40.33 -5.02
CA LEU D 472 -8.65 -39.38 -4.83
C LEU D 472 -9.32 -39.59 -3.48
N MET D 473 -9.67 -40.84 -3.16
CA MET D 473 -10.33 -41.13 -1.89
C MET D 473 -9.44 -40.74 -0.72
N ALA D 474 -8.16 -41.09 -0.79
CA ALA D 474 -7.24 -40.78 0.30
C ALA D 474 -7.15 -39.29 0.53
N PHE D 475 -6.97 -38.52 -0.56
CA PHE D 475 -6.79 -37.08 -0.40
C PHE D 475 -8.08 -36.40 0.05
N SER D 476 -9.24 -36.89 -0.40
CA SER D 476 -10.50 -36.31 0.05
C SER D 476 -10.67 -36.51 1.56
N VAL D 477 -10.41 -37.73 2.03
CA VAL D 477 -10.51 -37.98 3.47
C VAL D 477 -9.53 -37.10 4.23
N PHE D 478 -8.29 -37.01 3.74
CA PHE D 478 -7.28 -36.19 4.40
C PHE D 478 -7.74 -34.74 4.53
N THR D 479 -8.20 -34.15 3.42
CA THR D 479 -8.54 -32.72 3.46
C THR D 479 -9.76 -32.46 4.34
N ILE D 480 -10.79 -33.32 4.27
CA ILE D 480 -11.96 -33.05 5.10
C ILE D 480 -11.59 -33.19 6.58
N ILE D 481 -10.83 -34.22 6.94
CA ILE D 481 -10.47 -34.42 8.34
C ILE D 481 -9.60 -33.27 8.84
N CYS D 482 -8.64 -32.83 8.05
CA CYS D 482 -7.77 -31.73 8.47
C CYS D 482 -8.56 -30.44 8.64
N THR D 483 -9.40 -30.11 7.66
CA THR D 483 -10.13 -28.84 7.72
C THR D 483 -11.22 -28.86 8.79
N ILE D 484 -11.65 -30.04 9.24
CA ILE D 484 -12.57 -30.08 10.37
C ILE D 484 -11.81 -29.96 11.69
N GLY D 485 -10.74 -30.74 11.84
CA GLY D 485 -10.02 -30.75 13.11
C GLY D 485 -9.36 -29.42 13.43
N ILE D 486 -8.73 -28.79 12.43
CA ILE D 486 -8.02 -27.54 12.68
C ILE D 486 -8.99 -26.47 13.19
N LEU D 487 -10.16 -26.37 12.54
CA LEU D 487 -11.13 -25.37 12.96
C LEU D 487 -11.74 -25.70 14.31
N MET D 488 -12.16 -26.96 14.50
CA MET D 488 -12.81 -27.31 15.76
C MET D 488 -11.85 -27.37 16.94
N SER D 489 -10.54 -27.29 16.70
CA SER D 489 -9.58 -27.27 17.81
C SER D 489 -9.75 -26.01 18.66
N ALA D 490 -10.01 -24.87 18.03
CA ALA D 490 -10.04 -23.61 18.75
C ALA D 490 -11.19 -23.57 19.75
N PRO D 491 -10.97 -23.05 20.95
CA PRO D 491 -12.08 -22.91 21.92
C PRO D 491 -13.07 -21.85 21.47
N ASN D 492 -14.25 -21.90 22.09
CA ASN D 492 -15.37 -20.99 21.85
C ASN D 492 -15.75 -20.89 20.38
N PHE D 493 -15.34 -21.87 19.57
CA PHE D 493 -15.74 -21.91 18.17
C PHE D 493 -17.24 -22.07 18.02
N VAL D 494 -17.83 -22.95 18.83
CA VAL D 494 -19.28 -23.18 18.76
C VAL D 494 -20.02 -21.90 19.13
N GLU D 495 -19.56 -21.21 20.18
CA GLU D 495 -20.21 -19.95 20.57
C GLU D 495 -20.06 -18.89 19.48
N ALA D 496 -18.88 -18.83 18.86
CA ALA D 496 -18.66 -17.84 17.80
C ALA D 496 -19.58 -18.09 16.62
N VAL D 497 -19.72 -19.35 16.19
CA VAL D 497 -20.61 -19.63 15.06
C VAL D 497 -22.08 -19.58 15.46
N SER D 498 -22.40 -19.70 16.75
CA SER D 498 -23.78 -19.51 17.17
C SER D 498 -24.15 -18.03 17.22
N LYS D 499 -23.18 -17.16 17.54
CA LYS D 499 -23.46 -15.73 17.65
C LYS D 499 -23.38 -15.03 16.31
N ASP D 500 -22.32 -15.26 15.53
CA ASP D 500 -22.08 -14.51 14.31
C ASP D 500 -22.73 -15.14 13.08
N PHE D 501 -23.45 -16.25 13.23
CA PHE D 501 -24.13 -16.89 12.12
C PHE D 501 -25.60 -17.19 12.37
N ALA D 502 -26.10 -16.95 13.58
CA ALA D 502 -27.50 -17.24 13.89
C ALA D 502 -28.00 -16.34 15.00
N GLY E 23 -4.17 23.42 53.46
CA GLY E 23 -3.79 23.73 54.82
C GLY E 23 -2.96 25.01 54.92
N GLU E 24 -3.17 25.75 56.02
CA GLU E 24 -2.44 27.00 56.19
C GLU E 24 -0.95 26.78 56.30
N PHE E 25 -0.53 25.64 56.86
CA PHE E 25 0.90 25.36 56.98
C PHE E 25 1.56 25.21 55.62
N GLN E 26 0.96 24.39 54.74
CA GLN E 26 1.56 24.22 53.42
C GLN E 26 1.39 25.46 52.56
N ARG E 27 0.31 26.22 52.76
CA ARG E 27 0.18 27.49 52.05
C ARG E 27 1.30 28.45 52.44
N LYS E 28 1.58 28.55 53.74
CA LYS E 28 2.67 29.40 54.21
C LYS E 28 4.01 28.91 53.69
N LEU E 29 4.23 27.59 53.68
CA LEU E 29 5.48 27.05 53.17
C LEU E 29 5.66 27.37 51.68
N TYR E 30 4.59 27.21 50.90
CA TYR E 30 4.67 27.54 49.48
C TYR E 30 4.95 29.02 49.27
N LYS E 31 4.30 29.88 50.07
CA LYS E 31 4.56 31.31 49.96
C LYS E 31 6.01 31.64 50.30
N GLU E 32 6.57 30.99 51.31
CA GLU E 32 7.93 31.29 51.74
C GLU E 32 8.97 30.74 50.77
N LEU E 33 8.70 29.59 50.14
CA LEU E 33 9.72 28.93 49.34
C LEU E 33 10.05 29.71 48.08
N VAL E 34 9.05 30.28 47.42
CA VAL E 34 9.23 30.85 46.09
C VAL E 34 9.62 32.31 46.17
N LYS E 35 9.91 32.81 47.37
CA LYS E 35 10.33 34.19 47.53
C LYS E 35 11.78 34.36 47.09
N ASN E 36 12.02 35.34 46.21
CA ASN E 36 13.36 35.65 45.71
C ASN E 36 14.01 34.42 45.07
N TYR E 37 13.22 33.63 44.36
CA TYR E 37 13.70 32.43 43.69
C TYR E 37 13.80 32.68 42.19
N ASN E 38 14.96 32.41 41.63
CA ASN E 38 15.19 32.57 40.19
C ASN E 38 15.32 31.20 39.55
N PRO E 39 14.42 30.81 38.63
CA PRO E 39 14.53 29.50 37.98
C PRO E 39 15.69 29.39 37.01
N LEU E 40 16.45 30.47 36.79
CA LEU E 40 17.58 30.47 35.88
C LEU E 40 18.92 30.31 36.60
N GLU E 41 18.90 30.00 37.89
CA GLU E 41 20.11 29.93 38.70
C GLU E 41 20.36 28.49 39.13
N ARG E 42 21.60 28.04 39.02
CA ARG E 42 21.96 26.71 39.46
C ARG E 42 21.98 26.67 40.99
N PRO E 43 21.17 25.82 41.62
CA PRO E 43 21.05 25.83 43.10
C PRO E 43 22.21 25.12 43.80
N VAL E 44 23.31 25.85 43.96
CA VAL E 44 24.49 25.33 44.63
C VAL E 44 24.92 26.31 45.71
N ALA E 45 25.54 25.79 46.77
CA ALA E 45 26.02 26.64 47.84
C ALA E 45 27.27 27.41 47.42
N ASN E 46 28.18 26.75 46.71
CA ASN E 46 29.40 27.37 46.23
C ASN E 46 29.37 27.40 44.71
N ASP E 47 29.55 28.59 44.13
CA ASP E 47 29.41 28.76 42.70
C ASP E 47 30.52 28.08 41.90
N SER E 48 31.68 27.86 42.51
CA SER E 48 32.80 27.25 41.82
C SER E 48 32.79 25.73 41.85
N GLN E 49 31.82 25.12 42.53
CA GLN E 49 31.73 23.68 42.59
C GLN E 49 30.62 23.15 41.69
N PRO E 50 30.77 21.97 41.13
CA PRO E 50 29.72 21.39 40.28
C PRO E 50 28.55 20.88 41.11
N LEU E 51 27.47 20.56 40.42
CA LEU E 51 26.29 19.98 41.02
C LEU E 51 26.13 18.55 40.52
N THR E 52 26.00 17.61 41.46
CA THR E 52 25.90 16.20 41.10
C THR E 52 24.46 15.85 40.72
N VAL E 53 24.30 15.26 39.55
CA VAL E 53 22.99 14.83 39.05
C VAL E 53 23.09 13.36 38.67
N TYR E 54 22.19 12.55 39.22
CA TYR E 54 22.16 11.12 38.94
C TYR E 54 21.16 10.84 37.82
N PHE E 55 21.59 10.08 36.83
CA PHE E 55 20.76 9.74 35.68
C PHE E 55 20.56 8.23 35.62
N SER E 56 19.37 7.82 35.20
CA SER E 56 19.03 6.41 35.09
C SER E 56 17.91 6.25 34.08
N LEU E 57 17.54 5.00 33.83
CA LEU E 57 16.51 4.67 32.84
C LEU E 57 15.59 3.61 33.40
N SER E 58 14.40 3.53 32.81
CA SER E 58 13.43 2.47 33.14
C SER E 58 12.77 2.06 31.83
N LEU E 59 13.34 1.06 31.17
CA LEU E 59 12.79 0.58 29.90
C LEU E 59 11.46 -0.10 30.14
N LEU E 60 10.47 0.25 29.32
CA LEU E 60 9.12 -0.28 29.48
C LEU E 60 8.65 -1.10 28.30
N GLN E 61 8.88 -0.64 27.06
CA GLN E 61 8.36 -1.35 25.91
C GLN E 61 9.16 -0.95 24.67
N ILE E 62 9.51 -1.95 23.86
CA ILE E 62 10.10 -1.73 22.54
C ILE E 62 8.94 -1.76 21.54
N MET E 63 8.52 -0.59 21.07
CA MET E 63 7.32 -0.52 20.24
C MET E 63 7.59 -0.95 18.81
N ASP E 64 8.50 -0.25 18.13
CA ASP E 64 8.75 -0.49 16.72
C ASP E 64 10.24 -0.40 16.43
N VAL E 65 10.75 -1.35 15.65
CA VAL E 65 12.12 -1.33 15.17
C VAL E 65 12.04 -1.14 13.66
N ASP E 66 12.17 0.10 13.20
CA ASP E 66 12.00 0.43 11.79
C ASP E 66 13.29 0.10 11.05
N GLU E 67 13.25 -0.95 10.22
CA GLU E 67 14.44 -1.36 9.49
C GLU E 67 14.74 -0.41 8.33
N LYS E 68 13.71 0.04 7.62
CA LYS E 68 13.92 0.81 6.41
C LYS E 68 14.50 2.19 6.72
N ASN E 69 13.89 2.91 7.66
CA ASN E 69 14.32 4.27 7.99
C ASN E 69 15.24 4.33 9.20
N GLN E 70 15.60 3.19 9.79
CA GLN E 70 16.58 3.12 10.87
C GLN E 70 16.18 3.99 12.06
N VAL E 71 15.01 3.68 12.62
CA VAL E 71 14.49 4.38 13.78
C VAL E 71 13.96 3.34 14.77
N LEU E 72 14.39 3.47 16.02
CA LEU E 72 13.94 2.59 17.09
C LEU E 72 13.05 3.40 18.03
N THR E 73 11.82 2.92 18.23
CA THR E 73 10.84 3.60 19.07
C THR E 73 10.65 2.80 20.36
N THR E 74 10.84 3.47 21.49
CA THR E 74 10.77 2.82 22.80
C THR E 74 9.90 3.64 23.73
N ASN E 75 9.50 3.00 24.83
CA ASN E 75 8.79 3.65 25.93
C ASN E 75 9.73 3.71 27.13
N ILE E 76 10.04 4.93 27.57
CA ILE E 76 11.11 5.16 28.53
C ILE E 76 10.59 6.07 29.65
N TRP E 77 11.02 5.78 30.88
CA TRP E 77 10.82 6.67 32.02
C TRP E 77 12.18 7.16 32.48
N LEU E 78 12.49 8.42 32.18
CA LEU E 78 13.75 8.99 32.63
C LEU E 78 13.74 9.15 34.15
N GLN E 79 14.94 9.06 34.74
CA GLN E 79 15.10 9.20 36.19
C GLN E 79 16.23 10.17 36.45
N MET E 80 15.92 11.28 37.11
CA MET E 80 16.91 12.27 37.50
C MET E 80 16.76 12.59 38.98
N SER E 81 17.87 12.91 39.63
CA SER E 81 17.85 13.25 41.04
C SER E 81 19.05 14.14 41.35
N TRP E 82 18.81 15.18 42.14
CA TRP E 82 19.86 16.10 42.54
C TRP E 82 19.45 16.78 43.84
N THR E 83 20.42 17.41 44.49
CA THR E 83 20.22 18.07 45.77
C THR E 83 20.15 19.58 45.56
N ASP E 84 19.08 20.18 46.07
CA ASP E 84 18.89 21.62 45.99
C ASP E 84 19.27 22.28 47.30
N HIS E 85 19.71 23.52 47.21
CA HIS E 85 20.20 24.25 48.37
C HIS E 85 19.19 25.23 48.95
N TYR E 86 18.34 25.83 48.12
CA TYR E 86 17.39 26.82 48.58
C TYR E 86 16.07 26.22 49.04
N LEU E 87 15.74 25.01 48.59
CA LEU E 87 14.43 24.41 48.88
C LEU E 87 14.55 23.47 50.08
N GLN E 88 14.76 24.07 51.25
CA GLN E 88 14.84 23.32 52.49
C GLN E 88 14.02 24.02 53.56
N TRP E 89 13.52 23.24 54.52
CA TRP E 89 12.72 23.79 55.61
C TRP E 89 12.75 22.81 56.77
N ASN E 90 12.29 23.28 57.91
CA ASN E 90 12.20 22.46 59.12
C ASN E 90 10.80 21.89 59.25
N VAL E 91 10.70 20.57 59.45
CA VAL E 91 9.41 19.91 59.53
C VAL E 91 8.63 20.38 60.75
N SER E 92 9.34 20.67 61.86
CA SER E 92 8.65 21.12 63.07
C SER E 92 7.91 22.43 62.83
N GLU E 93 8.51 23.34 62.07
CA GLU E 93 7.85 24.62 61.80
C GLU E 93 6.60 24.43 60.94
N TYR E 94 6.56 23.39 60.11
CA TYR E 94 5.43 23.12 59.23
C TYR E 94 4.99 21.68 59.44
N PRO E 95 4.30 21.39 60.54
CA PRO E 95 3.88 20.01 60.80
C PRO E 95 2.92 19.50 59.75
N GLY E 96 3.02 18.21 59.44
CA GLY E 96 2.09 17.54 58.57
C GLY E 96 2.45 17.54 57.09
N VAL E 97 3.36 18.40 56.66
CA VAL E 97 3.77 18.47 55.26
C VAL E 97 5.22 18.00 55.17
N LYS E 98 5.46 17.02 54.30
CA LYS E 98 6.79 16.46 54.11
C LYS E 98 7.36 16.71 52.73
N THR E 99 6.53 16.75 51.69
CA THR E 99 6.98 16.94 50.33
C THR E 99 6.16 18.03 49.66
N VAL E 100 6.76 18.69 48.67
CA VAL E 100 6.09 19.70 47.87
C VAL E 100 6.36 19.40 46.41
N ARG E 101 5.46 19.86 45.55
CA ARG E 101 5.52 19.62 44.12
C ARG E 101 5.54 20.95 43.37
N PHE E 102 6.37 21.03 42.34
CA PHE E 102 6.48 22.23 41.53
C PHE E 102 6.27 21.88 40.06
N PRO E 103 5.57 22.72 39.32
CA PRO E 103 5.31 22.45 37.91
C PRO E 103 6.47 22.94 37.05
N ASP E 104 6.28 22.84 35.75
CA ASP E 104 7.31 23.27 34.81
C ASP E 104 7.45 24.79 34.84
N GLY E 105 8.70 25.25 34.75
CA GLY E 105 8.98 26.67 34.65
C GLY E 105 9.01 27.44 35.94
N GLN E 106 8.91 26.77 37.09
CA GLN E 106 8.97 27.45 38.37
C GLN E 106 10.21 27.11 39.19
N ILE E 107 10.91 26.03 38.87
CA ILE E 107 12.17 25.69 39.52
C ILE E 107 13.16 25.24 38.45
N TRP E 108 14.44 25.28 38.80
CA TRP E 108 15.49 24.89 37.88
C TRP E 108 15.56 23.37 37.78
N LYS E 109 15.62 22.87 36.55
CA LYS E 109 15.78 21.45 36.29
C LYS E 109 16.83 21.26 35.20
N PRO E 110 17.57 20.16 35.23
CA PRO E 110 18.62 19.95 34.23
C PRO E 110 18.05 19.79 32.82
N ASP E 111 18.80 20.27 31.84
CA ASP E 111 18.40 20.20 30.44
C ASP E 111 18.99 18.98 29.75
N ILE E 112 18.68 17.81 30.30
CA ILE E 112 19.19 16.56 29.75
C ILE E 112 18.40 16.22 28.49
N LEU E 113 19.09 16.02 27.38
CA LEU E 113 18.47 15.76 26.10
C LEU E 113 19.12 14.56 25.43
N LEU E 114 18.32 13.83 24.66
CA LEU E 114 18.82 12.72 23.86
C LEU E 114 19.53 13.29 22.64
N TYR E 115 20.84 13.06 22.55
CA TYR E 115 21.63 13.65 21.47
C TYR E 115 21.19 13.12 20.12
N ASN E 116 21.09 11.81 19.97
CA ASN E 116 20.80 11.18 18.69
C ASN E 116 19.31 10.88 18.56
N SER E 117 18.51 11.94 18.54
CA SER E 117 17.07 11.82 18.38
C SER E 117 16.69 11.93 16.91
N ALA E 118 15.53 11.36 16.58
CA ALA E 118 15.02 11.40 15.22
C ALA E 118 13.54 11.76 15.23
N ASP E 119 13.17 12.70 16.10
CA ASP E 119 11.79 13.16 16.22
C ASP E 119 11.71 14.64 15.85
N GLU E 120 10.57 15.03 15.28
CA GLU E 120 10.38 16.43 14.92
C GLU E 120 10.47 17.32 16.15
N ARG E 121 9.83 16.93 17.23
CA ARG E 121 10.00 17.59 18.53
C ARG E 121 11.18 16.93 19.23
N PHE E 122 12.30 17.66 19.30
CA PHE E 122 13.53 17.07 19.84
C PHE E 122 13.36 16.66 21.30
N ASP E 123 12.48 17.34 22.03
CA ASP E 123 12.21 17.02 23.43
C ASP E 123 10.90 16.26 23.48
N ALA E 124 10.99 14.93 23.46
CA ALA E 124 9.81 14.06 23.45
C ALA E 124 9.42 13.61 24.84
N THR E 125 9.73 14.40 25.86
CA THR E 125 9.40 14.07 27.24
C THR E 125 8.21 14.89 27.70
N PHE E 126 7.25 14.23 28.33
CA PHE E 126 6.08 14.91 28.89
C PHE E 126 6.46 15.47 30.25
N HIS E 127 6.62 16.80 30.31
CA HIS E 127 7.11 17.46 31.53
C HIS E 127 6.09 17.29 32.65
N THR E 128 6.45 16.54 33.67
CA THR E 128 5.61 16.34 34.84
C THR E 128 6.10 17.21 35.99
N ASN E 129 5.51 17.03 37.17
CA ASN E 129 5.90 17.78 38.34
C ASN E 129 7.27 17.31 38.85
N VAL E 130 7.79 18.04 39.82
CA VAL E 130 9.04 17.69 40.49
C VAL E 130 8.76 17.49 41.97
N LEU E 131 9.11 16.32 42.50
CA LEU E 131 8.88 16.00 43.89
C LEU E 131 10.11 16.39 44.70
N VAL E 132 9.90 17.05 45.84
CA VAL E 132 10.97 17.64 46.63
C VAL E 132 10.97 17.03 48.02
N ASN E 133 12.17 16.84 48.55
CA ASN E 133 12.37 16.36 49.91
C ASN E 133 11.95 17.45 50.89
N SER E 134 12.14 17.17 52.18
CA SER E 134 12.18 18.22 53.19
C SER E 134 13.59 18.77 53.38
N SER E 135 14.57 18.25 52.63
CA SER E 135 15.95 18.68 52.76
C SER E 135 16.58 19.04 51.41
N GLY E 136 15.78 19.23 50.36
CA GLY E 136 16.26 19.72 49.09
C GLY E 136 16.41 18.68 48.00
N HIS E 137 16.41 17.40 48.34
CA HIS E 137 16.55 16.37 47.33
C HIS E 137 15.35 16.37 46.39
N CYS E 138 15.62 16.27 45.10
CA CYS E 138 14.59 16.37 44.07
C CYS E 138 14.53 15.09 43.24
N GLN E 139 13.35 14.77 42.75
CA GLN E 139 13.13 13.65 41.86
C GLN E 139 12.29 14.11 40.67
N TYR E 140 12.57 13.54 39.51
CA TYR E 140 11.92 13.98 38.27
C TYR E 140 11.88 12.78 37.33
N LEU E 141 10.67 12.31 37.01
CA LEU E 141 10.48 11.13 36.17
C LEU E 141 9.54 11.47 35.02
N PRO E 142 10.06 12.10 33.98
CA PRO E 142 9.21 12.46 32.84
C PRO E 142 9.10 11.30 31.86
N PRO E 143 7.90 10.78 31.64
CA PRO E 143 7.72 9.72 30.66
C PRO E 143 7.66 10.28 29.24
N GLY E 144 7.86 9.38 28.28
CA GLY E 144 7.78 9.77 26.89
C GLY E 144 8.17 8.63 25.99
N ILE E 145 7.77 8.75 24.73
CA ILE E 145 8.10 7.78 23.69
C ILE E 145 9.21 8.38 22.84
N PHE E 146 10.35 7.70 22.81
CA PHE E 146 11.54 8.22 22.16
C PHE E 146 11.75 7.53 20.81
N LYS E 147 12.17 8.31 19.82
CA LYS E 147 12.44 7.81 18.48
C LYS E 147 13.90 8.15 18.15
N SER E 148 14.81 7.26 18.53
CA SER E 148 16.22 7.47 18.28
C SER E 148 16.58 7.02 16.87
N SER E 149 17.85 7.19 16.52
CA SER E 149 18.36 6.81 15.20
C SER E 149 19.59 5.93 15.39
N CYS E 150 19.45 4.65 15.11
CA CYS E 150 20.54 3.69 15.24
C CYS E 150 20.71 2.93 13.93
N TYR E 151 21.97 2.76 13.51
CA TYR E 151 22.25 2.00 12.31
C TYR E 151 21.85 0.53 12.51
N ILE E 152 21.16 -0.03 11.52
CA ILE E 152 20.61 -1.37 11.60
C ILE E 152 21.27 -2.23 10.54
N ASP E 153 21.82 -3.36 10.94
CA ASP E 153 22.49 -4.29 10.04
C ASP E 153 21.56 -5.45 9.71
N VAL E 154 21.46 -5.78 8.43
CA VAL E 154 20.59 -6.86 7.98
C VAL E 154 21.41 -7.86 7.16
N ARG E 155 22.70 -7.95 7.45
CA ARG E 155 23.55 -8.90 6.76
C ARG E 155 23.10 -10.34 7.01
N TRP E 156 22.74 -10.64 8.25
CA TRP E 156 22.27 -11.97 8.62
C TRP E 156 20.77 -12.03 8.81
N PHE E 157 20.03 -11.12 8.18
CA PHE E 157 18.57 -11.11 8.32
C PHE E 157 17.99 -12.42 7.78
N PRO E 158 17.06 -13.05 8.48
CA PRO E 158 16.44 -12.65 9.75
C PRO E 158 17.05 -13.31 10.98
N PHE E 159 18.37 -13.37 11.08
CA PHE E 159 19.04 -13.91 12.27
C PHE E 159 19.88 -12.84 12.96
N ASP E 160 19.58 -11.57 12.73
CA ASP E 160 20.44 -10.49 13.15
C ASP E 160 20.30 -10.20 14.65
N VAL E 161 21.35 -9.60 15.21
CA VAL E 161 21.35 -9.07 16.57
C VAL E 161 21.88 -7.65 16.49
N GLN E 162 21.08 -6.69 16.91
CA GLN E 162 21.42 -5.27 16.76
C GLN E 162 21.83 -4.66 18.09
N HIS E 163 22.59 -3.58 17.99
CA HIS E 163 23.04 -2.82 19.17
C HIS E 163 22.72 -1.35 18.93
N CYS E 164 21.51 -0.94 19.29
CA CYS E 164 21.10 0.46 19.18
C CYS E 164 21.51 1.21 20.44
N LYS E 165 21.85 2.48 20.25
CA LYS E 165 22.42 3.30 21.32
C LYS E 165 21.50 4.47 21.65
N LEU E 166 21.51 4.88 22.92
CA LEU E 166 20.81 6.06 23.39
C LEU E 166 21.81 6.91 24.15
N LYS E 167 22.10 8.10 23.62
CA LYS E 167 23.09 9.00 24.21
C LYS E 167 22.38 10.14 24.92
N PHE E 168 22.70 10.34 26.20
CA PHE E 168 22.09 11.37 27.02
C PHE E 168 23.16 12.26 27.63
N GLY E 169 22.88 13.54 27.67
CA GLY E 169 23.81 14.49 28.26
C GLY E 169 23.22 15.88 28.30
N SER E 170 23.80 16.71 29.16
CA SER E 170 23.37 18.09 29.27
C SER E 170 23.70 18.86 28.00
N TRP E 171 22.76 19.71 27.57
CA TRP E 171 22.94 20.41 26.30
C TRP E 171 23.93 21.58 26.42
N SER E 172 23.99 22.24 27.56
CA SER E 172 24.83 23.42 27.70
C SER E 172 25.70 23.46 28.95
N TYR E 173 25.41 22.66 29.97
CA TYR E 173 26.18 22.72 31.20
C TYR E 173 27.45 21.89 31.10
N GLY E 174 28.49 22.32 31.83
CA GLY E 174 29.77 21.68 31.80
C GLY E 174 30.03 20.79 33.01
N GLY E 175 31.13 20.03 32.92
CA GLY E 175 31.49 19.13 34.00
C GLY E 175 31.85 19.84 35.29
N TRP E 176 32.48 21.01 35.19
CA TRP E 176 32.76 21.79 36.40
C TRP E 176 31.51 22.35 37.03
N SER E 177 30.37 22.30 36.36
CA SER E 177 29.11 22.78 36.88
C SER E 177 28.08 21.69 37.09
N LEU E 178 28.04 20.69 36.22
CA LEU E 178 27.05 19.62 36.28
C LEU E 178 27.71 18.33 35.80
N ASP E 179 28.02 17.45 36.75
CA ASP E 179 28.64 16.16 36.44
C ASP E 179 27.60 15.06 36.57
N LEU E 180 27.29 14.41 35.45
CA LEU E 180 26.32 13.33 35.46
C LEU E 180 26.90 12.08 36.12
N GLN E 181 26.01 11.31 36.76
CA GLN E 181 26.36 10.02 37.34
C GLN E 181 25.37 8.98 36.85
N MET E 182 25.87 7.79 36.56
CA MET E 182 25.06 6.74 35.97
C MET E 182 24.55 5.78 37.04
N GLN E 183 23.27 5.44 36.97
CA GLN E 183 22.68 4.39 37.77
C GLN E 183 22.22 3.27 36.85
N GLU E 184 22.28 2.04 37.35
CA GLU E 184 21.96 0.89 36.52
C GLU E 184 20.51 0.96 36.05
N ALA E 185 20.30 0.53 34.81
CA ALA E 185 18.98 0.61 34.20
C ALA E 185 18.00 -0.34 34.89
N ASP E 186 16.73 0.00 34.80
CA ASP E 186 15.64 -0.78 35.40
C ASP E 186 14.86 -1.48 34.30
N ILE E 187 14.65 -2.79 34.46
CA ILE E 187 13.91 -3.58 33.49
C ILE E 187 12.83 -4.38 34.19
N SER E 188 12.48 -3.96 35.41
CA SER E 188 11.47 -4.69 36.18
C SER E 188 10.11 -4.64 35.51
N GLY E 189 9.73 -3.49 34.97
CA GLY E 189 8.43 -3.34 34.35
C GLY E 189 8.43 -3.55 32.85
N TYR E 190 9.48 -4.19 32.33
CA TYR E 190 9.58 -4.41 30.91
C TYR E 190 8.47 -5.36 30.43
N ILE E 191 7.84 -5.00 29.32
CA ILE E 191 6.79 -5.81 28.72
C ILE E 191 7.42 -6.59 27.56
N PRO E 192 7.39 -7.92 27.59
CA PRO E 192 8.00 -8.69 26.50
C PRO E 192 7.34 -8.38 25.16
N ASN E 193 8.15 -8.36 24.11
CA ASN E 193 7.70 -8.10 22.75
C ASN E 193 7.70 -9.40 21.95
N GLY E 194 6.66 -9.59 21.16
CA GLY E 194 6.52 -10.82 20.40
C GLY E 194 7.42 -10.93 19.19
N GLU E 195 8.13 -9.87 18.82
CA GLU E 195 9.00 -9.89 17.66
C GLU E 195 10.48 -9.73 17.98
N TRP E 196 10.82 -9.15 19.13
CA TRP E 196 12.21 -8.95 19.52
C TRP E 196 12.42 -9.48 20.94
N ASP E 197 13.54 -10.17 21.13
CA ASP E 197 13.91 -10.72 22.44
C ASP E 197 15.02 -9.86 23.02
N LEU E 198 14.72 -9.21 24.14
CA LEU E 198 15.70 -8.32 24.76
C LEU E 198 16.80 -9.14 25.43
N VAL E 199 18.04 -8.81 25.13
CA VAL E 199 19.19 -9.47 25.74
C VAL E 199 19.64 -8.74 27.00
N GLY E 200 19.77 -7.42 26.91
CA GLY E 200 20.18 -6.61 28.04
C GLY E 200 20.41 -5.17 27.64
N ILE E 201 20.40 -4.27 28.62
CA ILE E 201 20.59 -2.84 28.34
C ILE E 201 21.70 -2.31 29.26
N PRO E 202 22.95 -2.51 28.91
CA PRO E 202 24.05 -1.98 29.74
C PRO E 202 24.31 -0.51 29.42
N GLY E 203 25.13 0.10 30.27
CA GLY E 203 25.53 1.47 30.08
C GLY E 203 26.70 1.82 30.96
N LYS E 204 27.41 2.88 30.58
CA LYS E 204 28.58 3.31 31.32
C LYS E 204 28.78 4.81 31.15
N ARG E 205 29.36 5.43 32.18
CA ARG E 205 29.66 6.85 32.14
C ARG E 205 30.97 7.09 31.39
N SER E 206 31.00 8.17 30.61
CA SER E 206 32.18 8.51 29.82
C SER E 206 32.47 9.99 29.98
N GLU E 207 33.75 10.33 29.88
CA GLU E 207 34.22 11.71 29.99
C GLU E 207 34.90 12.10 28.68
N ARG E 208 34.52 13.27 28.15
CA ARG E 208 35.07 13.79 26.91
C ARG E 208 35.69 15.15 27.19
N PHE E 209 37.02 15.21 27.14
CA PHE E 209 37.72 16.48 27.32
C PHE E 209 37.70 17.28 26.02
N TYR E 210 37.88 18.59 26.16
CA TYR E 210 37.87 19.49 25.01
C TYR E 210 39.31 19.89 24.67
N GLU E 211 39.47 20.81 23.71
CA GLU E 211 40.79 21.21 23.25
C GLU E 211 41.34 22.36 24.09
N CYS E 212 40.59 23.45 24.21
CA CYS E 212 41.00 24.62 24.98
C CYS E 212 41.24 24.31 26.45
N CYS E 213 40.34 23.55 27.07
CA CYS E 213 40.12 23.65 28.50
C CYS E 213 40.06 22.26 29.08
N LYS E 214 40.48 22.12 30.34
CA LYS E 214 40.55 20.82 31.00
C LYS E 214 39.22 20.39 31.56
N GLU E 215 38.13 21.00 31.09
CA GLU E 215 36.80 20.68 31.59
C GLU E 215 36.35 19.33 31.05
N PRO E 216 36.07 18.35 31.90
CA PRO E 216 35.40 17.14 31.43
C PRO E 216 33.95 17.42 31.10
N TYR E 217 33.40 16.60 30.22
CA TYR E 217 31.99 16.71 29.81
C TYR E 217 31.35 15.34 29.93
N PRO E 218 30.87 14.99 31.12
CA PRO E 218 30.35 13.64 31.34
C PRO E 218 29.06 13.39 30.57
N ASP E 219 28.79 12.11 30.33
CA ASP E 219 27.57 11.66 29.70
C ASP E 219 27.29 10.22 30.10
N VAL E 220 26.04 9.80 29.86
CA VAL E 220 25.62 8.42 30.11
C VAL E 220 25.02 7.89 28.83
N THR E 221 25.59 6.79 28.31
CA THR E 221 25.14 6.17 27.08
C THR E 221 24.59 4.79 27.40
N PHE E 222 23.37 4.52 26.94
CA PHE E 222 22.70 3.24 27.13
C PHE E 222 22.57 2.56 25.77
N THR E 223 23.10 1.36 25.66
CA THR E 223 23.03 0.57 24.42
C THR E 223 22.10 -0.61 24.64
N VAL E 224 21.18 -0.79 23.70
CA VAL E 224 20.17 -1.85 23.79
C VAL E 224 20.59 -3.00 22.89
N THR E 225 20.65 -4.20 23.46
CA THR E 225 20.96 -5.41 22.71
C THR E 225 19.70 -6.27 22.63
N MET E 226 19.25 -6.53 21.40
CA MET E 226 18.03 -7.30 21.19
C MET E 226 18.26 -8.29 20.06
N ARG E 227 17.60 -9.45 20.18
CA ARG E 227 17.73 -10.53 19.21
C ARG E 227 16.39 -10.77 18.54
N ARG E 228 16.40 -10.84 17.22
CA ARG E 228 15.16 -11.06 16.47
C ARG E 228 14.65 -12.47 16.67
N ARG E 229 13.33 -12.60 16.82
CA ARG E 229 12.69 -13.90 16.88
C ARG E 229 12.34 -14.35 15.46
N THR E 230 12.75 -15.57 15.12
CA THR E 230 12.78 -16.01 13.73
C THR E 230 11.63 -16.94 13.36
N LEU E 231 10.68 -17.20 14.26
CA LEU E 231 9.64 -18.18 13.97
C LEU E 231 8.76 -17.73 12.80
N TYR E 232 8.35 -16.46 12.80
CA TYR E 232 7.44 -15.97 11.78
C TYR E 232 8.06 -16.10 10.38
N TYR E 233 9.28 -15.56 10.22
CA TYR E 233 9.92 -15.64 8.92
C TYR E 233 10.25 -17.08 8.54
N GLY E 234 10.76 -17.87 9.48
CA GLY E 234 11.06 -19.26 9.20
C GLY E 234 9.85 -20.08 8.82
N LEU E 235 8.66 -19.64 9.21
CA LEU E 235 7.45 -20.37 8.84
C LEU E 235 6.81 -19.82 7.56
N ASN E 236 6.97 -18.54 7.26
CA ASN E 236 6.27 -17.95 6.12
C ASN E 236 7.12 -17.75 4.88
N LEU E 237 8.45 -17.74 5.01
CA LEU E 237 9.33 -17.48 3.87
C LEU E 237 10.18 -18.69 3.52
N LEU E 238 10.96 -19.21 4.47
CA LEU E 238 11.89 -20.28 4.15
C LEU E 238 11.17 -21.57 3.76
N ILE E 239 10.21 -21.99 4.57
CA ILE E 239 9.50 -23.24 4.30
C ILE E 239 8.73 -23.19 2.97
N PRO E 240 7.87 -22.20 2.73
CA PRO E 240 7.14 -22.21 1.44
C PRO E 240 8.06 -22.09 0.23
N CYS E 241 9.08 -21.23 0.30
CA CYS E 241 9.97 -21.06 -0.84
C CYS E 241 10.73 -22.33 -1.16
N VAL E 242 11.23 -23.01 -0.13
CA VAL E 242 11.93 -24.28 -0.37
C VAL E 242 10.96 -25.33 -0.86
N LEU E 243 9.69 -25.27 -0.45
CA LEU E 243 8.71 -26.21 -0.98
C LEU E 243 8.47 -26.01 -2.47
N ILE E 244 8.34 -24.75 -2.90
CA ILE E 244 8.21 -24.50 -4.34
C ILE E 244 9.47 -24.90 -5.09
N SER E 245 10.64 -24.65 -4.50
CA SER E 245 11.88 -25.06 -5.14
C SER E 245 11.94 -26.57 -5.31
N ALA E 246 11.51 -27.32 -4.30
CA ALA E 246 11.47 -28.77 -4.41
C ALA E 246 10.46 -29.22 -5.46
N LEU E 247 9.29 -28.56 -5.50
CA LEU E 247 8.28 -28.92 -6.48
C LEU E 247 8.76 -28.65 -7.90
N ALA E 248 9.65 -27.68 -8.07
CA ALA E 248 10.19 -27.39 -9.40
C ALA E 248 11.01 -28.54 -9.97
N LEU E 249 11.47 -29.46 -9.12
CA LEU E 249 12.26 -30.59 -9.57
C LEU E 249 11.44 -31.71 -10.19
N LEU E 250 10.11 -31.65 -10.08
CA LEU E 250 9.27 -32.72 -10.60
C LEU E 250 9.29 -32.79 -12.12
N VAL E 251 9.77 -31.74 -12.79
CA VAL E 251 9.79 -31.73 -14.24
C VAL E 251 10.64 -32.88 -14.77
N PHE E 252 11.65 -33.31 -14.01
CA PHE E 252 12.52 -34.39 -14.44
C PHE E 252 11.90 -35.76 -14.25
N LEU E 253 10.82 -35.87 -13.49
CA LEU E 253 10.11 -37.13 -13.34
C LEU E 253 8.86 -37.22 -14.22
N LEU E 254 8.57 -36.17 -14.98
CA LEU E 254 7.42 -36.12 -15.87
C LEU E 254 7.79 -36.68 -17.23
N PRO E 255 7.04 -37.66 -17.75
CA PRO E 255 7.35 -38.19 -19.08
C PRO E 255 7.24 -37.11 -20.15
N ALA E 256 8.14 -37.18 -21.13
CA ALA E 256 8.18 -36.16 -22.17
C ALA E 256 7.02 -36.27 -23.15
N ASP E 257 6.33 -37.41 -23.18
CA ASP E 257 5.21 -37.56 -24.11
C ASP E 257 4.10 -36.55 -23.81
N SER E 258 3.79 -36.35 -22.54
CA SER E 258 2.87 -35.30 -22.16
C SER E 258 3.50 -33.93 -22.43
N GLY E 259 2.65 -32.95 -22.71
CA GLY E 259 3.13 -31.64 -23.09
C GLY E 259 3.03 -30.59 -22.01
N GLU E 260 3.39 -30.96 -20.78
CA GLU E 260 3.26 -30.07 -19.63
C GLU E 260 4.59 -29.70 -18.99
N LYS E 261 5.72 -30.10 -19.59
CA LYS E 261 7.01 -29.86 -18.96
C LYS E 261 7.34 -28.38 -18.89
N ILE E 262 7.34 -27.70 -20.04
CA ILE E 262 7.66 -26.27 -20.07
C ILE E 262 6.61 -25.48 -19.31
N SER E 263 5.34 -25.85 -19.45
CA SER E 263 4.29 -25.15 -18.73
C SER E 263 4.50 -25.25 -17.23
N LEU E 264 4.82 -26.43 -16.73
CA LEU E 264 5.07 -26.60 -15.30
C LEU E 264 6.27 -25.78 -14.85
N GLY E 265 7.38 -25.87 -15.59
CA GLY E 265 8.56 -25.12 -15.19
C GLY E 265 8.33 -23.63 -15.14
N ILE E 266 7.69 -23.10 -16.20
CA ILE E 266 7.44 -21.66 -16.26
C ILE E 266 6.41 -21.24 -15.21
N THR E 267 5.50 -22.14 -14.82
CA THR E 267 4.55 -21.79 -13.78
C THR E 267 5.23 -21.73 -12.41
N VAL E 268 6.17 -22.65 -12.14
CA VAL E 268 6.95 -22.52 -10.91
C VAL E 268 7.77 -21.24 -10.93
N LEU E 269 8.29 -20.87 -12.10
CA LEU E 269 9.00 -19.60 -12.21
C LEU E 269 8.08 -18.42 -11.89
N LEU E 270 6.85 -18.46 -12.40
CA LEU E 270 5.89 -17.39 -12.12
C LEU E 270 5.57 -17.31 -10.63
N SER E 271 5.39 -18.47 -9.99
CA SER E 271 5.15 -18.49 -8.55
C SER E 271 6.33 -17.90 -7.79
N LEU E 272 7.55 -18.23 -8.21
CA LEU E 272 8.74 -17.67 -7.57
C LEU E 272 8.78 -16.16 -7.74
N THR E 273 8.41 -15.65 -8.93
CA THR E 273 8.37 -14.21 -9.15
C THR E 273 7.33 -13.55 -8.25
N VAL E 274 6.18 -14.18 -8.10
CA VAL E 274 5.14 -13.64 -7.22
C VAL E 274 5.65 -13.60 -5.77
N PHE E 275 6.36 -14.64 -5.35
CA PHE E 275 6.88 -14.66 -3.98
C PHE E 275 7.97 -13.60 -3.80
N MET E 276 8.77 -13.36 -4.85
CA MET E 276 9.71 -12.24 -4.85
C MET E 276 8.98 -10.91 -4.66
N LEU E 277 7.87 -10.73 -5.38
CA LEU E 277 7.09 -9.50 -5.22
C LEU E 277 6.58 -9.37 -3.80
N LEU E 278 6.12 -10.48 -3.21
CA LEU E 278 5.64 -10.44 -1.83
C LEU E 278 6.76 -10.06 -0.87
N VAL E 279 7.96 -10.61 -1.07
CA VAL E 279 9.06 -10.42 -0.12
C VAL E 279 9.82 -9.12 -0.33
N ALA E 280 9.65 -8.46 -1.46
CA ALA E 280 10.50 -7.31 -1.78
C ALA E 280 10.34 -6.17 -0.78
N GLU E 281 9.19 -6.07 -0.11
CA GLU E 281 8.90 -4.90 0.70
C GLU E 281 9.43 -4.97 2.13
N ILE E 282 10.04 -6.09 2.53
CA ILE E 282 10.42 -6.25 3.93
C ILE E 282 11.77 -5.61 4.22
N MET E 283 12.83 -6.10 3.56
CA MET E 283 14.16 -5.62 3.85
C MET E 283 14.34 -4.19 3.33
N PRO E 284 15.25 -3.42 3.93
CA PRO E 284 15.47 -2.04 3.48
C PRO E 284 16.20 -1.97 2.15
N ALA E 285 16.51 -0.75 1.70
CA ALA E 285 17.20 -0.52 0.45
C ALA E 285 18.69 -0.27 0.64
N THR E 286 19.31 -0.95 1.62
CA THR E 286 20.71 -0.75 1.90
C THR E 286 21.57 -1.30 0.76
N SER E 287 22.83 -0.86 0.74
CA SER E 287 23.77 -1.31 -0.28
C SER E 287 25.14 -1.61 0.30
N ASP E 288 25.24 -1.84 1.61
CA ASP E 288 26.51 -2.15 2.23
C ASP E 288 26.83 -3.64 2.24
N SER E 289 25.81 -4.49 2.22
CA SER E 289 26.03 -5.93 2.23
C SER E 289 24.80 -6.62 1.65
N VAL E 290 25.02 -7.74 0.98
CA VAL E 290 23.94 -8.53 0.40
C VAL E 290 23.28 -9.34 1.50
N PRO E 291 21.97 -9.18 1.71
CA PRO E 291 21.30 -9.96 2.75
C PRO E 291 21.28 -11.45 2.44
N LEU E 292 21.25 -12.24 3.52
CA LEU E 292 21.22 -13.69 3.38
C LEU E 292 19.97 -14.14 2.63
N ILE E 293 18.84 -13.49 2.88
CA ILE E 293 17.61 -13.85 2.16
C ILE E 293 17.77 -13.55 0.67
N ALA E 294 18.48 -12.46 0.34
CA ALA E 294 18.73 -12.16 -1.07
C ALA E 294 19.60 -13.23 -1.70
N GLN E 295 20.65 -13.65 -1.00
CA GLN E 295 21.52 -14.71 -1.52
C GLN E 295 20.72 -15.99 -1.78
N TYR E 296 19.91 -16.39 -0.80
CA TYR E 296 19.16 -17.63 -0.93
C TYR E 296 18.14 -17.55 -2.06
N PHE E 297 17.45 -16.41 -2.19
CA PHE E 297 16.46 -16.29 -3.25
C PHE E 297 17.12 -16.27 -4.63
N ALA E 298 18.27 -15.61 -4.74
CA ALA E 298 19.00 -15.62 -6.00
C ALA E 298 19.42 -17.04 -6.37
N SER E 299 19.90 -17.80 -5.39
CA SER E 299 20.26 -19.19 -5.65
C SER E 299 19.07 -19.98 -6.14
N THR E 300 17.92 -19.82 -5.49
CA THR E 300 16.73 -20.57 -5.87
C THR E 300 16.29 -20.22 -7.29
N MET E 301 16.25 -18.94 -7.62
CA MET E 301 15.78 -18.54 -8.95
C MET E 301 16.77 -19.00 -10.03
N ILE E 302 18.06 -18.95 -9.74
CA ILE E 302 19.05 -19.44 -10.70
C ILE E 302 18.88 -20.93 -10.93
N ILE E 303 18.63 -21.69 -9.85
CA ILE E 303 18.41 -23.13 -9.99
C ILE E 303 17.19 -23.40 -10.85
N VAL E 304 16.10 -22.66 -10.62
CA VAL E 304 14.89 -22.89 -11.40
C VAL E 304 15.12 -22.56 -12.88
N GLY E 305 15.82 -21.45 -13.16
CA GLY E 305 16.12 -21.12 -14.55
C GLY E 305 16.96 -22.18 -15.24
N LEU E 306 17.98 -22.68 -14.54
CA LEU E 306 18.80 -23.75 -15.11
C LEU E 306 17.97 -25.01 -15.36
N SER E 307 17.03 -25.31 -14.45
CA SER E 307 16.15 -26.46 -14.66
C SER E 307 15.30 -26.28 -15.91
N VAL E 308 14.80 -25.07 -16.14
CA VAL E 308 14.02 -24.81 -17.35
C VAL E 308 14.89 -25.00 -18.60
N VAL E 309 16.14 -24.52 -18.54
CA VAL E 309 17.04 -24.69 -19.68
C VAL E 309 17.27 -26.18 -19.97
N VAL E 310 17.51 -26.96 -18.92
CA VAL E 310 17.73 -28.39 -19.09
C VAL E 310 16.48 -29.05 -19.66
N THR E 311 15.30 -28.64 -19.20
CA THR E 311 14.07 -29.22 -19.72
C THR E 311 13.91 -28.94 -21.21
N VAL E 312 14.26 -27.72 -21.63
CA VAL E 312 14.22 -27.41 -23.05
C VAL E 312 15.19 -28.29 -23.84
N ILE E 313 16.39 -28.49 -23.30
CA ILE E 313 17.36 -29.34 -23.98
C ILE E 313 16.83 -30.76 -24.12
N VAL E 314 16.25 -31.29 -23.04
CA VAL E 314 15.70 -32.64 -23.07
C VAL E 314 14.58 -32.74 -24.10
N LEU E 315 13.70 -31.73 -24.14
CA LEU E 315 12.61 -31.74 -25.10
C LEU E 315 13.13 -31.73 -26.53
N GLN E 316 14.14 -30.92 -26.81
CA GLN E 316 14.71 -30.90 -28.16
C GLN E 316 15.44 -32.20 -28.48
N TYR E 317 15.90 -32.93 -27.47
CA TYR E 317 16.43 -34.26 -27.72
C TYR E 317 15.33 -35.27 -28.02
N HIS E 318 14.19 -35.14 -27.36
CA HIS E 318 13.12 -36.13 -27.49
C HIS E 318 12.43 -36.04 -28.85
N HIS E 319 12.19 -34.83 -29.33
CA HIS E 319 11.50 -34.61 -30.61
C HIS E 319 12.47 -34.50 -31.77
N HIS E 320 13.65 -35.12 -31.67
CA HIS E 320 14.62 -35.06 -32.74
C HIS E 320 14.10 -35.78 -33.97
N ASP E 321 14.33 -35.18 -35.13
CA ASP E 321 13.83 -35.74 -36.38
C ASP E 321 14.56 -37.04 -36.72
N PRO E 322 13.85 -38.13 -36.98
CA PRO E 322 14.53 -39.39 -37.31
C PRO E 322 15.36 -39.33 -38.58
N ASP E 323 15.06 -38.41 -39.49
CA ASP E 323 15.78 -38.29 -40.74
C ASP E 323 16.96 -37.32 -40.66
N GLY E 324 17.22 -36.74 -39.49
CA GLY E 324 18.32 -35.82 -39.31
C GLY E 324 19.64 -36.54 -39.12
N GLY E 325 20.60 -35.80 -38.58
CA GLY E 325 21.91 -36.39 -38.34
C GLY E 325 21.84 -37.50 -37.30
N LYS E 326 22.58 -38.56 -37.54
CA LYS E 326 22.62 -39.68 -36.61
C LYS E 326 23.37 -39.30 -35.34
N MET E 327 23.22 -40.14 -34.32
CA MET E 327 23.91 -39.92 -33.06
C MET E 327 25.42 -40.00 -33.27
N PRO E 328 26.20 -39.00 -32.86
CA PRO E 328 27.65 -39.12 -32.89
C PRO E 328 28.10 -40.27 -32.01
N LYS E 329 29.18 -40.93 -32.43
CA LYS E 329 29.67 -42.09 -31.69
C LYS E 329 30.08 -41.71 -30.27
N TRP E 330 30.72 -40.55 -30.12
CA TRP E 330 31.14 -40.10 -28.80
C TRP E 330 29.94 -39.92 -27.88
N THR E 331 28.92 -39.21 -28.34
CA THR E 331 27.73 -39.00 -27.52
C THR E 331 27.03 -40.32 -27.21
N ARG E 332 26.95 -41.20 -28.20
CA ARG E 332 26.29 -42.50 -27.99
C ARG E 332 27.01 -43.29 -26.90
N VAL E 333 28.33 -43.43 -27.02
CA VAL E 333 29.07 -44.24 -26.04
C VAL E 333 29.07 -43.55 -24.68
N ILE E 334 29.09 -42.23 -24.64
CA ILE E 334 29.09 -41.52 -23.36
C ILE E 334 27.76 -41.72 -22.64
N LEU E 335 26.65 -41.51 -23.35
CA LEU E 335 25.34 -41.57 -22.68
C LEU E 335 24.84 -43.01 -22.58
N LEU E 336 24.52 -43.61 -23.73
CA LEU E 336 23.70 -44.82 -23.73
C LEU E 336 24.38 -46.01 -23.05
N ASN E 337 25.71 -46.00 -22.97
CA ASN E 337 26.44 -47.07 -22.30
C ASN E 337 26.81 -46.69 -20.87
N TRP E 338 27.55 -45.59 -20.70
CA TRP E 338 28.07 -45.25 -19.39
C TRP E 338 26.96 -44.83 -18.43
N CYS E 339 26.06 -43.94 -18.86
CA CYS E 339 25.00 -43.49 -17.96
C CYS E 339 24.06 -44.63 -17.61
N ALA E 340 23.75 -45.50 -18.57
CA ALA E 340 22.93 -46.66 -18.28
C ALA E 340 23.63 -47.60 -17.31
N TRP E 341 24.95 -47.72 -17.42
CA TRP E 341 25.71 -48.48 -16.43
C TRP E 341 25.57 -47.86 -15.04
N PHE E 342 25.68 -46.53 -14.97
CA PHE E 342 25.62 -45.85 -13.69
C PHE E 342 24.19 -45.78 -13.15
N LEU E 343 23.22 -45.52 -14.02
CA LEU E 343 21.83 -45.33 -13.59
C LEU E 343 21.06 -46.64 -13.49
N ARG E 344 21.63 -47.76 -13.97
CA ARG E 344 21.01 -49.07 -13.85
C ARG E 344 19.63 -49.11 -14.48
N MET E 345 19.54 -48.65 -15.73
CA MET E 345 18.32 -48.72 -16.51
C MET E 345 18.62 -49.39 -17.85
N LYS E 346 17.66 -50.17 -18.33
CA LYS E 346 17.84 -50.99 -19.52
C LYS E 346 17.13 -50.38 -20.71
N ARG E 347 17.84 -50.29 -21.84
CA ARG E 347 17.23 -49.80 -23.06
C ARG E 347 16.23 -50.82 -23.59
N PRO E 348 15.06 -50.37 -24.03
CA PRO E 348 14.08 -51.26 -24.63
C PRO E 348 14.64 -51.97 -25.86
N GLY E 349 14.78 -53.30 -25.82
CA GLY E 349 15.35 -54.04 -26.93
C GLY E 349 16.80 -53.71 -27.15
N ASP E 430 -0.74 -64.92 -65.23
CA ASP E 430 0.61 -64.97 -64.69
C ASP E 430 1.30 -63.59 -64.63
N PRO E 431 1.23 -62.78 -65.70
CA PRO E 431 1.77 -61.41 -65.58
C PRO E 431 1.11 -60.62 -64.47
N ASP E 432 -0.20 -60.80 -64.29
CA ASP E 432 -0.90 -60.15 -63.20
C ASP E 432 -0.37 -60.62 -61.85
N LEU E 433 0.03 -61.89 -61.77
CA LEU E 433 0.67 -62.39 -60.55
C LEU E 433 1.97 -61.62 -60.27
N ALA E 434 2.76 -61.38 -61.30
CA ALA E 434 3.97 -60.58 -61.14
C ALA E 434 3.62 -59.17 -60.67
N LYS E 435 2.58 -58.58 -61.25
CA LYS E 435 2.20 -57.22 -60.87
C LYS E 435 1.82 -57.14 -59.40
N ILE E 436 0.98 -58.07 -58.93
CA ILE E 436 0.58 -58.02 -57.52
C ILE E 436 1.79 -58.34 -56.64
N LEU E 437 2.71 -59.16 -57.13
CA LEU E 437 3.93 -59.43 -56.37
C LEU E 437 4.72 -58.15 -56.16
N GLU E 438 4.90 -57.36 -57.23
CA GLU E 438 5.59 -56.08 -57.06
C GLU E 438 4.84 -55.13 -56.14
N GLU E 439 3.51 -55.10 -56.23
CA GLU E 439 2.74 -54.21 -55.36
C GLU E 439 2.94 -54.57 -53.89
N VAL E 440 2.79 -55.86 -53.56
CA VAL E 440 2.95 -56.27 -52.16
C VAL E 440 4.40 -56.09 -51.71
N ARG E 441 5.36 -56.27 -52.62
CA ARG E 441 6.76 -56.03 -52.27
C ARG E 441 6.99 -54.56 -51.91
N TYR E 442 6.42 -53.65 -52.70
CA TYR E 442 6.54 -52.23 -52.41
C TYR E 442 5.92 -51.89 -51.06
N ILE E 443 4.73 -52.44 -50.79
CA ILE E 443 4.08 -52.18 -49.50
C ILE E 443 4.92 -52.69 -48.34
N ALA E 444 5.45 -53.92 -48.47
CA ALA E 444 6.26 -54.49 -47.41
C ALA E 444 7.53 -53.69 -47.17
N ASN E 445 8.18 -53.23 -48.25
CA ASN E 445 9.39 -52.43 -48.08
C ASN E 445 9.09 -51.09 -47.43
N ARG E 446 7.94 -50.49 -47.77
CA ARG E 446 7.53 -49.26 -47.09
C ARG E 446 7.36 -49.51 -45.59
N PHE E 447 6.71 -50.61 -45.23
CA PHE E 447 6.52 -50.90 -43.81
C PHE E 447 7.85 -51.14 -43.11
N ARG E 448 8.79 -51.83 -43.79
CA ARG E 448 10.11 -52.07 -43.20
C ARG E 448 10.85 -50.77 -42.94
N CYS E 449 10.82 -49.85 -43.92
CA CYS E 449 11.49 -48.57 -43.73
C CYS E 449 10.85 -47.79 -42.58
N GLN E 450 9.52 -47.82 -42.49
CA GLN E 450 8.85 -47.16 -41.38
C GLN E 450 9.28 -47.75 -40.04
N ASP E 451 9.41 -49.06 -39.97
CA ASP E 451 9.80 -49.71 -38.71
C ASP E 451 11.22 -49.32 -38.31
N GLU E 452 12.15 -49.31 -39.26
CA GLU E 452 13.53 -48.94 -38.91
C GLU E 452 13.62 -47.47 -38.50
N SER E 453 12.86 -46.60 -39.16
CA SER E 453 12.82 -45.20 -38.75
C SER E 453 12.25 -45.06 -37.35
N GLU E 454 11.22 -45.85 -37.01
CA GLU E 454 10.66 -45.82 -35.68
C GLU E 454 11.70 -46.24 -34.63
N ALA E 455 12.48 -47.28 -34.94
CA ALA E 455 13.54 -47.69 -34.01
C ALA E 455 14.57 -46.58 -33.84
N VAL E 456 14.94 -45.93 -34.94
CA VAL E 456 15.90 -44.82 -34.86
C VAL E 456 15.38 -43.72 -33.95
N CYS E 457 14.10 -43.39 -34.06
CA CYS E 457 13.52 -42.39 -33.16
C CYS E 457 13.48 -42.87 -31.71
N SER E 458 13.20 -44.15 -31.52
CA SER E 458 13.12 -44.70 -30.16
C SER E 458 14.45 -44.59 -29.44
N GLU E 459 15.56 -44.77 -30.17
CA GLU E 459 16.87 -44.67 -29.52
C GLU E 459 17.11 -43.25 -29.00
N TRP E 460 16.72 -42.23 -29.77
CA TRP E 460 16.83 -40.86 -29.29
C TRP E 460 15.91 -40.61 -28.10
N LYS E 461 14.71 -41.18 -28.13
CA LYS E 461 13.81 -41.05 -26.98
C LYS E 461 14.45 -41.62 -25.72
N PHE E 462 15.10 -42.77 -25.85
CA PHE E 462 15.79 -43.36 -24.71
C PHE E 462 16.94 -42.48 -24.24
N ALA E 463 17.67 -41.87 -25.18
CA ALA E 463 18.76 -40.97 -24.79
C ALA E 463 18.24 -39.80 -23.97
N ALA E 464 17.12 -39.22 -24.39
CA ALA E 464 16.52 -38.13 -23.60
C ALA E 464 16.08 -38.64 -22.23
N CYS E 465 15.44 -39.81 -22.18
CA CYS E 465 14.97 -40.35 -20.92
C CYS E 465 16.12 -40.64 -19.96
N VAL E 466 17.31 -40.93 -20.50
CA VAL E 466 18.45 -41.23 -19.63
C VAL E 466 19.21 -39.97 -19.23
N VAL E 467 19.18 -38.91 -20.04
CA VAL E 467 19.79 -37.67 -19.57
C VAL E 467 18.91 -37.01 -18.52
N ASP E 468 17.59 -37.28 -18.57
CA ASP E 468 16.67 -36.64 -17.65
C ASP E 468 16.99 -36.98 -16.20
N ARG E 469 17.20 -38.26 -15.91
CA ARG E 469 17.44 -38.68 -14.52
C ARG E 469 18.79 -38.18 -14.01
N LEU E 470 19.81 -38.16 -14.88
CA LEU E 470 21.10 -37.61 -14.50
C LEU E 470 20.95 -36.14 -14.09
N CYS E 471 20.24 -35.35 -14.89
CA CYS E 471 20.06 -33.96 -14.53
C CYS E 471 19.21 -33.81 -13.28
N LEU E 472 18.25 -34.71 -13.07
CA LEU E 472 17.48 -34.70 -11.82
C LEU E 472 18.39 -34.87 -10.61
N MET E 473 19.27 -35.87 -10.66
CA MET E 473 20.17 -36.10 -9.53
C MET E 473 21.07 -34.90 -9.29
N ALA E 474 21.63 -34.35 -10.37
CA ALA E 474 22.53 -33.22 -10.24
C ALA E 474 21.83 -32.02 -9.60
N PHE E 475 20.62 -31.71 -10.09
CA PHE E 475 19.92 -30.54 -9.57
C PHE E 475 19.45 -30.76 -8.14
N SER E 476 19.04 -31.98 -7.79
CA SER E 476 18.65 -32.25 -6.41
C SER E 476 19.82 -32.04 -5.46
N VAL E 477 20.99 -32.58 -5.81
CA VAL E 477 22.16 -32.38 -4.96
C VAL E 477 22.49 -30.90 -4.86
N PHE E 478 22.46 -30.20 -5.99
CA PHE E 478 22.77 -28.76 -5.98
C PHE E 478 21.85 -28.00 -5.04
N THR E 479 20.53 -28.22 -5.15
CA THR E 479 19.60 -27.43 -4.36
C THR E 479 19.71 -27.76 -2.87
N ILE E 480 19.86 -29.04 -2.52
CA ILE E 480 19.95 -29.37 -1.10
C ILE E 480 21.24 -28.77 -0.50
N ILE E 481 22.36 -28.89 -1.22
CA ILE E 481 23.62 -28.37 -0.70
C ILE E 481 23.56 -26.86 -0.56
N CYS E 482 23.00 -26.17 -1.56
CA CYS E 482 22.92 -24.71 -1.49
C CYS E 482 22.03 -24.26 -0.34
N THR E 483 20.84 -24.86 -0.22
CA THR E 483 19.90 -24.43 0.81
C THR E 483 20.36 -24.82 2.21
N ILE E 484 21.28 -25.78 2.34
CA ILE E 484 21.84 -26.06 3.66
C ILE E 484 22.98 -25.09 3.96
N GLY E 485 23.89 -24.89 3.01
CA GLY E 485 25.04 -24.06 3.27
C GLY E 485 24.69 -22.60 3.50
N ILE E 486 23.77 -22.06 2.70
CA ILE E 486 23.42 -20.65 2.83
C ILE E 486 22.86 -20.37 4.21
N LEU E 487 21.95 -21.24 4.69
CA LEU E 487 21.35 -21.04 5.99
C LEU E 487 22.36 -21.26 7.11
N MET E 488 23.14 -22.34 7.05
CA MET E 488 24.06 -22.64 8.12
C MET E 488 25.27 -21.70 8.14
N SER E 489 25.45 -20.87 7.12
CA SER E 489 26.54 -19.91 7.12
C SER E 489 26.37 -18.87 8.23
N ALA E 490 25.14 -18.44 8.47
CA ALA E 490 24.90 -17.34 9.41
C ALA E 490 25.26 -17.76 10.83
N PRO E 491 25.89 -16.88 11.61
CA PRO E 491 26.18 -17.20 13.01
C PRO E 491 24.90 -17.24 13.84
N ASN E 492 25.03 -17.84 15.01
CA ASN E 492 23.95 -17.99 16.01
C ASN E 492 22.69 -18.62 15.41
N PHE E 493 22.81 -19.29 14.27
CA PHE E 493 21.68 -19.98 13.69
C PHE E 493 21.20 -21.12 14.60
N VAL E 494 22.15 -21.88 15.15
CA VAL E 494 21.78 -22.97 16.04
C VAL E 494 21.06 -22.46 17.28
N GLU E 495 21.55 -21.35 17.86
CA GLU E 495 20.89 -20.77 19.01
C GLU E 495 19.50 -20.26 18.65
N ALA E 496 19.37 -19.64 17.47
CA ALA E 496 18.06 -19.13 17.05
C ALA E 496 17.05 -20.26 16.89
N VAL E 497 17.45 -21.36 16.25
CA VAL E 497 16.52 -22.48 16.08
C VAL E 497 16.32 -23.26 17.36
N SER E 498 17.25 -23.17 18.33
CA SER E 498 17.01 -23.79 19.62
C SER E 498 16.04 -22.97 20.47
N LYS E 499 16.05 -21.65 20.32
CA LYS E 499 15.20 -20.79 21.11
C LYS E 499 13.80 -20.64 20.52
N ASP E 500 13.69 -20.37 19.22
CA ASP E 500 12.42 -20.07 18.60
C ASP E 500 11.70 -21.29 18.07
N PHE E 501 12.25 -22.49 18.26
CA PHE E 501 11.61 -23.71 17.80
C PHE E 501 11.52 -24.79 18.86
N ALA E 502 12.11 -24.59 20.04
CA ALA E 502 12.09 -25.59 21.10
C ALA E 502 12.20 -24.95 22.47
C1 NAG F . 34.64 34.75 24.63
C2 NAG F . 35.85 34.48 25.50
C3 NAG F . 37.05 34.42 24.63
C4 NAG F . 36.89 33.68 23.32
C5 NAG F . 35.48 33.47 22.77
C6 NAG F . 35.40 32.11 22.13
C7 NAG F . 36.18 35.25 27.90
C8 NAG F . 36.35 36.37 28.94
N2 NAG F . 36.01 35.58 26.50
O3 NAG F . 38.12 33.79 25.39
O4 NAG F . 37.61 34.41 22.33
O5 NAG F . 34.40 33.56 23.76
O6 NAG F . 34.17 31.52 22.44
O7 NAG F . 36.18 34.12 28.24
C1 NAG F . 38.72 33.62 21.89
C2 NAG F . 39.09 34.04 20.48
C3 NAG F . 40.29 33.34 19.96
C4 NAG F . 41.46 33.41 20.91
C5 NAG F . 41.06 32.97 22.32
C6 NAG F . 42.23 33.21 23.25
C7 NAG F . 37.00 34.79 19.19
C8 NAG F . 35.83 34.48 18.25
N2 NAG F . 37.94 33.73 19.56
O3 NAG F . 40.68 33.95 18.70
O4 NAG F . 42.49 32.56 20.44
O5 NAG F . 39.89 33.71 22.83
O6 NAG F . 42.48 34.59 23.32
O7 NAG F . 37.15 35.89 19.59
C1 NAG G . 7.97 54.18 3.84
C2 NAG G . 9.15 55.02 3.42
C3 NAG G . 8.93 55.49 2.03
C4 NAG G . 8.37 54.47 1.07
C5 NAG G . 7.64 53.25 1.64
C6 NAG G . 7.96 52.04 0.79
C7 NAG G . 10.57 56.51 4.94
C8 NAG G . 10.70 57.72 5.87
N2 NAG G . 9.28 56.21 4.32
O3 NAG G . 10.20 55.97 1.49
O4 NAG G . 7.43 55.16 0.24
O5 NAG G . 7.98 52.92 3.04
O6 NAG G . 8.17 50.93 1.63
O7 NAG G . 11.50 55.82 4.72
C1 NAG G . 7.91 55.17 -1.11
C2 NAG G . 6.73 55.28 -2.06
C3 NAG G . 7.15 55.40 -3.49
C4 NAG G . 8.17 56.49 -3.69
C5 NAG G . 9.36 56.35 -2.73
C6 NAG G . 10.25 57.55 -2.89
C7 NAG G . 4.68 54.07 -1.10
C8 NAG G . 3.82 52.81 -0.96
N2 NAG G . 5.89 54.05 -1.92
O3 NAG G . 5.98 55.70 -4.28
O4 NAG G . 8.65 56.41 -5.03
O5 NAG G . 8.92 56.28 -1.33
O6 NAG G . 9.56 58.71 -2.51
O7 NAG G . 4.38 55.07 -0.54
C1 NAG H . -27.35 44.36 17.31
C2 NAG H . -27.80 45.58 16.54
C3 NAG H . -29.17 45.35 16.04
C4 NAG H . -29.44 43.98 15.47
C5 NAG H . -28.50 42.83 15.85
C6 NAG H . -28.31 41.93 14.66
C7 NAG H . -27.14 48.01 17.04
C8 NAG H . -27.14 49.23 17.96
N2 NAG H . -27.81 46.78 17.46
O3 NAG H . -29.46 46.34 15.01
O4 NAG H . -30.75 43.60 15.89
O5 NAG H . -27.18 43.23 16.34
O6 NAG H . -26.96 41.54 14.60
O7 NAG H . -26.60 48.05 15.99
C1 NAG H . -31.61 43.51 14.73
C2 NAG H . -32.73 42.53 15.03
C3 NAG H . -33.72 42.47 13.92
C4 NAG H . -34.21 43.82 13.50
C5 NAG H . -33.07 44.78 13.19
C6 NAG H . -33.63 46.14 12.92
C7 NAG H . -31.93 40.66 16.58
C8 NAG H . -31.34 39.27 16.79
N2 NAG H . -32.15 41.17 15.23
O3 NAG H . -34.86 41.68 14.37
O4 NAG H . -35.00 43.67 12.31
O5 NAG H . -32.12 44.87 14.33
O6 NAG H . -34.26 46.63 14.08
O7 NAG H . -32.21 41.34 17.52
C1 NAG I . -22.46 18.83 46.43
C2 NAG I . -23.91 19.17 46.75
C3 NAG I . -24.56 17.97 47.32
C4 NAG I . -24.24 16.66 46.64
C5 NAG I . -22.97 16.57 45.78
C6 NAG I . -23.24 15.70 44.58
C7 NAG I . -24.79 21.44 47.51
C8 NAG I . -24.86 22.58 48.54
N2 NAG I . -23.96 20.28 47.76
O3 NAG I . -26.00 18.16 47.27
O4 NAG I . -24.11 15.68 47.67
O5 NAG I . -22.44 17.85 45.31
O6 NAG I . -22.64 16.28 43.45
O7 NAG I . -25.42 21.51 46.51
C1 NAG I . -25.18 14.71 47.53
C2 NAG I . -24.72 13.39 48.13
C3 NAG I . -25.80 12.37 48.12
C4 NAG I . -27.08 12.87 48.72
C5 NAG I . -27.52 14.20 48.10
C6 NAG I . -28.72 14.71 48.85
C7 NAG I . -22.20 13.06 47.81
C8 NAG I . -21.02 12.53 46.99
N2 NAG I . -23.56 12.87 47.33
O3 NAG I . -25.35 11.22 48.90
O4 NAG I . -28.10 11.90 48.51
O5 NAG I . -26.45 15.21 48.15
O6 NAG I . -28.36 15.00 50.17
O7 NAG I . -22.00 13.63 48.83
C1 NAG J . 15.85 12.88 50.96
C2 NAG J . 15.44 12.28 52.28
C3 NAG J . 16.38 11.20 52.63
C4 NAG J . 16.77 10.27 51.50
C5 NAG J . 16.59 10.77 50.05
C6 NAG J . 16.13 9.62 49.20
C7 NAG J . 14.35 13.55 54.22
C8 NAG J . 14.41 14.62 55.32
N2 NAG J . 15.50 13.34 53.35
O3 NAG J . 15.78 10.40 53.68
O4 NAG J . 18.15 9.98 51.65
O5 NAG J . 15.62 11.86 49.89
O6 NAG J . 15.15 10.07 48.30
O7 NAG J . 13.39 12.88 54.09
C1 NAG J . 18.31 8.58 51.96
C2 NAG J . 19.68 8.13 51.50
C3 NAG J . 19.96 6.71 51.86
C4 NAG J . 19.69 6.43 53.31
C5 NAG J . 18.31 6.89 53.75
C6 NAG J . 18.17 6.70 55.23
C7 NAG J . 20.42 9.42 49.42
C8 NAG J . 20.50 9.56 47.88
N2 NAG J . 19.77 8.26 50.00
O3 NAG J . 21.36 6.43 51.57
O4 NAG J . 19.80 5.03 53.53
O5 NAG J . 18.07 8.30 53.42
O6 NAG J . 19.09 7.55 55.89
O7 NAG J . 20.88 10.26 50.10
C1 NAG K . 28.61 55.73 14.91
C2 NAG K . 29.35 56.75 15.76
C3 NAG K . 29.42 58.08 15.11
C4 NAG K . 29.97 58.01 13.72
C5 NAG K . 29.20 57.01 12.86
C6 NAG K . 29.88 56.86 11.53
C7 NAG K . 29.22 56.29 18.27
C8 NAG K . 28.51 56.45 19.62
N2 NAG K . 28.65 56.91 17.07
O3 NAG K . 30.26 58.95 15.90
O4 NAG K . 29.87 59.30 13.11
O5 NAG K . 29.12 55.68 13.49
O6 NAG K . 30.15 55.51 11.28
O7 NAG K . 30.23 55.68 18.21
C1 NAG L . -13.67 62.12 10.10
C2 NAG L . -13.43 63.58 10.48
C3 NAG L . -14.68 64.35 10.55
C4 NAG L . -15.50 64.23 9.29
C5 NAG L . -15.77 62.76 8.93
C6 NAG L . -16.44 62.70 7.59
C7 NAG L . -11.34 63.93 11.92
C8 NAG L . -10.66 63.99 13.30
N2 NAG L . -12.77 63.63 11.83
O3 NAG L . -14.36 65.75 10.76
O4 NAG L . -16.75 64.89 9.47
O5 NAG L . -14.52 61.99 8.86
O6 NAG L . -15.73 61.85 6.75
O7 NAG L . -10.71 64.12 10.95
C1 NAG M . -34.19 37.91 39.27
C2 NAG M . -34.71 39.20 39.88
C3 NAG M . -35.52 38.96 41.10
C4 NAG M . -36.63 37.97 40.86
C5 NAG M . -36.09 36.67 40.27
C6 NAG M . -37.25 35.78 39.92
C7 NAG M . -33.23 41.23 39.43
C8 NAG M . -32.04 42.14 39.80
N2 NAG M . -33.55 40.07 40.25
O3 NAG M . -36.11 40.21 41.53
O4 NAG M . -37.27 37.69 42.09
O5 NAG M . -35.29 36.90 39.06
O6 NAG M . -37.14 35.37 38.58
O7 NAG M . -33.87 41.48 38.47
C1 NAG N . -4.56 16.54 62.09
C2 NAG N . -5.06 17.31 63.31
C3 NAG N . -4.27 16.98 64.52
C4 NAG N . -4.19 15.50 64.78
C5 NAG N . -3.67 14.75 63.55
C6 NAG N . -3.75 13.27 63.81
C7 NAG N . -6.14 19.55 62.76
C8 NAG N . -6.04 21.06 62.51
N2 NAG N . -4.94 18.78 63.06
O3 NAG N . -4.88 17.62 65.68
O4 NAG N . -3.31 15.26 65.87
O5 NAG N . -4.45 15.07 62.34
O6 NAG N . -4.46 12.66 62.77
O7 NAG N . -7.20 19.02 62.72
C1 NAG O . 34.29 27.57 47.03
C2 NAG O . 34.58 28.15 48.39
C3 NAG O . 35.91 28.81 48.46
C4 NAG O . 37.01 27.90 47.99
C5 NAG O . 36.72 27.33 46.60
C6 NAG O . 37.78 26.31 46.26
C7 NAG O . 32.48 28.87 49.68
C8 NAG O . 31.41 29.92 50.02
N2 NAG O . 33.54 29.18 48.73
O3 NAG O . 36.18 29.20 49.82
O4 NAG O . 38.23 28.63 47.95
O5 NAG O . 35.40 26.68 46.53
O6 NAG O . 37.16 25.10 45.89
O7 NAG O . 32.45 27.80 50.19
#